data_1QH4
#
_entry.id   1QH4
#
_cell.length_a   48.430
_cell.length_b   175.990
_cell.length_c   95.400
_cell.angle_alpha   90.00
_cell.angle_beta   95.85
_cell.angle_gamma   90.00
#
_symmetry.space_group_name_H-M   'P 1 21 1'
#
loop_
_entity.id
_entity.type
_entity.pdbx_description
1 polymer 'CREATINE KINASE'
2 non-polymer 'ACETATE ION'
3 non-polymer 'CALCIUM ION'
4 water water
#
_entity_poly.entity_id   1
_entity_poly.type   'polypeptide(L)'
_entity_poly.pdbx_seq_one_letter_code
;PFSNSHNLLKMKYSVDDEYPDLSVHNNHMAKVLTLDLYKKLRDRQTSSGFTLDDVIQTGVDNPGHPFIMTVGCVAGDEES
YEVFKELFDPVIEDRHGGYKPTDEHKTDLNADNLQGGDDLDPNYVLSSRVRTGRSIRGFCLPPHCSRGERRAIEKLSVEA
LGSLGGDLKGKYYALRNMTDAEQQQLIDDHFLFDKPVSPLLLASGMARDWPDARGIWHNDNKTFLVWINEEDHLRVISMQ
KGGNMKEVFTRFCTGLTQIETLFKSKNYEFMWNPHLGYILTCPSNLGTGLRAGVHIKLPNLGKHEKFGEVLKRLRLQKRG
TGGVDTAAVGGVFDVSNADRLGFSEVELVQMVVDGVKLLIEMEKRLEKGQSIDDLMPAQK
;
_entity_poly.pdbx_strand_id   A,B,C,D
#
loop_
_chem_comp.id
_chem_comp.type
_chem_comp.name
_chem_comp.formula
ACT non-polymer 'ACETATE ION' 'C2 H3 O2 -1'
CA non-polymer 'CALCIUM ION' 'Ca 2'
#
# COMPACT_ATOMS: atom_id res chain seq x y z
N PRO A 1 -16.92 -34.29 -50.00
CA PRO A 1 -18.28 -34.50 -49.48
C PRO A 1 -18.79 -33.23 -48.79
N PHE A 2 -20.02 -33.38 -48.35
CA PHE A 2 -20.92 -32.45 -47.68
C PHE A 2 -21.73 -33.29 -46.69
N SER A 3 -21.06 -33.83 -45.71
CA SER A 3 -21.67 -34.69 -44.73
C SER A 3 -21.70 -34.13 -43.34
N ASN A 4 -22.64 -34.69 -42.58
CA ASN A 4 -22.68 -34.15 -41.20
C ASN A 4 -21.95 -35.06 -40.21
N SER A 5 -20.65 -35.11 -40.48
CA SER A 5 -19.67 -35.82 -39.76
C SER A 5 -19.60 -35.35 -38.30
N HIS A 6 -19.81 -34.06 -38.05
CA HIS A 6 -19.64 -33.63 -36.66
C HIS A 6 -20.79 -34.19 -35.82
N ASN A 7 -21.99 -34.35 -36.35
CA ASN A 7 -23.04 -34.90 -35.54
C ASN A 7 -22.71 -36.36 -35.24
N LEU A 8 -22.06 -37.09 -36.15
CA LEU A 8 -21.69 -38.45 -35.83
C LEU A 8 -20.63 -38.50 -34.73
N LEU A 9 -19.72 -37.54 -34.70
CA LEU A 9 -18.76 -37.41 -33.61
C LEU A 9 -19.52 -37.25 -32.31
N LYS A 10 -20.51 -36.37 -32.26
CA LYS A 10 -21.29 -36.17 -31.06
C LYS A 10 -22.04 -37.40 -30.65
N MET A 11 -22.49 -38.20 -31.60
CA MET A 11 -23.22 -39.43 -31.25
C MET A 11 -22.31 -40.48 -30.62
N LYS A 12 -21.00 -40.31 -30.78
CA LYS A 12 -20.04 -41.20 -30.13
C LYS A 12 -19.79 -40.78 -28.67
N TYR A 13 -20.13 -39.55 -28.30
CA TYR A 13 -20.21 -39.12 -26.93
C TYR A 13 -21.54 -39.58 -26.38
N SER A 14 -21.66 -39.70 -25.08
CA SER A 14 -22.93 -40.07 -24.50
C SER A 14 -23.93 -38.93 -24.51
N VAL A 15 -25.20 -39.28 -24.27
CA VAL A 15 -26.25 -38.26 -24.18
C VAL A 15 -25.90 -37.22 -23.13
N ASP A 16 -25.50 -37.68 -21.93
CA ASP A 16 -25.17 -36.74 -20.87
C ASP A 16 -23.84 -36.02 -21.10
N ASP A 17 -22.96 -36.56 -21.90
CA ASP A 17 -21.73 -35.84 -22.26
C ASP A 17 -22.07 -34.57 -23.05
N GLU A 18 -23.09 -34.66 -23.93
CA GLU A 18 -23.42 -33.55 -24.80
C GLU A 18 -24.61 -32.72 -24.31
N TYR A 19 -25.41 -33.23 -23.37
CA TYR A 19 -26.61 -32.52 -22.94
C TYR A 19 -26.26 -31.13 -22.42
N PRO A 20 -26.90 -30.07 -22.87
CA PRO A 20 -26.53 -28.71 -22.36
C PRO A 20 -26.88 -28.54 -20.89
N ASP A 21 -26.11 -27.66 -20.26
CA ASP A 21 -26.30 -27.27 -18.87
C ASP A 21 -27.23 -26.07 -18.87
N LEU A 22 -28.51 -26.33 -18.62
CA LEU A 22 -29.53 -25.27 -18.62
C LEU A 22 -30.04 -24.92 -17.22
N SER A 23 -29.24 -25.18 -16.20
CA SER A 23 -29.61 -24.95 -14.81
C SER A 23 -29.81 -23.50 -14.45
N VAL A 24 -29.38 -22.54 -15.27
CA VAL A 24 -29.70 -21.18 -14.84
C VAL A 24 -30.57 -20.52 -15.87
N HIS A 25 -31.17 -21.28 -16.78
CA HIS A 25 -31.86 -20.70 -17.93
C HIS A 25 -33.34 -20.44 -17.79
N ASN A 26 -33.77 -19.32 -18.35
CA ASN A 26 -35.12 -18.80 -18.38
C ASN A 26 -35.60 -18.57 -19.80
N ASN A 27 -35.69 -19.69 -20.52
CA ASN A 27 -36.24 -19.54 -21.86
C ASN A 27 -37.11 -20.76 -22.16
N HIS A 28 -37.95 -20.63 -23.17
CA HIS A 28 -38.95 -21.64 -23.41
C HIS A 28 -38.31 -23.00 -23.74
N MET A 29 -37.24 -22.96 -24.53
CA MET A 29 -36.54 -24.19 -24.87
C MET A 29 -36.12 -24.93 -23.61
N ALA A 30 -35.50 -24.21 -22.69
CA ALA A 30 -34.96 -24.82 -21.48
C ALA A 30 -36.05 -25.40 -20.59
N LYS A 31 -37.25 -24.81 -20.65
CA LYS A 31 -38.35 -25.35 -19.86
C LYS A 31 -38.85 -26.70 -20.41
N VAL A 32 -38.59 -26.97 -21.70
CA VAL A 32 -39.06 -28.17 -22.35
C VAL A 32 -38.00 -29.26 -22.47
N LEU A 33 -36.75 -28.91 -22.74
CA LEU A 33 -35.72 -29.92 -22.96
C LEU A 33 -35.53 -30.75 -21.68
N THR A 34 -35.41 -32.05 -21.92
CA THR A 34 -35.12 -33.05 -20.91
C THR A 34 -34.04 -33.98 -21.45
N LEU A 35 -33.36 -34.70 -20.58
CA LEU A 35 -32.33 -35.64 -21.02
C LEU A 35 -32.97 -36.65 -21.98
N ASP A 36 -34.18 -37.09 -21.66
CA ASP A 36 -34.84 -38.11 -22.48
C ASP A 36 -35.18 -37.61 -23.86
N LEU A 37 -35.70 -36.37 -23.93
CA LEU A 37 -36.02 -35.78 -25.22
C LEU A 37 -34.76 -35.59 -26.06
N TYR A 38 -33.70 -35.14 -25.40
CA TYR A 38 -32.43 -34.93 -26.08
C TYR A 38 -31.97 -36.28 -26.62
N LYS A 39 -32.07 -37.34 -25.83
CA LYS A 39 -31.69 -38.68 -26.29
C LYS A 39 -32.41 -39.13 -27.54
N LYS A 40 -33.75 -38.88 -27.53
CA LYS A 40 -34.59 -39.36 -28.64
C LYS A 40 -34.30 -38.62 -29.92
N LEU A 41 -34.04 -37.33 -29.83
CA LEU A 41 -33.96 -36.43 -30.96
C LEU A 41 -32.58 -36.06 -31.48
N ARG A 42 -31.56 -36.24 -30.64
CA ARG A 42 -30.24 -35.74 -31.01
C ARG A 42 -29.58 -36.46 -32.20
N ASP A 43 -30.12 -37.59 -32.60
CA ASP A 43 -29.63 -38.38 -33.74
C ASP A 43 -30.32 -38.06 -35.06
N ARG A 44 -31.23 -37.11 -35.02
CA ARG A 44 -31.98 -36.73 -36.20
C ARG A 44 -31.28 -35.59 -36.93
N GLN A 45 -31.56 -35.48 -38.23
CA GLN A 45 -31.18 -34.27 -38.98
C GLN A 45 -32.23 -34.08 -40.06
N THR A 46 -32.49 -32.80 -40.33
CA THR A 46 -33.34 -32.51 -41.48
C THR A 46 -32.63 -32.81 -42.82
N SER A 47 -33.36 -32.67 -43.92
CA SER A 47 -32.79 -32.88 -45.27
C SER A 47 -31.76 -31.86 -45.65
N SER A 48 -31.55 -30.79 -44.87
CA SER A 48 -30.47 -29.84 -45.06
C SER A 48 -29.39 -30.02 -43.99
N GLY A 49 -29.49 -31.03 -43.12
CA GLY A 49 -28.49 -31.25 -42.08
C GLY A 49 -28.79 -30.61 -40.76
N PHE A 50 -29.89 -29.90 -40.61
CA PHE A 50 -30.14 -29.14 -39.35
C PHE A 50 -30.48 -30.11 -38.23
N THR A 51 -29.87 -29.96 -37.07
CA THR A 51 -30.00 -30.83 -35.92
C THR A 51 -30.64 -30.15 -34.73
N LEU A 52 -30.97 -30.98 -33.73
CA LEU A 52 -31.50 -30.44 -32.47
C LEU A 52 -30.49 -29.49 -31.83
N ASP A 53 -29.20 -29.81 -31.84
CA ASP A 53 -28.20 -28.91 -31.27
C ASP A 53 -28.29 -27.58 -32.00
N ASP A 54 -28.50 -27.59 -33.29
CA ASP A 54 -28.63 -26.40 -34.12
C ASP A 54 -29.86 -25.59 -33.71
N VAL A 55 -30.97 -26.28 -33.51
CA VAL A 55 -32.20 -25.64 -33.06
C VAL A 55 -31.99 -24.88 -31.74
N ILE A 56 -31.33 -25.51 -30.78
CA ILE A 56 -31.32 -25.00 -29.40
C ILE A 56 -30.11 -24.12 -29.08
N GLN A 57 -29.12 -24.02 -29.96
CA GLN A 57 -27.90 -23.34 -29.57
C GLN A 57 -28.10 -21.94 -29.02
N THR A 58 -28.98 -21.14 -29.61
CA THR A 58 -29.18 -19.77 -29.09
C THR A 58 -29.73 -19.79 -27.68
N GLY A 59 -30.58 -20.75 -27.36
CA GLY A 59 -31.14 -20.90 -26.03
C GLY A 59 -30.17 -21.45 -25.02
N VAL A 60 -29.11 -22.15 -25.43
CA VAL A 60 -28.02 -22.58 -24.52
C VAL A 60 -27.16 -21.35 -24.22
N ASP A 61 -26.85 -20.57 -25.27
CA ASP A 61 -25.99 -19.43 -25.09
C ASP A 61 -26.65 -18.28 -24.33
N ASN A 62 -27.96 -18.15 -24.39
CA ASN A 62 -28.67 -17.01 -23.81
C ASN A 62 -29.66 -17.47 -22.76
N PRO A 63 -29.22 -17.56 -21.52
CA PRO A 63 -30.10 -18.09 -20.48
C PRO A 63 -31.36 -17.24 -20.23
N GLY A 64 -31.35 -15.99 -20.66
CA GLY A 64 -32.42 -15.02 -20.56
C GLY A 64 -32.48 -14.35 -19.20
N HIS A 65 -33.47 -13.49 -19.03
CA HIS A 65 -33.63 -12.84 -17.72
C HIS A 65 -34.80 -13.49 -17.01
N PRO A 66 -34.80 -13.57 -15.68
CA PRO A 66 -35.86 -14.24 -14.93
C PRO A 66 -37.24 -13.62 -15.09
N PHE A 67 -37.29 -12.45 -15.71
CA PHE A 67 -38.48 -11.70 -16.02
C PHE A 67 -39.03 -12.02 -17.40
N ILE A 68 -38.49 -11.41 -18.46
CA ILE A 68 -39.08 -11.62 -19.77
C ILE A 68 -38.63 -12.94 -20.38
N MET A 69 -39.56 -13.74 -20.85
CA MET A 69 -39.20 -15.01 -21.48
C MET A 69 -38.75 -14.88 -22.92
N THR A 70 -37.66 -15.53 -23.30
CA THR A 70 -37.20 -15.64 -24.68
C THR A 70 -37.54 -17.07 -25.14
N VAL A 71 -37.61 -17.33 -26.45
CA VAL A 71 -37.96 -18.63 -26.97
C VAL A 71 -36.80 -19.60 -26.86
N GLY A 72 -35.58 -19.19 -27.16
CA GLY A 72 -34.41 -20.04 -27.00
C GLY A 72 -34.20 -21.12 -28.01
N CYS A 73 -34.85 -21.01 -29.17
CA CYS A 73 -34.66 -21.97 -30.24
C CYS A 73 -35.06 -21.32 -31.57
N VAL A 74 -34.56 -21.88 -32.65
CA VAL A 74 -34.87 -21.45 -33.99
C VAL A 74 -35.03 -22.66 -34.91
N ALA A 75 -35.76 -22.41 -35.98
CA ALA A 75 -35.83 -23.31 -37.10
C ALA A 75 -34.75 -22.93 -38.14
N GLY A 76 -34.18 -23.95 -38.77
CA GLY A 76 -33.23 -23.75 -39.81
C GLY A 76 -33.67 -23.98 -41.23
N ASP A 77 -34.86 -24.56 -41.36
CA ASP A 77 -35.51 -24.88 -42.60
C ASP A 77 -36.98 -25.18 -42.29
N GLU A 78 -37.77 -25.43 -43.33
CA GLU A 78 -39.19 -25.68 -43.09
C GLU A 78 -39.41 -26.95 -42.27
N GLU A 79 -38.64 -28.00 -42.61
CA GLU A 79 -38.72 -29.30 -41.99
C GLU A 79 -38.46 -29.30 -40.49
N SER A 80 -37.72 -28.27 -40.05
CA SER A 80 -37.32 -28.24 -38.65
C SER A 80 -38.50 -28.34 -37.69
N TYR A 81 -39.61 -27.70 -38.03
CA TYR A 81 -40.75 -27.70 -37.12
C TYR A 81 -41.40 -29.07 -37.00
N GLU A 82 -41.23 -29.94 -37.99
CA GLU A 82 -41.77 -31.30 -37.93
C GLU A 82 -40.75 -32.28 -37.38
N VAL A 83 -39.52 -32.21 -37.90
CA VAL A 83 -38.45 -33.10 -37.46
C VAL A 83 -38.17 -32.93 -35.96
N PHE A 84 -38.32 -31.72 -35.42
CA PHE A 84 -38.15 -31.49 -33.99
C PHE A 84 -39.43 -31.08 -33.29
N LYS A 85 -40.56 -31.59 -33.75
CA LYS A 85 -41.84 -31.18 -33.18
C LYS A 85 -41.94 -31.45 -31.68
N GLU A 86 -41.27 -32.46 -31.18
CA GLU A 86 -41.34 -32.80 -29.75
C GLU A 86 -40.73 -31.68 -28.90
N LEU A 87 -39.86 -30.86 -29.47
CA LEU A 87 -39.32 -29.66 -28.83
C LEU A 87 -40.20 -28.46 -29.18
N PHE A 88 -40.43 -28.20 -30.46
CA PHE A 88 -41.14 -26.98 -30.83
C PHE A 88 -42.60 -26.96 -30.40
N ASP A 89 -43.33 -28.09 -30.39
CA ASP A 89 -44.75 -28.01 -30.04
C ASP A 89 -44.94 -27.48 -28.63
N PRO A 90 -44.29 -28.03 -27.61
CA PRO A 90 -44.48 -27.48 -26.27
C PRO A 90 -43.97 -26.06 -26.21
N VAL A 91 -42.92 -25.66 -26.93
CA VAL A 91 -42.45 -24.26 -26.88
C VAL A 91 -43.52 -23.36 -27.43
N ILE A 92 -44.09 -23.78 -28.56
CA ILE A 92 -45.13 -22.98 -29.20
C ILE A 92 -46.36 -22.84 -28.33
N GLU A 93 -46.74 -23.93 -27.68
CA GLU A 93 -47.89 -23.93 -26.81
C GLU A 93 -47.70 -22.92 -25.67
N ASP A 94 -46.53 -22.88 -25.07
CA ASP A 94 -46.27 -22.01 -23.93
C ASP A 94 -46.15 -20.56 -24.37
N ARG A 95 -45.47 -20.37 -25.51
CA ARG A 95 -45.24 -19.01 -26.03
C ARG A 95 -46.52 -18.38 -26.54
N HIS A 96 -47.41 -19.21 -27.07
CA HIS A 96 -48.59 -18.66 -27.75
C HIS A 96 -49.91 -18.96 -27.05
N GLY A 97 -49.91 -18.87 -25.73
CA GLY A 97 -51.10 -19.00 -24.94
C GLY A 97 -51.90 -20.27 -25.00
N GLY A 98 -51.24 -21.44 -25.10
CA GLY A 98 -51.98 -22.68 -25.07
C GLY A 98 -52.26 -23.22 -26.47
N TYR A 99 -51.61 -22.63 -27.47
CA TYR A 99 -51.83 -23.08 -28.85
C TYR A 99 -51.34 -24.52 -28.97
N LYS A 100 -52.25 -25.43 -29.27
CA LYS A 100 -52.05 -26.86 -29.24
C LYS A 100 -51.56 -27.44 -30.56
N PRO A 101 -50.91 -28.60 -30.52
CA PRO A 101 -50.40 -29.19 -31.76
C PRO A 101 -51.48 -29.46 -32.80
N THR A 102 -52.71 -29.54 -32.38
CA THR A 102 -53.84 -29.83 -33.22
C THR A 102 -54.61 -28.61 -33.68
N ASP A 103 -54.18 -27.43 -33.21
CA ASP A 103 -54.96 -26.27 -33.57
C ASP A 103 -54.63 -25.84 -34.99
N GLU A 104 -55.57 -25.13 -35.59
CA GLU A 104 -55.42 -24.59 -36.94
C GLU A 104 -55.31 -23.07 -36.89
N HIS A 105 -54.45 -22.50 -37.67
CA HIS A 105 -54.24 -21.06 -37.78
C HIS A 105 -54.95 -20.59 -39.05
N LYS A 106 -55.79 -19.58 -38.94
CA LYS A 106 -56.46 -19.07 -40.13
C LYS A 106 -55.79 -17.78 -40.59
N THR A 107 -55.50 -17.72 -41.88
CA THR A 107 -54.96 -16.54 -42.55
C THR A 107 -56.12 -15.72 -43.10
N ASP A 108 -56.10 -14.40 -42.94
CA ASP A 108 -57.12 -13.57 -43.57
C ASP A 108 -56.46 -12.25 -43.98
N LEU A 109 -56.20 -12.14 -45.29
CA LEU A 109 -55.57 -10.96 -45.85
C LEU A 109 -56.50 -10.19 -46.78
N ASN A 110 -57.78 -10.15 -46.44
CA ASN A 110 -58.81 -9.38 -47.12
C ASN A 110 -59.07 -8.14 -46.27
N ALA A 111 -58.43 -7.05 -46.69
CA ALA A 111 -58.54 -5.78 -45.99
C ALA A 111 -59.99 -5.31 -45.85
N ASP A 112 -60.88 -5.73 -46.74
CA ASP A 112 -62.28 -5.33 -46.65
C ASP A 112 -62.92 -5.88 -45.38
N ASN A 113 -62.30 -6.89 -44.77
CA ASN A 113 -62.88 -7.41 -43.51
C ASN A 113 -62.48 -6.58 -42.30
N LEU A 114 -61.54 -5.65 -42.44
CA LEU A 114 -61.29 -4.71 -41.34
C LEU A 114 -62.40 -3.65 -41.30
N GLN A 115 -62.97 -3.48 -40.10
CA GLN A 115 -64.04 -2.53 -39.85
C GLN A 115 -63.50 -1.23 -39.28
N GLY A 116 -63.72 -0.11 -39.97
CA GLY A 116 -63.23 1.20 -39.54
C GLY A 116 -61.71 1.28 -39.63
N GLY A 117 -61.10 2.17 -38.87
CA GLY A 117 -59.67 2.31 -38.82
C GLY A 117 -59.13 3.29 -39.84
N ASP A 118 -60.02 4.05 -40.49
CA ASP A 118 -59.54 4.98 -41.52
C ASP A 118 -59.23 6.36 -40.95
N ASP A 119 -59.61 6.61 -39.70
CA ASP A 119 -59.30 7.94 -39.19
C ASP A 119 -58.98 7.90 -37.70
N LEU A 120 -57.93 7.19 -37.33
CA LEU A 120 -57.47 7.27 -35.95
C LEU A 120 -56.99 8.71 -35.78
N ASP A 121 -57.31 9.43 -34.73
CA ASP A 121 -57.01 10.87 -34.61
C ASP A 121 -55.57 11.24 -34.92
N PRO A 122 -55.29 11.94 -36.02
CA PRO A 122 -53.89 12.23 -36.37
C PRO A 122 -53.29 13.28 -35.47
N ASN A 123 -54.11 13.82 -34.57
CA ASN A 123 -53.59 14.73 -33.57
C ASN A 123 -52.84 13.92 -32.50
N TYR A 124 -53.07 12.62 -32.54
CA TYR A 124 -52.50 11.65 -31.61
C TYR A 124 -51.61 10.63 -32.30
N VAL A 125 -52.15 10.00 -33.34
CA VAL A 125 -51.39 9.00 -34.09
C VAL A 125 -50.45 9.68 -35.07
N LEU A 126 -49.14 9.59 -34.85
CA LEU A 126 -48.21 10.20 -35.78
C LEU A 126 -47.97 9.38 -37.02
N SER A 127 -47.99 8.07 -36.83
CA SER A 127 -47.75 7.12 -37.92
C SER A 127 -48.39 5.77 -37.63
N SER A 128 -48.74 5.05 -38.67
CA SER A 128 -49.36 3.74 -38.62
C SER A 128 -48.56 2.77 -39.47
N ARG A 129 -48.41 1.52 -39.06
CA ARG A 129 -47.65 0.54 -39.80
C ARG A 129 -48.10 -0.90 -39.56
N VAL A 130 -47.91 -1.74 -40.57
CA VAL A 130 -48.24 -3.15 -40.51
C VAL A 130 -47.06 -3.91 -41.12
N ARG A 131 -46.47 -4.85 -40.40
CA ARG A 131 -45.28 -5.59 -40.76
C ARG A 131 -45.50 -7.09 -40.64
N THR A 132 -44.88 -7.83 -41.51
CA THR A 132 -44.85 -9.29 -41.37
C THR A 132 -43.54 -9.80 -41.94
N GLY A 133 -43.34 -11.10 -41.83
CA GLY A 133 -42.22 -11.80 -42.42
C GLY A 133 -42.69 -12.96 -43.28
N ARG A 134 -41.91 -13.33 -44.28
CA ARG A 134 -42.21 -14.48 -45.11
C ARG A 134 -40.92 -15.24 -45.41
N SER A 135 -41.03 -16.53 -45.58
CA SER A 135 -39.98 -17.42 -46.02
C SER A 135 -40.32 -17.99 -47.39
N ILE A 136 -39.31 -18.14 -48.23
CA ILE A 136 -39.52 -18.78 -49.52
C ILE A 136 -39.22 -20.27 -49.42
N ARG A 137 -40.18 -21.10 -49.77
CA ARG A 137 -40.06 -22.55 -49.73
C ARG A 137 -38.96 -23.01 -50.66
N GLY A 138 -38.17 -23.96 -50.14
CA GLY A 138 -37.05 -24.49 -50.91
C GLY A 138 -35.70 -23.95 -50.56
N PHE A 139 -35.66 -23.03 -49.60
CA PHE A 139 -34.41 -22.47 -49.11
C PHE A 139 -34.40 -22.55 -47.60
N CYS A 140 -33.20 -22.78 -47.07
CA CYS A 140 -33.05 -22.77 -45.63
C CYS A 140 -33.23 -21.38 -45.03
N LEU A 141 -33.56 -21.30 -43.76
CA LEU A 141 -33.80 -20.06 -43.04
C LEU A 141 -32.48 -19.42 -42.62
N PRO A 142 -32.51 -18.14 -42.27
CA PRO A 142 -31.28 -17.42 -41.96
C PRO A 142 -30.29 -18.05 -41.00
N PRO A 143 -30.62 -18.79 -40.00
CA PRO A 143 -29.55 -19.41 -39.15
C PRO A 143 -28.60 -20.30 -39.94
N HIS A 144 -29.16 -20.94 -40.97
CA HIS A 144 -28.54 -22.01 -41.69
C HIS A 144 -28.19 -21.74 -43.14
N CYS A 145 -28.88 -20.84 -43.78
CA CYS A 145 -28.78 -20.68 -45.22
C CYS A 145 -27.37 -20.37 -45.68
N SER A 146 -27.00 -20.97 -46.83
CA SER A 146 -25.70 -20.74 -47.39
C SER A 146 -25.70 -19.41 -48.13
N ARG A 147 -24.51 -18.89 -48.45
CA ARG A 147 -24.35 -17.72 -49.28
C ARG A 147 -25.14 -17.86 -50.59
N GLY A 148 -25.03 -19.06 -51.20
CA GLY A 148 -25.70 -19.33 -52.46
C GLY A 148 -27.20 -19.25 -52.31
N GLU A 149 -27.74 -19.85 -51.23
CA GLU A 149 -29.21 -19.79 -51.00
C GLU A 149 -29.64 -18.35 -50.84
N ARG A 150 -28.85 -17.63 -50.02
CA ARG A 150 -29.18 -16.25 -49.72
C ARG A 150 -29.21 -15.39 -50.99
N ARG A 151 -28.24 -15.58 -51.85
CA ARG A 151 -28.17 -14.88 -53.12
C ARG A 151 -29.34 -15.25 -54.01
N ALA A 152 -29.72 -16.53 -53.96
CA ALA A 152 -30.85 -16.93 -54.81
C ALA A 152 -32.13 -16.27 -54.36
N ILE A 153 -32.31 -16.20 -53.01
CA ILE A 153 -33.48 -15.51 -52.46
C ILE A 153 -33.49 -14.05 -52.89
N GLU A 154 -32.35 -13.41 -52.80
CA GLU A 154 -32.26 -12.00 -53.17
C GLU A 154 -32.69 -11.82 -54.62
N LYS A 155 -32.12 -12.68 -55.50
CA LYS A 155 -32.39 -12.53 -56.92
C LYS A 155 -33.86 -12.71 -57.23
N LEU A 156 -34.50 -13.76 -56.68
CA LEU A 156 -35.88 -14.06 -57.03
C LEU A 156 -36.74 -12.94 -56.43
N SER A 157 -36.34 -12.39 -55.28
CA SER A 157 -37.15 -11.36 -54.62
C SER A 157 -37.11 -10.04 -55.40
N VAL A 158 -35.91 -9.70 -55.83
CA VAL A 158 -35.72 -8.46 -56.61
C VAL A 158 -36.51 -8.54 -57.91
N GLU A 159 -36.48 -9.71 -58.54
CA GLU A 159 -37.23 -9.94 -59.79
C GLU A 159 -38.73 -9.73 -59.55
N ALA A 160 -39.31 -10.36 -58.54
CA ALA A 160 -40.72 -10.21 -58.22
C ALA A 160 -41.08 -8.75 -57.94
N LEU A 161 -40.28 -8.13 -57.06
CA LEU A 161 -40.54 -6.75 -56.69
C LEU A 161 -40.46 -5.81 -57.87
N GLY A 162 -39.59 -6.10 -58.84
CA GLY A 162 -39.42 -5.27 -60.02
C GLY A 162 -40.60 -5.32 -60.94
N SER A 163 -41.49 -6.29 -60.70
CA SER A 163 -42.70 -6.46 -61.51
C SER A 163 -43.90 -5.71 -60.95
N LEU A 164 -43.79 -5.17 -59.74
CA LEU A 164 -44.80 -4.36 -59.10
C LEU A 164 -44.88 -3.03 -59.83
N GLY A 165 -46.11 -2.57 -60.02
CA GLY A 165 -46.33 -1.29 -60.69
C GLY A 165 -47.25 -0.36 -59.94
N GLY A 166 -47.48 0.80 -60.59
CA GLY A 166 -48.40 1.79 -60.06
C GLY A 166 -47.98 2.29 -58.70
N ASP A 167 -48.86 2.24 -57.70
CA ASP A 167 -48.58 2.70 -56.35
C ASP A 167 -47.41 1.96 -55.72
N LEU A 168 -47.13 0.77 -56.23
CA LEU A 168 -46.10 -0.10 -55.66
C LEU A 168 -44.86 -0.14 -56.53
N LYS A 169 -44.77 0.67 -57.57
CA LYS A 169 -43.51 0.71 -58.31
C LYS A 169 -42.41 1.11 -57.34
N GLY A 170 -41.25 0.46 -57.41
CA GLY A 170 -40.19 0.87 -56.51
C GLY A 170 -38.81 0.62 -57.07
N LYS A 171 -37.88 0.51 -56.13
CA LYS A 171 -36.49 0.27 -56.47
C LYS A 171 -35.78 -0.52 -55.38
N TYR A 172 -34.82 -1.32 -55.77
CA TYR A 172 -34.01 -2.13 -54.85
C TYR A 172 -32.67 -1.44 -54.58
N TYR A 173 -32.26 -1.48 -53.32
CA TYR A 173 -31.02 -0.94 -52.79
C TYR A 173 -30.27 -2.03 -52.05
N ALA A 174 -29.28 -2.64 -52.67
CA ALA A 174 -28.47 -3.62 -51.96
C ALA A 174 -27.57 -2.96 -50.92
N LEU A 175 -27.41 -3.59 -49.75
CA LEU A 175 -26.53 -2.97 -48.75
C LEU A 175 -25.10 -2.82 -49.22
N ARG A 176 -24.56 -3.75 -49.95
CA ARG A 176 -23.16 -3.77 -50.36
C ARG A 176 -22.82 -2.59 -51.24
N ASN A 177 -23.83 -1.90 -51.80
CA ASN A 177 -23.32 -0.77 -52.60
C ASN A 177 -24.15 0.48 -52.40
N MET A 178 -24.83 0.52 -51.27
CA MET A 178 -25.52 1.73 -50.86
C MET A 178 -24.55 2.88 -50.72
N THR A 179 -24.78 3.94 -51.47
CA THR A 179 -24.03 5.18 -51.37
C THR A 179 -24.39 5.76 -50.00
N ASP A 180 -23.46 6.53 -49.42
CA ASP A 180 -23.68 7.13 -48.12
C ASP A 180 -24.93 8.00 -48.07
N ALA A 181 -25.16 8.79 -49.12
CA ALA A 181 -26.36 9.62 -49.18
C ALA A 181 -27.63 8.78 -49.12
N GLU A 182 -27.58 7.65 -49.83
CA GLU A 182 -28.73 6.76 -49.82
C GLU A 182 -28.97 6.26 -48.41
N GLN A 183 -27.85 5.91 -47.77
CA GLN A 183 -28.12 5.32 -46.45
C GLN A 183 -28.54 6.40 -45.45
N GLN A 184 -28.02 7.61 -45.58
CA GLN A 184 -28.48 8.67 -44.69
C GLN A 184 -29.96 8.94 -44.90
N GLN A 185 -30.43 8.95 -46.14
CA GLN A 185 -31.85 9.13 -46.42
C GLN A 185 -32.70 7.95 -45.95
N LEU A 186 -32.14 6.74 -46.00
CA LEU A 186 -32.91 5.62 -45.44
C LEU A 186 -32.89 5.74 -43.91
N ILE A 187 -31.87 6.46 -43.44
CA ILE A 187 -31.86 6.68 -41.99
C ILE A 187 -32.99 7.68 -41.70
N ASP A 188 -32.97 8.73 -42.51
CA ASP A 188 -33.94 9.83 -42.50
C ASP A 188 -35.36 9.31 -42.47
N ASP A 189 -35.59 8.15 -43.10
CA ASP A 189 -36.94 7.61 -43.12
C ASP A 189 -37.22 6.51 -42.11
N HIS A 190 -36.30 6.00 -41.31
CA HIS A 190 -36.56 4.86 -40.45
C HIS A 190 -36.84 3.59 -41.30
N PHE A 191 -36.14 3.40 -42.40
CA PHE A 191 -36.20 2.29 -43.33
C PHE A 191 -34.94 1.44 -43.27
N LEU A 192 -33.85 1.98 -42.72
CA LEU A 192 -32.64 1.14 -42.77
C LEU A 192 -32.70 0.06 -41.71
N PHE A 193 -32.06 -1.06 -41.98
CA PHE A 193 -31.77 -2.05 -40.96
C PHE A 193 -30.23 -2.12 -40.89
N ASP A 194 -29.60 -2.36 -39.76
CA ASP A 194 -28.18 -2.61 -39.59
C ASP A 194 -27.86 -4.07 -39.31
N LYS A 195 -26.60 -4.50 -39.17
CA LYS A 195 -26.23 -5.87 -38.81
C LYS A 195 -26.88 -6.01 -37.42
N PRO A 196 -27.50 -7.15 -37.21
CA PRO A 196 -28.05 -7.38 -35.88
C PRO A 196 -26.92 -7.33 -34.85
N VAL A 197 -27.35 -6.86 -33.70
CA VAL A 197 -26.51 -6.88 -32.49
C VAL A 197 -27.09 -7.73 -31.38
N SER A 198 -28.33 -8.21 -31.48
CA SER A 198 -28.90 -9.04 -30.45
C SER A 198 -28.13 -10.37 -30.26
N PRO A 199 -27.70 -10.68 -29.04
CA PRO A 199 -27.02 -11.96 -28.85
C PRO A 199 -27.95 -13.15 -29.13
N LEU A 200 -29.24 -12.99 -29.05
CA LEU A 200 -30.17 -14.05 -29.36
C LEU A 200 -30.07 -14.42 -30.84
N LEU A 201 -29.93 -13.41 -31.70
CA LEU A 201 -29.80 -13.61 -33.14
C LEU A 201 -28.40 -14.05 -33.46
N LEU A 202 -27.40 -13.34 -32.94
CA LEU A 202 -26.03 -13.71 -33.32
C LEU A 202 -25.68 -15.16 -32.99
N ALA A 203 -26.16 -15.67 -31.85
CA ALA A 203 -25.82 -17.04 -31.43
C ALA A 203 -26.41 -18.06 -32.36
N SER A 204 -27.41 -17.70 -33.15
CA SER A 204 -28.01 -18.63 -34.10
C SER A 204 -27.27 -18.71 -35.41
N GLY A 205 -26.25 -17.87 -35.65
CA GLY A 205 -25.52 -17.86 -36.88
C GLY A 205 -26.16 -17.08 -37.99
N MET A 206 -27.26 -16.36 -37.72
CA MET A 206 -27.94 -15.69 -38.83
C MET A 206 -27.18 -14.50 -39.40
N ALA A 207 -26.19 -13.97 -38.72
CA ALA A 207 -25.49 -12.78 -39.23
C ALA A 207 -24.28 -13.08 -40.12
N ARG A 208 -24.07 -14.34 -40.45
CA ARG A 208 -22.96 -14.71 -41.31
C ARG A 208 -22.97 -13.93 -42.62
N ASP A 209 -21.78 -13.63 -43.12
CA ASP A 209 -21.51 -13.02 -44.40
C ASP A 209 -22.05 -11.60 -44.54
N TRP A 210 -22.45 -10.94 -43.45
CA TRP A 210 -23.07 -9.62 -43.54
C TRP A 210 -22.12 -8.66 -44.25
N PRO A 211 -22.58 -7.87 -45.20
CA PRO A 211 -23.94 -7.65 -45.67
C PRO A 211 -24.33 -8.35 -46.96
N ASP A 212 -23.60 -9.41 -47.32
CA ASP A 212 -23.84 -10.09 -48.59
C ASP A 212 -25.28 -10.47 -48.81
N ALA A 213 -25.92 -10.05 -49.90
CA ALA A 213 -27.26 -10.45 -50.34
C ALA A 213 -28.34 -9.91 -49.42
N ARG A 214 -28.02 -8.92 -48.61
CA ARG A 214 -29.01 -8.16 -47.88
C ARG A 214 -29.29 -6.85 -48.61
N GLY A 215 -30.55 -6.40 -48.53
CA GLY A 215 -30.87 -5.13 -49.14
C GLY A 215 -32.28 -4.72 -48.77
N ILE A 216 -32.67 -3.56 -49.27
CA ILE A 216 -33.95 -2.97 -49.03
C ILE A 216 -34.61 -2.52 -50.34
N TRP A 217 -35.91 -2.82 -50.41
CA TRP A 217 -36.69 -2.42 -51.56
C TRP A 217 -37.76 -1.48 -51.04
N HIS A 218 -38.07 -0.43 -51.78
CA HIS A 218 -39.23 0.35 -51.33
C HIS A 218 -39.84 1.06 -52.53
N ASN A 219 -41.16 1.25 -52.41
CA ASN A 219 -41.80 1.99 -53.52
C ASN A 219 -41.42 3.45 -53.48
N ASP A 220 -41.76 4.25 -54.48
CA ASP A 220 -41.37 5.65 -54.45
C ASP A 220 -42.10 6.41 -53.35
N ASN A 221 -43.35 6.08 -53.03
CA ASN A 221 -44.08 6.80 -52.00
C ASN A 221 -43.54 6.61 -50.59
N LYS A 222 -42.61 5.69 -50.38
CA LYS A 222 -42.15 5.49 -48.99
C LYS A 222 -43.32 5.05 -48.12
N THR A 223 -44.16 4.15 -48.63
CA THR A 223 -45.27 3.54 -47.92
C THR A 223 -45.27 2.02 -47.97
N PHE A 224 -44.48 1.35 -48.80
CA PHE A 224 -44.38 -0.09 -48.92
C PHE A 224 -42.90 -0.42 -48.92
N LEU A 225 -42.39 -1.17 -47.96
CA LEU A 225 -40.98 -1.50 -47.75
C LEU A 225 -40.77 -3.00 -47.62
N VAL A 226 -39.72 -3.53 -48.22
CA VAL A 226 -39.36 -4.93 -48.05
C VAL A 226 -37.88 -5.03 -47.71
N TRP A 227 -37.57 -5.72 -46.60
CA TRP A 227 -36.22 -6.00 -46.20
C TRP A 227 -35.92 -7.44 -46.65
N ILE A 228 -34.75 -7.59 -47.25
CA ILE A 228 -34.36 -8.88 -47.81
C ILE A 228 -33.18 -9.49 -47.07
N ASN A 229 -33.38 -10.73 -46.58
CA ASN A 229 -32.37 -11.54 -45.95
C ASN A 229 -31.83 -11.05 -44.61
N GLU A 230 -32.69 -10.34 -43.90
CA GLU A 230 -32.32 -9.89 -42.56
C GLU A 230 -32.70 -10.99 -41.55
N GLU A 231 -33.70 -10.81 -40.69
CA GLU A 231 -34.04 -11.87 -39.73
C GLU A 231 -34.80 -13.04 -40.33
N ASP A 232 -35.49 -12.73 -41.41
CA ASP A 232 -36.17 -13.76 -42.19
C ASP A 232 -35.93 -13.46 -43.67
N HIS A 233 -36.32 -14.33 -44.59
CA HIS A 233 -36.07 -14.05 -45.99
C HIS A 233 -36.62 -12.70 -46.44
N LEU A 234 -37.87 -12.44 -46.08
CA LEU A 234 -38.51 -11.17 -46.39
C LEU A 234 -39.19 -10.64 -45.15
N ARG A 235 -39.12 -9.33 -45.00
CA ARG A 235 -39.91 -8.61 -44.01
C ARG A 235 -40.62 -7.52 -44.82
N VAL A 236 -41.93 -7.57 -44.75
CA VAL A 236 -42.77 -6.71 -45.57
C VAL A 236 -43.47 -5.69 -44.67
N ILE A 237 -43.32 -4.44 -45.01
CA ILE A 237 -43.78 -3.32 -44.24
C ILE A 237 -44.56 -2.29 -45.06
N SER A 238 -45.73 -1.95 -44.52
CA SER A 238 -46.62 -0.96 -45.04
C SER A 238 -46.75 0.14 -43.99
N MET A 239 -46.51 1.40 -44.36
CA MET A 239 -46.46 2.47 -43.36
C MET A 239 -46.94 3.79 -43.97
N GLN A 240 -47.62 4.58 -43.18
CA GLN A 240 -48.10 5.90 -43.53
C GLN A 240 -48.03 6.89 -42.37
N LYS A 241 -47.78 8.16 -42.70
CA LYS A 241 -47.86 9.18 -41.65
C LYS A 241 -49.31 9.25 -41.25
N GLY A 242 -49.68 9.57 -40.02
CA GLY A 242 -51.11 9.71 -39.75
C GLY A 242 -51.76 8.44 -39.28
N GLY A 243 -53.09 8.50 -39.22
CA GLY A 243 -53.85 7.41 -38.64
C GLY A 243 -54.74 6.60 -39.55
N ASN A 244 -54.54 6.60 -40.86
CA ASN A 244 -55.40 5.80 -41.74
C ASN A 244 -54.83 4.39 -41.83
N MET A 245 -55.03 3.64 -40.77
CA MET A 245 -54.58 2.26 -40.63
C MET A 245 -55.26 1.36 -41.67
N LYS A 246 -56.47 1.75 -42.03
CA LYS A 246 -57.22 0.96 -43.02
C LYS A 246 -56.49 1.01 -44.36
N GLU A 247 -56.05 2.20 -44.76
CA GLU A 247 -55.25 2.39 -45.96
C GLU A 247 -53.95 1.60 -45.88
N VAL A 248 -53.32 1.66 -44.71
CA VAL A 248 -52.04 0.95 -44.50
C VAL A 248 -52.21 -0.55 -44.67
N PHE A 249 -53.26 -1.09 -44.03
CA PHE A 249 -53.49 -2.54 -44.15
C PHE A 249 -53.93 -2.97 -45.55
N THR A 250 -54.71 -2.11 -46.22
CA THR A 250 -55.14 -2.43 -47.58
C THR A 250 -53.95 -2.57 -48.49
N ARG A 251 -52.99 -1.64 -48.40
CA ARG A 251 -51.79 -1.70 -49.20
C ARG A 251 -50.95 -2.94 -48.86
N PHE A 252 -50.89 -3.25 -47.58
CA PHE A 252 -50.15 -4.40 -47.05
C PHE A 252 -50.68 -5.67 -47.69
N CYS A 253 -52.00 -5.83 -47.65
CA CYS A 253 -52.63 -7.01 -48.21
C CYS A 253 -52.46 -7.13 -49.71
N THR A 254 -52.67 -6.05 -50.46
CA THR A 254 -52.56 -6.26 -51.91
C THR A 254 -51.10 -6.45 -52.31
N GLY A 255 -50.18 -5.83 -51.59
CA GLY A 255 -48.74 -6.00 -51.84
C GLY A 255 -48.38 -7.45 -51.64
N LEU A 256 -48.76 -8.05 -50.52
CA LEU A 256 -48.45 -9.46 -50.29
C LEU A 256 -49.04 -10.39 -51.33
N THR A 257 -50.29 -10.09 -51.69
CA THR A 257 -51.00 -10.87 -52.70
C THR A 257 -50.29 -10.75 -54.04
N GLN A 258 -49.86 -9.56 -54.43
CA GLN A 258 -49.20 -9.35 -55.71
C GLN A 258 -47.84 -10.00 -55.73
N ILE A 259 -47.15 -9.92 -54.60
CA ILE A 259 -45.83 -10.55 -54.56
C ILE A 259 -45.95 -12.07 -54.63
N GLU A 260 -46.93 -12.62 -53.89
CA GLU A 260 -47.17 -14.06 -53.92
C GLU A 260 -47.51 -14.58 -55.32
N THR A 261 -48.44 -13.91 -55.99
CA THR A 261 -48.79 -14.26 -57.35
C THR A 261 -47.58 -14.30 -58.27
N LEU A 262 -46.70 -13.30 -58.16
CA LEU A 262 -45.52 -13.19 -59.00
C LEU A 262 -44.54 -14.30 -58.68
N PHE A 263 -44.37 -14.64 -57.42
CA PHE A 263 -43.52 -15.77 -57.03
C PHE A 263 -44.08 -17.06 -57.60
N LYS A 264 -45.38 -17.22 -57.49
CA LYS A 264 -46.00 -18.41 -58.05
C LYS A 264 -45.72 -18.49 -59.54
N SER A 265 -45.70 -17.39 -60.26
CA SER A 265 -45.44 -17.43 -61.71
C SER A 265 -44.06 -17.98 -62.05
N LYS A 266 -43.17 -18.01 -61.05
CA LYS A 266 -41.82 -18.53 -61.23
C LYS A 266 -41.61 -19.81 -60.42
N ASN A 267 -42.70 -20.43 -59.99
CA ASN A 267 -42.85 -21.65 -59.24
C ASN A 267 -42.21 -21.61 -57.86
N TYR A 268 -42.27 -20.45 -57.23
CA TYR A 268 -41.92 -20.29 -55.83
C TYR A 268 -43.16 -19.96 -55.01
N GLU A 269 -43.09 -20.41 -53.76
CA GLU A 269 -44.17 -20.19 -52.82
C GLU A 269 -43.66 -19.83 -51.43
N PHE A 270 -44.59 -19.28 -50.66
CA PHE A 270 -44.27 -19.00 -49.27
C PHE A 270 -44.35 -20.28 -48.46
N MET A 271 -43.48 -20.40 -47.45
CA MET A 271 -43.59 -21.50 -46.51
C MET A 271 -44.81 -21.29 -45.61
N TRP A 272 -45.75 -22.25 -45.64
CA TRP A 272 -46.98 -22.16 -44.89
C TRP A 272 -47.55 -23.56 -44.70
N ASN A 273 -48.25 -23.73 -43.59
CA ASN A 273 -49.05 -24.95 -43.42
C ASN A 273 -50.24 -24.54 -42.54
N PRO A 274 -51.30 -25.32 -42.56
CA PRO A 274 -52.50 -24.95 -41.81
C PRO A 274 -52.43 -24.97 -40.28
N HIS A 275 -51.35 -25.48 -39.74
CA HIS A 275 -51.21 -25.49 -38.30
C HIS A 275 -50.38 -24.31 -37.82
N LEU A 276 -49.26 -24.03 -38.49
CA LEU A 276 -48.39 -22.95 -38.03
C LEU A 276 -48.61 -21.67 -38.81
N GLY A 277 -49.44 -21.68 -39.84
CA GLY A 277 -49.53 -20.49 -40.70
C GLY A 277 -48.20 -20.26 -41.37
N TYR A 278 -47.79 -19.00 -41.50
CA TYR A 278 -46.53 -18.69 -42.19
C TYR A 278 -45.35 -19.12 -41.34
N ILE A 279 -44.40 -19.79 -41.93
CA ILE A 279 -43.25 -20.33 -41.23
C ILE A 279 -42.11 -19.33 -41.27
N LEU A 280 -41.53 -19.05 -40.12
CA LEU A 280 -40.45 -18.11 -39.94
C LEU A 280 -39.44 -18.72 -38.99
N THR A 281 -38.30 -18.08 -38.88
CA THR A 281 -37.18 -18.62 -38.09
C THR A 281 -37.50 -18.80 -36.64
N CYS A 282 -38.10 -17.78 -36.01
CA CYS A 282 -38.36 -17.77 -34.57
C CYS A 282 -39.79 -18.22 -34.29
N PRO A 283 -39.99 -19.23 -33.47
CA PRO A 283 -41.35 -19.68 -33.11
C PRO A 283 -42.24 -18.54 -32.61
N SER A 284 -41.69 -17.48 -32.06
CA SER A 284 -42.49 -16.36 -31.58
C SER A 284 -43.24 -15.66 -32.72
N ASN A 285 -42.78 -15.82 -33.96
CA ASN A 285 -43.31 -15.11 -35.10
C ASN A 285 -44.22 -15.88 -36.05
N LEU A 286 -44.62 -17.06 -35.65
CA LEU A 286 -45.44 -17.89 -36.54
C LEU A 286 -46.86 -17.41 -36.68
N GLY A 287 -47.64 -18.06 -37.54
CA GLY A 287 -49.03 -17.71 -37.81
C GLY A 287 -49.14 -16.62 -38.86
N THR A 288 -49.27 -15.41 -38.33
CA THR A 288 -49.26 -14.20 -39.10
C THR A 288 -47.91 -13.50 -39.14
N GLY A 289 -47.03 -13.68 -38.18
CA GLY A 289 -45.80 -12.89 -38.05
C GLY A 289 -46.07 -11.40 -38.07
N LEU A 290 -47.28 -10.98 -37.70
CA LEU A 290 -47.74 -9.61 -37.93
C LEU A 290 -47.68 -8.74 -36.69
N ARG A 291 -47.19 -7.54 -36.89
CA ARG A 291 -47.13 -6.48 -35.90
C ARG A 291 -47.70 -5.22 -36.56
N ALA A 292 -48.91 -4.88 -36.13
CA ALA A 292 -49.58 -3.66 -36.62
C ALA A 292 -49.45 -2.67 -35.47
N GLY A 293 -49.02 -1.45 -35.76
CA GLY A 293 -48.88 -0.54 -34.62
C GLY A 293 -48.95 0.92 -35.04
N VAL A 294 -49.03 1.77 -34.04
CA VAL A 294 -48.99 3.21 -34.21
C VAL A 294 -47.92 3.83 -33.31
N HIS A 295 -47.37 4.95 -33.71
CA HIS A 295 -46.57 5.89 -32.95
C HIS A 295 -47.61 6.94 -32.48
N ILE A 296 -47.88 6.97 -31.19
CA ILE A 296 -48.97 7.80 -30.69
C ILE A 296 -48.57 8.59 -29.46
N LYS A 297 -49.05 9.82 -29.42
CA LYS A 297 -48.81 10.73 -28.30
C LYS A 297 -49.90 10.51 -27.23
N LEU A 298 -49.49 9.94 -26.10
CA LEU A 298 -50.33 9.68 -24.95
C LEU A 298 -49.69 10.15 -23.65
N PRO A 299 -49.36 11.42 -23.57
CA PRO A 299 -48.63 11.91 -22.38
C PRO A 299 -49.32 11.63 -21.06
N ASN A 300 -50.61 11.87 -20.97
CA ASN A 300 -51.42 11.64 -19.77
C ASN A 300 -51.55 10.17 -19.43
N LEU A 301 -52.00 9.37 -20.39
CA LEU A 301 -52.19 7.93 -20.16
C LEU A 301 -50.87 7.22 -19.87
N GLY A 302 -49.79 7.76 -20.44
CA GLY A 302 -48.49 7.17 -20.16
C GLY A 302 -48.23 7.17 -18.66
N LYS A 303 -48.57 8.27 -18.00
CA LYS A 303 -48.33 8.43 -16.58
C LYS A 303 -49.48 7.96 -15.70
N HIS A 304 -50.48 7.29 -16.27
CA HIS A 304 -51.57 6.81 -15.42
C HIS A 304 -51.32 5.41 -14.87
N GLU A 305 -51.73 5.13 -13.64
CA GLU A 305 -51.53 3.89 -12.92
C GLU A 305 -52.11 2.68 -13.64
N LYS A 306 -53.18 2.88 -14.38
CA LYS A 306 -53.90 1.84 -15.09
C LYS A 306 -53.45 1.56 -16.51
N PHE A 307 -52.53 2.33 -17.05
CA PHE A 307 -52.17 2.20 -18.45
C PHE A 307 -51.82 0.76 -18.82
N GLY A 308 -51.02 0.18 -17.93
CA GLY A 308 -50.59 -1.18 -18.17
C GLY A 308 -51.72 -2.15 -18.30
N GLU A 309 -52.69 -2.00 -17.42
CA GLU A 309 -53.81 -2.95 -17.37
C GLU A 309 -54.71 -2.77 -18.56
N VAL A 310 -54.90 -1.53 -19.00
CA VAL A 310 -55.72 -1.27 -20.19
C VAL A 310 -55.15 -1.99 -21.41
N LEU A 311 -53.85 -1.76 -21.65
CA LEU A 311 -53.17 -2.43 -22.75
C LEU A 311 -53.30 -3.93 -22.66
N LYS A 312 -53.22 -4.46 -21.44
CA LYS A 312 -53.35 -5.92 -21.33
C LYS A 312 -54.73 -6.41 -21.70
N ARG A 313 -55.75 -5.68 -21.26
CA ARG A 313 -57.13 -5.99 -21.57
C ARG A 313 -57.32 -5.94 -23.09
N LEU A 314 -56.69 -4.99 -23.80
CA LEU A 314 -56.82 -4.78 -25.22
C LEU A 314 -55.93 -5.70 -26.05
N ARG A 315 -55.08 -6.53 -25.47
CA ARG A 315 -54.10 -7.41 -26.05
C ARG A 315 -53.09 -6.66 -26.91
N LEU A 316 -52.72 -5.48 -26.39
CA LEU A 316 -51.72 -4.63 -27.02
C LEU A 316 -50.47 -4.63 -26.15
N GLN A 317 -49.41 -4.05 -26.65
CA GLN A 317 -48.12 -3.93 -26.01
C GLN A 317 -47.57 -2.56 -26.36
N LYS A 318 -46.72 -2.01 -25.51
CA LYS A 318 -46.09 -0.75 -25.92
C LYS A 318 -44.58 -0.88 -25.82
N ARG A 319 -43.91 0.05 -26.45
CA ARG A 319 -42.49 0.36 -26.41
C ARG A 319 -42.35 1.89 -26.46
N GLY A 320 -41.34 2.41 -25.78
CA GLY A 320 -41.11 3.82 -25.68
C GLY A 320 -40.24 4.49 -26.72
N THR A 321 -40.79 4.67 -27.92
CA THR A 321 -40.11 5.32 -29.03
C THR A 321 -40.09 6.84 -28.87
N GLY A 322 -39.41 7.59 -29.74
CA GLY A 322 -39.37 9.03 -29.53
C GLY A 322 -39.65 9.89 -30.74
N GLY A 323 -40.13 11.10 -30.49
CA GLY A 323 -40.49 12.04 -31.52
C GLY A 323 -39.46 13.13 -31.78
N VAL A 324 -39.69 13.91 -32.84
CA VAL A 324 -38.78 15.00 -33.18
C VAL A 324 -38.92 16.08 -32.10
N ASP A 325 -38.22 17.19 -32.24
CA ASP A 325 -38.35 18.24 -31.23
C ASP A 325 -39.72 18.89 -31.33
N THR A 326 -40.62 18.39 -30.51
CA THR A 326 -42.02 18.74 -30.34
C THR A 326 -42.73 17.62 -29.57
N ALA A 327 -42.34 16.38 -29.82
CA ALA A 327 -42.85 15.20 -29.12
C ALA A 327 -41.72 14.54 -28.33
N ALA A 328 -40.70 14.09 -29.05
CA ALA A 328 -39.53 13.44 -28.46
C ALA A 328 -39.95 12.37 -27.47
N VAL A 329 -39.14 12.01 -26.49
CA VAL A 329 -39.43 11.03 -25.45
C VAL A 329 -40.84 11.16 -24.87
N GLY A 330 -41.28 12.39 -24.78
CA GLY A 330 -42.44 13.11 -24.37
C GLY A 330 -43.79 12.44 -24.51
N GLY A 331 -43.98 11.28 -23.88
CA GLY A 331 -45.28 10.62 -23.90
C GLY A 331 -45.60 9.95 -25.22
N VAL A 332 -44.55 9.65 -25.99
CA VAL A 332 -44.76 9.02 -27.29
C VAL A 332 -44.50 7.53 -27.17
N PHE A 333 -45.47 6.72 -27.59
CA PHE A 333 -45.36 5.29 -27.55
C PHE A 333 -45.61 4.64 -28.91
N ASP A 334 -44.99 3.46 -29.04
CA ASP A 334 -45.16 2.53 -30.13
C ASP A 334 -46.09 1.43 -29.57
N VAL A 335 -47.34 1.41 -29.99
CA VAL A 335 -48.37 0.50 -29.51
C VAL A 335 -48.79 -0.45 -30.64
N SER A 336 -48.77 -1.75 -30.33
CA SER A 336 -49.02 -2.79 -31.28
C SER A 336 -49.73 -4.00 -30.69
N ASN A 337 -50.24 -4.90 -31.53
CA ASN A 337 -50.83 -6.14 -31.09
C ASN A 337 -49.75 -7.10 -30.54
N ALA A 338 -50.11 -7.80 -29.49
CA ALA A 338 -49.27 -8.79 -28.83
C ALA A 338 -49.41 -10.18 -29.47
N ASP A 339 -50.57 -10.53 -30.00
CA ASP A 339 -50.77 -11.85 -30.57
C ASP A 339 -50.20 -12.03 -31.96
N ARG A 340 -49.90 -13.30 -32.27
CA ARG A 340 -49.34 -13.64 -33.56
C ARG A 340 -49.96 -14.86 -34.27
N LEU A 341 -50.23 -15.90 -33.52
CA LEU A 341 -50.65 -17.23 -33.91
C LEU A 341 -52.01 -17.57 -33.32
N GLY A 342 -52.94 -18.08 -34.12
CA GLY A 342 -54.28 -18.45 -33.74
C GLY A 342 -55.25 -17.28 -33.83
N PHE A 343 -54.85 -16.16 -34.38
CA PHE A 343 -55.60 -14.98 -34.73
C PHE A 343 -55.25 -14.60 -36.18
N SER A 344 -56.26 -14.23 -36.96
CA SER A 344 -55.95 -13.83 -38.34
C SER A 344 -55.41 -12.41 -38.40
N GLU A 345 -54.85 -12.09 -39.59
CA GLU A 345 -54.32 -10.75 -39.77
C GLU A 345 -55.38 -9.67 -39.55
N VAL A 346 -56.57 -9.87 -40.13
CA VAL A 346 -57.67 -8.92 -39.95
C VAL A 346 -58.03 -8.76 -38.49
N GLU A 347 -58.06 -9.88 -37.77
CA GLU A 347 -58.45 -9.85 -36.36
C GLU A 347 -57.42 -9.10 -35.51
N LEU A 348 -56.13 -9.27 -35.83
CA LEU A 348 -55.10 -8.53 -35.12
C LEU A 348 -55.17 -7.03 -35.42
N VAL A 349 -55.37 -6.64 -36.67
CA VAL A 349 -55.39 -5.19 -36.96
C VAL A 349 -56.63 -4.57 -36.38
N GLN A 350 -57.69 -5.38 -36.35
CA GLN A 350 -58.92 -4.85 -35.74
C GLN A 350 -58.71 -4.58 -34.26
N MET A 351 -57.98 -5.44 -33.54
CA MET A 351 -57.72 -5.19 -32.14
C MET A 351 -56.88 -3.93 -31.98
N VAL A 352 -55.97 -3.72 -32.92
CA VAL A 352 -55.17 -2.47 -32.82
C VAL A 352 -56.08 -1.27 -33.11
N VAL A 353 -56.86 -1.28 -34.20
CA VAL A 353 -57.74 -0.14 -34.47
C VAL A 353 -58.68 0.14 -33.31
N ASP A 354 -59.37 -0.89 -32.80
CA ASP A 354 -60.30 -0.62 -31.73
C ASP A 354 -59.61 -0.16 -30.46
N GLY A 355 -58.49 -0.79 -30.10
CA GLY A 355 -57.81 -0.40 -28.86
C GLY A 355 -57.19 0.98 -28.94
N VAL A 356 -56.60 1.35 -30.07
CA VAL A 356 -56.05 2.73 -30.15
C VAL A 356 -57.13 3.77 -30.06
N LYS A 357 -58.30 3.50 -30.67
CA LYS A 357 -59.42 4.44 -30.60
C LYS A 357 -59.82 4.67 -29.15
N LEU A 358 -59.94 3.59 -28.40
CA LEU A 358 -60.25 3.76 -26.98
C LEU A 358 -59.11 4.49 -26.25
N LEU A 359 -57.84 4.21 -26.57
CA LEU A 359 -56.77 4.91 -25.85
C LEU A 359 -56.86 6.40 -26.07
N ILE A 360 -57.20 6.78 -27.30
CA ILE A 360 -57.27 8.22 -27.56
C ILE A 360 -58.42 8.83 -26.80
N GLU A 361 -59.50 8.04 -26.67
CA GLU A 361 -60.64 8.60 -25.89
C GLU A 361 -60.25 8.84 -24.45
N MET A 362 -59.44 7.93 -23.91
CA MET A 362 -59.02 8.07 -22.52
C MET A 362 -58.10 9.28 -22.37
N GLU A 363 -57.11 9.36 -23.25
CA GLU A 363 -56.23 10.54 -23.21
C GLU A 363 -57.01 11.85 -23.24
N LYS A 364 -58.03 11.93 -24.10
CA LYS A 364 -58.84 13.15 -24.20
C LYS A 364 -59.55 13.43 -22.89
N ARG A 365 -60.00 12.39 -22.17
CA ARG A 365 -60.58 12.63 -20.85
C ARG A 365 -59.55 13.21 -19.87
N LEU A 366 -58.39 12.52 -19.80
CA LEU A 366 -57.32 12.94 -18.92
C LEU A 366 -56.84 14.36 -19.20
N GLU A 367 -56.85 14.80 -20.45
CA GLU A 367 -56.46 16.18 -20.72
C GLU A 367 -57.34 17.21 -20.02
N LYS A 368 -58.56 16.79 -19.70
CA LYS A 368 -59.56 17.66 -19.11
C LYS A 368 -59.72 17.41 -17.61
N GLY A 369 -58.82 16.60 -17.06
CA GLY A 369 -58.94 16.21 -15.66
C GLY A 369 -60.12 15.29 -15.43
N GLN A 370 -60.68 14.64 -16.44
CA GLN A 370 -61.80 13.75 -16.19
C GLN A 370 -61.35 12.33 -15.87
N SER A 371 -62.16 11.59 -15.12
CA SER A 371 -61.98 10.18 -14.78
C SER A 371 -62.09 9.26 -15.99
N ILE A 372 -61.29 8.20 -16.00
CA ILE A 372 -61.36 7.21 -17.09
C ILE A 372 -61.79 5.85 -16.59
N ASP A 373 -62.20 5.77 -15.32
CA ASP A 373 -62.58 4.42 -14.85
C ASP A 373 -63.68 3.78 -15.67
N ASP A 374 -64.72 4.52 -16.07
CA ASP A 374 -65.81 3.85 -16.78
C ASP A 374 -65.41 3.44 -18.20
N LEU A 375 -64.20 3.75 -18.62
CA LEU A 375 -63.78 3.39 -19.97
C LEU A 375 -62.93 2.13 -19.98
N MET A 376 -62.68 1.62 -18.76
CA MET A 376 -61.86 0.41 -18.64
C MET A 376 -62.46 -0.74 -19.44
N PRO A 377 -61.75 -1.23 -20.43
CA PRO A 377 -62.26 -2.33 -21.24
C PRO A 377 -62.21 -3.65 -20.49
N ALA A 378 -63.16 -4.52 -20.83
CA ALA A 378 -63.15 -5.89 -20.39
C ALA A 378 -61.96 -6.57 -21.11
N GLN A 379 -61.52 -7.68 -20.56
CA GLN A 379 -60.41 -8.45 -21.10
C GLN A 379 -60.81 -9.12 -22.41
N LYS A 380 -60.03 -8.84 -23.46
CA LYS A 380 -60.25 -9.51 -24.73
C LYS A 380 -59.52 -10.85 -24.75
N PRO B 1 -19.14 -22.08 -39.38
CA PRO B 1 -19.53 -22.29 -37.95
C PRO B 1 -21.03 -22.46 -37.86
N PHE B 2 -21.49 -22.70 -36.64
CA PHE B 2 -22.90 -22.88 -36.35
C PHE B 2 -23.42 -23.99 -37.23
N SER B 3 -24.71 -23.97 -37.49
CA SER B 3 -25.30 -25.04 -38.28
C SER B 3 -24.82 -25.09 -39.73
N ASN B 4 -24.50 -23.91 -40.23
CA ASN B 4 -24.18 -23.76 -41.63
C ASN B 4 -22.98 -24.62 -42.06
N SER B 5 -22.07 -24.90 -41.08
CA SER B 5 -20.99 -25.83 -41.34
C SER B 5 -21.43 -27.08 -42.09
N HIS B 6 -22.62 -27.57 -41.73
CA HIS B 6 -23.10 -28.83 -42.23
C HIS B 6 -24.46 -28.65 -42.93
N ASN B 7 -24.64 -27.50 -43.59
CA ASN B 7 -25.76 -27.28 -44.50
C ASN B 7 -25.43 -28.07 -45.79
N LEU B 8 -26.09 -29.22 -45.89
CA LEU B 8 -25.90 -30.16 -47.00
C LEU B 8 -26.28 -29.58 -48.36
N LEU B 9 -27.14 -28.58 -48.37
CA LEU B 9 -27.61 -28.03 -49.65
C LEU B 9 -26.56 -27.22 -50.38
N LYS B 10 -25.41 -26.91 -49.75
CA LYS B 10 -24.32 -26.27 -50.45
C LYS B 10 -23.92 -27.10 -51.67
N MET B 11 -24.12 -28.43 -51.61
CA MET B 11 -23.69 -29.26 -52.74
C MET B 11 -24.47 -28.96 -54.00
N LYS B 12 -25.63 -28.33 -53.89
CA LYS B 12 -26.38 -28.08 -55.15
C LYS B 12 -26.12 -26.70 -55.75
N TYR B 13 -25.32 -25.92 -55.07
CA TYR B 13 -24.91 -24.61 -55.51
C TYR B 13 -23.49 -24.70 -56.06
N SER B 14 -23.16 -23.84 -57.02
CA SER B 14 -21.86 -23.84 -57.67
C SER B 14 -20.84 -23.00 -56.90
N VAL B 15 -19.61 -23.15 -57.33
CA VAL B 15 -18.47 -22.38 -56.82
C VAL B 15 -18.83 -20.91 -56.92
N ASP B 16 -19.38 -20.50 -58.03
CA ASP B 16 -19.71 -19.09 -58.28
C ASP B 16 -20.85 -18.65 -57.38
N ASP B 17 -21.82 -19.52 -57.12
CA ASP B 17 -22.92 -19.20 -56.22
C ASP B 17 -22.49 -18.98 -54.77
N GLU B 18 -21.50 -19.75 -54.35
CA GLU B 18 -21.06 -19.75 -52.94
C GLU B 18 -19.84 -18.91 -52.63
N TYR B 19 -19.08 -18.52 -53.66
CA TYR B 19 -17.81 -17.84 -53.38
C TYR B 19 -18.04 -16.55 -52.62
N PRO B 20 -17.34 -16.28 -51.53
CA PRO B 20 -17.60 -15.03 -50.79
C PRO B 20 -17.20 -13.75 -51.55
N ASP B 21 -17.88 -12.69 -51.18
CA ASP B 21 -17.58 -11.35 -51.68
C ASP B 21 -16.57 -10.71 -50.74
N LEU B 22 -15.32 -10.71 -51.13
CA LEU B 22 -14.24 -10.17 -50.32
C LEU B 22 -13.65 -8.88 -50.87
N SER B 23 -14.48 -8.14 -51.58
CA SER B 23 -14.03 -6.93 -52.26
C SER B 23 -13.65 -5.76 -51.39
N VAL B 24 -14.03 -5.76 -50.12
CA VAL B 24 -13.61 -4.68 -49.25
C VAL B 24 -12.79 -5.19 -48.08
N HIS B 25 -12.11 -6.33 -48.28
CA HIS B 25 -11.45 -7.06 -47.23
C HIS B 25 -9.96 -6.93 -47.26
N ASN B 26 -9.42 -6.80 -46.05
CA ASN B 26 -8.00 -6.63 -45.87
C ASN B 26 -7.52 -7.55 -44.76
N ASN B 27 -7.63 -8.84 -45.00
CA ASN B 27 -7.13 -9.82 -44.06
C ASN B 27 -6.35 -10.87 -44.86
N HIS B 28 -5.53 -11.68 -44.15
CA HIS B 28 -4.68 -12.64 -44.89
C HIS B 28 -5.44 -13.64 -45.71
N MET B 29 -6.56 -14.16 -45.16
CA MET B 29 -7.38 -15.11 -45.91
C MET B 29 -7.83 -14.48 -47.20
N ALA B 30 -8.36 -13.25 -47.10
CA ALA B 30 -8.92 -12.65 -48.30
C ALA B 30 -7.84 -12.38 -49.35
N LYS B 31 -6.60 -12.11 -48.91
CA LYS B 31 -5.51 -11.92 -49.86
C LYS B 31 -5.13 -13.18 -50.63
N VAL B 32 -5.41 -14.33 -50.04
CA VAL B 32 -5.07 -15.62 -50.62
C VAL B 32 -6.19 -16.31 -51.37
N LEU B 33 -7.40 -16.21 -50.85
CA LEU B 33 -8.54 -16.93 -51.44
C LEU B 33 -8.73 -16.42 -52.84
N THR B 34 -8.89 -17.35 -53.75
CA THR B 34 -9.24 -17.10 -55.15
C THR B 34 -10.41 -18.04 -55.48
N LEU B 35 -11.07 -17.75 -56.59
CA LEU B 35 -12.14 -18.60 -57.07
C LEU B 35 -11.62 -20.02 -57.30
N ASP B 36 -10.41 -20.12 -57.84
CA ASP B 36 -9.92 -21.49 -58.08
C ASP B 36 -9.63 -22.24 -56.82
N LEU B 37 -9.10 -21.56 -55.81
CA LEU B 37 -8.84 -22.23 -54.53
C LEU B 37 -10.16 -22.64 -53.88
N TYR B 38 -11.17 -21.75 -53.94
CA TYR B 38 -12.48 -22.07 -53.38
C TYR B 38 -13.05 -23.28 -54.09
N LYS B 39 -12.91 -23.32 -55.43
CA LYS B 39 -13.39 -24.47 -56.20
C LYS B 39 -12.75 -25.78 -55.78
N LYS B 40 -11.42 -25.72 -55.60
CA LYS B 40 -10.67 -26.92 -55.25
C LYS B 40 -10.97 -27.43 -53.85
N LEU B 41 -11.22 -26.53 -52.90
CA LEU B 41 -11.32 -26.93 -51.51
C LEU B 41 -12.73 -27.00 -50.96
N ARG B 42 -13.75 -26.50 -51.65
CA ARG B 42 -15.10 -26.37 -51.10
C ARG B 42 -15.81 -27.70 -50.90
N ASP B 43 -15.33 -28.76 -51.52
CA ASP B 43 -15.93 -30.08 -51.36
C ASP B 43 -15.16 -30.94 -50.38
N ARG B 44 -14.14 -30.41 -49.73
CA ARG B 44 -13.40 -31.21 -48.78
C ARG B 44 -13.89 -31.00 -47.38
N GLN B 45 -13.72 -32.00 -46.53
CA GLN B 45 -14.01 -31.86 -45.11
C GLN B 45 -12.99 -32.67 -44.32
N THR B 46 -12.65 -32.19 -43.12
CA THR B 46 -11.84 -33.00 -42.24
C THR B 46 -12.71 -34.13 -41.66
N SER B 47 -12.06 -35.06 -40.95
CA SER B 47 -12.78 -36.20 -40.37
C SER B 47 -13.88 -35.78 -39.40
N SER B 48 -13.77 -34.62 -38.79
CA SER B 48 -14.76 -34.13 -37.85
C SER B 48 -15.79 -33.22 -38.52
N GLY B 49 -15.70 -33.06 -39.86
CA GLY B 49 -16.69 -32.28 -40.58
C GLY B 49 -16.30 -30.83 -40.71
N PHE B 50 -15.08 -30.38 -40.40
CA PHE B 50 -14.71 -28.99 -40.62
C PHE B 50 -14.51 -28.72 -42.11
N THR B 51 -15.08 -27.61 -42.59
CA THR B 51 -15.06 -27.27 -43.98
C THR B 51 -14.30 -25.99 -44.29
N LEU B 52 -14.04 -25.73 -45.57
CA LEU B 52 -13.42 -24.46 -45.94
C LEU B 52 -14.24 -23.27 -45.52
N ASP B 53 -15.56 -23.39 -45.67
CA ASP B 53 -16.41 -22.25 -45.25
C ASP B 53 -16.23 -22.01 -43.76
N ASP B 54 -16.08 -23.05 -42.97
CA ASP B 54 -15.80 -22.94 -41.52
C ASP B 54 -14.45 -22.28 -41.28
N VAL B 55 -13.44 -22.63 -42.04
CA VAL B 55 -12.11 -22.05 -41.91
C VAL B 55 -12.18 -20.53 -42.09
N ILE B 56 -12.87 -20.09 -43.17
CA ILE B 56 -12.78 -18.72 -43.63
C ILE B 56 -13.84 -17.78 -43.05
N GLN B 57 -14.85 -18.28 -42.34
CA GLN B 57 -15.98 -17.43 -42.03
C GLN B 57 -15.63 -16.15 -41.32
N THR B 58 -14.71 -16.24 -40.33
CA THR B 58 -14.38 -15.02 -39.58
C THR B 58 -13.79 -13.96 -40.51
N GLY B 59 -13.03 -14.33 -41.54
CA GLY B 59 -12.45 -13.35 -42.47
C GLY B 59 -13.44 -12.88 -43.52
N VAL B 60 -14.50 -13.62 -43.75
CA VAL B 60 -15.60 -13.16 -44.57
C VAL B 60 -16.37 -12.07 -43.79
N ASP B 61 -16.67 -12.36 -42.53
CA ASP B 61 -17.48 -11.45 -41.72
C ASP B 61 -16.76 -10.19 -41.23
N ASN B 62 -15.44 -10.27 -41.13
CA ASN B 62 -14.59 -9.22 -40.55
C ASN B 62 -13.58 -8.77 -41.58
N PRO B 63 -13.92 -7.76 -42.39
CA PRO B 63 -12.99 -7.33 -43.44
C PRO B 63 -11.60 -6.97 -42.93
N GLY B 64 -11.51 -6.40 -41.76
CA GLY B 64 -10.24 -6.02 -41.18
C GLY B 64 -9.80 -4.65 -41.64
N HIS B 65 -8.60 -4.27 -41.21
CA HIS B 65 -8.16 -2.94 -41.72
C HIS B 65 -6.79 -3.08 -42.34
N PRO B 66 -6.21 -2.05 -42.92
CA PRO B 66 -4.84 -2.18 -43.44
C PRO B 66 -3.80 -1.94 -42.35
N PHE B 67 -4.15 -1.17 -41.33
CA PHE B 67 -3.29 -0.78 -40.23
C PHE B 67 -2.66 -1.99 -39.58
N ILE B 68 -3.36 -3.10 -39.45
CA ILE B 68 -2.67 -4.28 -38.84
C ILE B 68 -3.53 -5.46 -39.26
N MET B 69 -3.06 -6.09 -40.34
CA MET B 69 -3.76 -7.18 -40.98
C MET B 69 -4.16 -8.27 -39.96
N THR B 70 -5.38 -8.73 -40.03
CA THR B 70 -5.86 -9.87 -39.25
C THR B 70 -5.70 -11.12 -40.10
N VAL B 71 -5.67 -12.30 -39.51
CA VAL B 71 -5.47 -13.57 -40.27
C VAL B 71 -6.70 -13.91 -41.07
N GLY B 72 -7.90 -13.76 -40.49
CA GLY B 72 -9.10 -14.01 -41.26
C GLY B 72 -9.54 -15.44 -41.46
N CYS B 73 -8.94 -16.37 -40.70
CA CYS B 73 -9.26 -17.79 -40.81
C CYS B 73 -8.84 -18.50 -39.53
N VAL B 74 -9.43 -19.67 -39.28
CA VAL B 74 -9.15 -20.48 -38.13
C VAL B 74 -9.09 -21.95 -38.54
N ALA B 75 -8.41 -22.75 -37.72
CA ALA B 75 -8.48 -24.20 -37.78
C ALA B 75 -9.55 -24.69 -36.80
N GLY B 76 -10.19 -25.83 -37.15
CA GLY B 76 -11.25 -26.42 -36.34
C GLY B 76 -10.82 -27.72 -35.69
N ASP B 77 -9.65 -28.24 -36.04
CA ASP B 77 -9.12 -29.52 -35.62
C ASP B 77 -7.70 -29.61 -36.16
N GLU B 78 -6.97 -30.67 -35.80
CA GLU B 78 -5.58 -30.77 -36.19
C GLU B 78 -5.44 -30.93 -37.72
N GLU B 79 -6.34 -31.77 -38.29
CA GLU B 79 -6.37 -32.08 -39.69
C GLU B 79 -6.57 -30.84 -40.55
N SER B 80 -7.14 -29.77 -40.01
CA SER B 80 -7.48 -28.58 -40.78
C SER B 80 -6.25 -28.05 -41.55
N TYR B 81 -5.10 -28.04 -40.89
CA TYR B 81 -3.92 -27.46 -41.53
C TYR B 81 -3.39 -28.29 -42.69
N GLU B 82 -3.73 -29.58 -42.72
CA GLU B 82 -3.38 -30.49 -43.81
C GLU B 82 -4.43 -30.44 -44.91
N VAL B 83 -5.69 -30.63 -44.57
CA VAL B 83 -6.79 -30.71 -45.54
C VAL B 83 -6.92 -29.40 -46.32
N PHE B 84 -6.69 -28.27 -45.62
CA PHE B 84 -6.83 -26.96 -46.24
C PHE B 84 -5.46 -26.27 -46.41
N LYS B 85 -4.39 -27.07 -46.57
CA LYS B 85 -3.06 -26.49 -46.69
C LYS B 85 -2.91 -25.50 -47.85
N GLU B 86 -3.67 -25.67 -48.94
CA GLU B 86 -3.54 -24.72 -50.05
C GLU B 86 -4.01 -23.31 -49.65
N LEU B 87 -4.85 -23.19 -48.65
CA LEU B 87 -5.22 -21.91 -48.08
C LEU B 87 -4.27 -21.53 -46.94
N PHE B 88 -4.08 -22.41 -45.94
CA PHE B 88 -3.24 -22.05 -44.82
C PHE B 88 -1.78 -21.81 -45.12
N ASP B 89 -1.15 -22.55 -46.03
CA ASP B 89 0.26 -22.39 -46.27
C ASP B 89 0.58 -20.97 -46.73
N PRO B 90 -0.09 -20.40 -47.73
CA PRO B 90 0.20 -19.01 -48.10
C PRO B 90 -0.18 -18.00 -47.05
N VAL B 91 -1.22 -18.24 -46.26
CA VAL B 91 -1.57 -17.37 -45.14
C VAL B 91 -0.46 -17.37 -44.10
N ILE B 92 0.03 -18.55 -43.78
CA ILE B 92 1.14 -18.66 -42.84
C ILE B 92 2.38 -17.98 -43.37
N GLU B 93 2.71 -18.17 -44.64
CA GLU B 93 3.89 -17.53 -45.21
C GLU B 93 3.77 -16.02 -45.11
N ASP B 94 2.58 -15.46 -45.35
CA ASP B 94 2.43 -14.02 -45.34
C ASP B 94 2.45 -13.50 -43.90
N ARG B 95 1.77 -14.23 -43.02
CA ARG B 95 1.68 -13.76 -41.65
C ARG B 95 2.99 -13.89 -40.90
N HIS B 96 3.80 -14.89 -41.22
CA HIS B 96 4.99 -15.23 -40.46
C HIS B 96 6.27 -14.98 -41.25
N GLY B 97 6.36 -13.83 -41.90
CA GLY B 97 7.55 -13.33 -42.50
C GLY B 97 8.29 -14.20 -43.48
N GLY B 98 7.49 -14.93 -44.25
CA GLY B 98 8.03 -15.71 -45.35
C GLY B 98 8.25 -17.16 -44.98
N TYR B 99 7.62 -17.59 -43.89
CA TYR B 99 7.79 -18.97 -43.41
C TYR B 99 7.19 -19.90 -44.46
N LYS B 100 7.94 -20.77 -45.12
CA LYS B 100 7.51 -21.56 -46.25
C LYS B 100 7.07 -22.94 -45.85
N PRO B 101 6.29 -23.57 -46.73
CA PRO B 101 5.89 -24.95 -46.44
C PRO B 101 7.03 -25.90 -46.15
N THR B 102 8.21 -25.67 -46.72
CA THR B 102 9.38 -26.51 -46.53
C THR B 102 10.21 -26.19 -45.30
N ASP B 103 9.83 -25.14 -44.56
CA ASP B 103 10.62 -24.75 -43.38
C ASP B 103 10.27 -25.62 -42.17
N GLU B 104 11.19 -25.76 -41.23
CA GLU B 104 11.05 -26.49 -40.00
C GLU B 104 10.94 -25.54 -38.82
N HIS B 105 10.12 -25.97 -37.86
CA HIS B 105 9.97 -25.29 -36.59
C HIS B 105 10.64 -26.15 -35.52
N LYS B 106 11.61 -25.60 -34.80
CA LYS B 106 12.28 -26.22 -33.68
C LYS B 106 11.67 -25.70 -32.39
N THR B 107 11.28 -26.62 -31.53
CA THR B 107 10.84 -26.38 -30.15
C THR B 107 12.04 -26.49 -29.22
N ASP B 108 12.15 -25.56 -28.28
CA ASP B 108 13.22 -25.67 -27.27
C ASP B 108 12.68 -25.17 -25.94
N LEU B 109 12.31 -26.07 -25.04
CA LEU B 109 11.79 -25.71 -23.72
C LEU B 109 12.79 -26.07 -22.63
N ASN B 110 14.09 -26.04 -22.95
CA ASN B 110 15.16 -26.21 -21.98
C ASN B 110 15.59 -24.83 -21.51
N ALA B 111 15.05 -24.42 -20.37
CA ALA B 111 15.33 -23.06 -19.87
C ALA B 111 16.81 -22.86 -19.63
N ASP B 112 17.62 -23.89 -19.41
CA ASP B 112 19.05 -23.76 -19.20
C ASP B 112 19.72 -23.11 -20.40
N ASN B 113 19.06 -23.20 -21.58
CA ASN B 113 19.64 -22.63 -22.81
C ASN B 113 19.45 -21.12 -22.88
N LEU B 114 18.62 -20.53 -22.04
CA LEU B 114 18.48 -19.08 -21.99
C LEU B 114 19.69 -18.44 -21.33
N GLN B 115 20.37 -17.46 -21.91
CA GLN B 115 21.53 -16.81 -21.31
C GLN B 115 21.16 -15.51 -20.60
N GLY B 116 21.48 -15.43 -19.31
CA GLY B 116 21.19 -14.23 -18.54
C GLY B 116 19.70 -14.04 -18.32
N GLY B 117 19.25 -12.81 -18.15
CA GLY B 117 17.86 -12.47 -17.98
C GLY B 117 17.39 -12.64 -16.57
N ASP B 118 18.29 -12.83 -15.61
CA ASP B 118 17.82 -12.97 -14.24
C ASP B 118 17.78 -11.61 -13.56
N ASP B 119 18.26 -10.65 -14.35
CA ASP B 119 18.52 -9.32 -13.79
C ASP B 119 18.01 -8.11 -14.56
N LEU B 120 16.89 -8.19 -15.29
CA LEU B 120 16.38 -6.98 -15.94
C LEU B 120 16.13 -5.89 -14.89
N ASP B 121 16.67 -4.72 -15.13
CA ASP B 121 16.62 -3.60 -14.17
C ASP B 121 15.23 -3.37 -13.61
N PRO B 122 14.97 -3.66 -12.35
CA PRO B 122 13.59 -3.57 -11.82
C PRO B 122 13.20 -2.11 -11.59
N ASN B 123 14.15 -1.20 -11.84
CA ASN B 123 13.75 0.22 -11.81
C ASN B 123 12.93 0.58 -13.06
N TYR B 124 12.98 -0.32 -14.05
CA TYR B 124 12.29 -0.18 -15.31
C TYR B 124 11.27 -1.27 -15.57
N VAL B 125 11.69 -2.52 -15.32
CA VAL B 125 10.80 -3.66 -15.55
C VAL B 125 9.98 -3.95 -14.31
N LEU B 126 8.68 -3.70 -14.43
CA LEU B 126 7.74 -3.90 -13.32
C LEU B 126 7.30 -5.34 -13.15
N SER B 127 7.24 -6.07 -14.25
CA SER B 127 6.80 -7.47 -14.26
C SER B 127 7.26 -8.16 -15.53
N SER B 128 7.40 -9.45 -15.45
CA SER B 128 7.83 -10.30 -16.54
C SER B 128 6.87 -11.46 -16.72
N ARG B 129 6.58 -11.83 -17.95
CA ARG B 129 5.65 -12.92 -18.19
C ARG B 129 5.96 -13.69 -19.47
N VAL B 130 5.60 -14.97 -19.50
CA VAL B 130 5.75 -15.81 -20.67
C VAL B 130 4.45 -16.60 -20.82
N ARG B 131 3.80 -16.48 -21.98
CA ARG B 131 2.54 -17.19 -22.18
C ARG B 131 2.58 -18.00 -23.45
N THR B 132 1.79 -19.07 -23.46
CA THR B 132 1.60 -19.82 -24.69
C THR B 132 0.22 -20.45 -24.69
N GLY B 133 -0.06 -21.23 -25.71
CA GLY B 133 -1.31 -21.97 -25.83
C GLY B 133 -1.01 -23.43 -26.20
N ARG B 134 -1.86 -24.37 -25.84
CA ARG B 134 -1.74 -25.76 -26.24
C ARG B 134 -3.12 -26.33 -26.62
N SER B 135 -3.09 -27.29 -27.52
CA SER B 135 -4.21 -28.10 -27.92
C SER B 135 -3.94 -29.56 -27.57
N ILE B 136 -5.00 -30.24 -27.11
CA ILE B 136 -4.97 -31.65 -26.78
C ILE B 136 -5.37 -32.45 -28.03
N ARG B 137 -4.48 -33.29 -28.51
CA ARG B 137 -4.72 -34.10 -29.67
C ARG B 137 -5.90 -35.04 -29.46
N GLY B 138 -6.70 -35.19 -30.52
CA GLY B 138 -7.88 -36.01 -30.57
C GLY B 138 -9.19 -35.28 -30.31
N PHE B 139 -9.14 -34.01 -30.10
CA PHE B 139 -10.28 -33.13 -29.89
C PHE B 139 -10.30 -31.99 -30.92
N CYS B 140 -11.50 -31.60 -31.29
CA CYS B 140 -11.62 -30.40 -32.15
C CYS B 140 -11.23 -29.16 -31.36
N LEU B 141 -10.84 -28.12 -32.10
CA LEU B 141 -10.48 -26.83 -31.56
C LEU B 141 -11.75 -26.03 -31.22
N PRO B 142 -11.62 -24.98 -30.42
CA PRO B 142 -12.80 -24.20 -29.98
C PRO B 142 -13.77 -23.73 -31.04
N PRO B 143 -13.44 -23.39 -32.26
CA PRO B 143 -14.51 -23.00 -33.21
C PRO B 143 -15.55 -24.11 -33.41
N HIS B 144 -15.10 -25.36 -33.26
CA HIS B 144 -15.86 -26.52 -33.70
C HIS B 144 -16.20 -27.55 -32.61
N CYS B 145 -15.46 -27.57 -31.49
CA CYS B 145 -15.61 -28.65 -30.54
C CYS B 145 -17.00 -28.72 -29.95
N SER B 146 -17.47 -29.93 -29.75
CA SER B 146 -18.77 -30.14 -29.12
C SER B 146 -18.74 -29.88 -27.63
N ARG B 147 -19.93 -29.69 -27.05
CA ARG B 147 -19.97 -29.64 -25.58
C ARG B 147 -19.27 -30.81 -24.92
N GLY B 148 -19.45 -32.00 -25.48
CA GLY B 148 -18.85 -33.21 -24.97
C GLY B 148 -17.34 -33.19 -25.03
N GLU B 149 -16.81 -32.79 -26.18
CA GLU B 149 -15.38 -32.67 -26.33
C GLU B 149 -14.83 -31.64 -25.31
N ARG B 150 -15.47 -30.49 -25.23
CA ARG B 150 -15.01 -29.43 -24.33
C ARG B 150 -14.99 -29.92 -22.90
N ARG B 151 -16.02 -30.62 -22.47
CA ARG B 151 -16.08 -31.17 -21.12
C ARG B 151 -14.97 -32.18 -20.90
N ALA B 152 -14.69 -33.00 -21.89
CA ALA B 152 -13.62 -33.99 -21.76
C ALA B 152 -12.28 -33.31 -21.60
N ILE B 153 -12.03 -32.24 -22.35
CA ILE B 153 -10.81 -31.47 -22.24
C ILE B 153 -10.69 -30.89 -20.85
N GLU B 154 -11.76 -30.31 -20.33
CA GLU B 154 -11.71 -29.74 -18.99
C GLU B 154 -11.42 -30.80 -17.94
N LYS B 155 -12.09 -31.96 -18.04
CA LYS B 155 -11.82 -33.00 -17.05
C LYS B 155 -10.37 -33.47 -17.09
N LEU B 156 -9.79 -33.71 -18.26
CA LEU B 156 -8.42 -34.15 -18.31
C LEU B 156 -7.46 -33.09 -17.79
N SER B 157 -7.78 -31.84 -18.11
CA SER B 157 -6.90 -30.74 -17.72
C SER B 157 -6.92 -30.52 -16.23
N VAL B 158 -8.11 -30.57 -15.65
CA VAL B 158 -8.24 -30.34 -14.23
C VAL B 158 -7.54 -31.44 -13.47
N GLU B 159 -7.65 -32.66 -13.96
CA GLU B 159 -7.00 -33.78 -13.26
C GLU B 159 -5.48 -33.64 -13.32
N ALA B 160 -4.91 -33.26 -14.48
CA ALA B 160 -3.48 -33.09 -14.59
C ALA B 160 -3.01 -31.95 -13.68
N LEU B 161 -3.69 -30.79 -13.75
CA LEU B 161 -3.30 -29.66 -12.94
C LEU B 161 -3.39 -29.94 -11.43
N GLY B 162 -4.37 -30.76 -11.03
CA GLY B 162 -4.56 -31.17 -9.62
C GLY B 162 -3.44 -32.06 -9.12
N SER B 163 -2.64 -32.56 -10.04
CA SER B 163 -1.49 -33.42 -9.74
C SER B 163 -0.18 -32.64 -9.64
N LEU B 164 -0.17 -31.38 -10.04
CA LEU B 164 1.04 -30.58 -9.86
C LEU B 164 1.26 -30.34 -8.37
N GLY B 165 2.52 -30.32 -7.93
CA GLY B 165 2.85 -30.09 -6.54
C GLY B 165 4.02 -29.13 -6.42
N GLY B 166 4.47 -28.99 -5.19
CA GLY B 166 5.58 -28.09 -4.89
C GLY B 166 5.20 -26.66 -5.22
N ASP B 167 6.12 -25.98 -5.89
CA ASP B 167 5.88 -24.62 -6.31
C ASP B 167 4.64 -24.53 -7.22
N LEU B 168 4.27 -25.63 -7.90
CA LEU B 168 3.11 -25.54 -8.79
C LEU B 168 1.82 -26.09 -8.22
N LYS B 169 1.77 -26.37 -6.92
CA LYS B 169 0.51 -26.75 -6.30
C LYS B 169 -0.52 -25.63 -6.47
N GLY B 170 -1.73 -25.95 -6.93
CA GLY B 170 -2.74 -24.93 -7.13
C GLY B 170 -4.17 -25.37 -6.95
N LYS B 171 -5.10 -24.59 -7.54
CA LYS B 171 -6.53 -24.77 -7.40
C LYS B 171 -7.26 -24.37 -8.67
N TYR B 172 -8.35 -25.06 -8.94
CA TYR B 172 -9.19 -24.78 -10.10
C TYR B 172 -10.48 -24.04 -9.69
N TYR B 173 -10.84 -23.10 -10.53
CA TYR B 173 -12.01 -22.25 -10.45
C TYR B 173 -12.80 -22.35 -11.75
N ALA B 174 -13.87 -23.13 -11.74
CA ALA B 174 -14.74 -23.19 -12.89
C ALA B 174 -15.52 -21.90 -13.05
N LEU B 175 -15.68 -21.41 -14.28
CA LEU B 175 -16.48 -20.18 -14.43
C LEU B 175 -17.93 -20.43 -14.04
N ARG B 176 -18.47 -21.65 -14.25
CA ARG B 176 -19.89 -21.90 -14.07
C ARG B 176 -20.29 -21.78 -12.62
N ASN B 177 -19.41 -22.15 -11.69
CA ASN B 177 -19.95 -21.97 -10.33
C ASN B 177 -19.19 -20.93 -9.52
N MET B 178 -18.46 -20.07 -10.20
CA MET B 178 -17.71 -19.00 -9.55
C MET B 178 -18.51 -18.06 -8.67
N THR B 179 -18.04 -17.91 -7.41
CA THR B 179 -18.68 -16.94 -6.55
C THR B 179 -18.21 -15.52 -6.86
N ASP B 180 -18.96 -14.54 -6.37
CA ASP B 180 -18.66 -13.14 -6.59
C ASP B 180 -17.29 -12.75 -6.02
N ALA B 181 -17.07 -13.26 -4.81
CA ALA B 181 -15.82 -12.98 -4.13
C ALA B 181 -14.65 -13.55 -4.93
N GLU B 182 -14.82 -14.78 -5.40
CA GLU B 182 -13.79 -15.49 -6.19
C GLU B 182 -13.49 -14.72 -7.47
N GLN B 183 -14.54 -14.26 -8.12
CA GLN B 183 -14.45 -13.48 -9.36
C GLN B 183 -13.68 -12.22 -9.08
N GLN B 184 -14.07 -11.52 -8.01
CA GLN B 184 -13.37 -10.25 -7.72
C GLN B 184 -11.93 -10.52 -7.35
N GLN B 185 -11.63 -11.61 -6.65
CA GLN B 185 -10.26 -11.95 -6.33
C GLN B 185 -9.46 -12.27 -7.59
N LEU B 186 -10.00 -13.05 -8.52
CA LEU B 186 -9.26 -13.32 -9.77
C LEU B 186 -9.08 -12.01 -10.54
N ILE B 187 -10.07 -11.11 -10.46
CA ILE B 187 -9.94 -9.82 -11.12
C ILE B 187 -8.78 -9.06 -10.48
N ASP B 188 -8.75 -9.04 -9.16
CA ASP B 188 -7.67 -8.37 -8.42
C ASP B 188 -6.30 -8.91 -8.85
N ASP B 189 -6.19 -10.22 -9.06
CA ASP B 189 -5.02 -10.98 -9.44
C ASP B 189 -4.68 -10.81 -10.93
N HIS B 190 -5.57 -10.29 -11.76
CA HIS B 190 -5.39 -10.17 -13.21
C HIS B 190 -5.41 -11.56 -13.84
N PHE B 191 -6.23 -12.44 -13.28
CA PHE B 191 -6.32 -13.82 -13.74
C PHE B 191 -7.66 -14.17 -14.39
N LEU B 192 -8.66 -13.29 -14.35
CA LEU B 192 -9.97 -13.63 -14.91
C LEU B 192 -10.00 -13.42 -16.39
N PHE B 193 -10.75 -14.30 -17.07
CA PHE B 193 -11.16 -14.07 -18.43
C PHE B 193 -12.70 -14.01 -18.46
N ASP B 194 -13.17 -13.23 -19.41
CA ASP B 194 -14.59 -12.97 -19.68
C ASP B 194 -15.08 -13.70 -20.92
N LYS B 195 -16.38 -13.83 -21.20
CA LYS B 195 -16.89 -14.24 -22.49
C LYS B 195 -16.22 -13.32 -23.53
N PRO B 196 -15.69 -13.87 -24.61
CA PRO B 196 -15.14 -13.00 -25.67
C PRO B 196 -16.15 -12.01 -26.25
N VAL B 197 -15.65 -10.82 -26.56
CA VAL B 197 -16.42 -9.79 -27.21
C VAL B 197 -15.90 -9.47 -28.61
N SER B 198 -14.73 -9.98 -28.97
CA SER B 198 -14.17 -9.74 -30.29
C SER B 198 -15.06 -10.32 -31.38
N PRO B 199 -15.45 -9.52 -32.36
CA PRO B 199 -16.21 -10.13 -33.46
C PRO B 199 -15.37 -11.10 -34.28
N LEU B 200 -14.04 -11.00 -34.22
CA LEU B 200 -13.16 -11.93 -34.94
C LEU B 200 -13.32 -13.31 -34.30
N LEU B 201 -13.40 -13.39 -32.97
CA LEU B 201 -13.59 -14.65 -32.27
C LEU B 201 -15.02 -15.14 -32.38
N LEU B 202 -15.97 -14.22 -32.15
CA LEU B 202 -17.36 -14.63 -32.11
C LEU B 202 -17.81 -15.23 -33.46
N ALA B 203 -17.34 -14.67 -34.55
CA ALA B 203 -17.75 -15.13 -35.88
C ALA B 203 -17.25 -16.54 -36.20
N SER B 204 -16.31 -17.06 -35.43
CA SER B 204 -15.76 -18.39 -35.66
C SER B 204 -16.54 -19.47 -34.93
N GLY B 205 -17.50 -19.12 -34.07
CA GLY B 205 -18.29 -20.06 -33.33
C GLY B 205 -17.68 -20.50 -32.01
N MET B 206 -16.54 -19.95 -31.62
CA MET B 206 -15.82 -20.44 -30.43
C MET B 206 -16.49 -20.12 -29.12
N ALA B 207 -17.43 -19.17 -29.09
CA ALA B 207 -18.03 -18.79 -27.80
C ALA B 207 -19.29 -19.52 -27.42
N ARG B 208 -19.61 -20.58 -28.18
CA ARG B 208 -20.77 -21.39 -27.90
C ARG B 208 -20.77 -21.95 -26.48
N ASP B 209 -21.99 -22.06 -25.92
CA ASP B 209 -22.27 -22.70 -24.64
C ASP B 209 -21.62 -22.02 -23.45
N TRP B 210 -21.18 -20.78 -23.59
CA TRP B 210 -20.49 -20.08 -22.51
C TRP B 210 -21.35 -20.05 -21.28
N PRO B 211 -20.82 -20.33 -20.09
CA PRO B 211 -19.45 -20.64 -19.73
C PRO B 211 -19.14 -22.12 -19.54
N ASP B 212 -19.92 -23.01 -20.16
CA ASP B 212 -19.75 -24.44 -19.94
C ASP B 212 -18.34 -24.92 -20.19
N ALA B 213 -17.73 -25.59 -19.24
CA ALA B 213 -16.43 -26.25 -19.32
C ALA B 213 -15.25 -25.28 -19.47
N ARG B 214 -15.44 -24.01 -19.14
CA ARG B 214 -14.42 -23.00 -19.07
C ARG B 214 -13.98 -22.82 -17.62
N GLY B 215 -12.71 -22.59 -17.37
CA GLY B 215 -12.22 -22.35 -16.03
C GLY B 215 -10.83 -21.78 -15.99
N ILE B 216 -10.45 -21.44 -14.76
CA ILE B 216 -9.16 -20.84 -14.42
C ILE B 216 -8.48 -21.63 -13.32
N TRP B 217 -7.25 -22.07 -13.57
CA TRP B 217 -6.41 -22.72 -12.57
C TRP B 217 -5.23 -21.83 -12.25
N HIS B 218 -4.78 -21.77 -11.00
CA HIS B 218 -3.52 -21.05 -10.74
C HIS B 218 -2.83 -21.68 -9.53
N ASN B 219 -1.51 -21.56 -9.46
CA ASN B 219 -0.80 -22.11 -8.31
C ASN B 219 -1.01 -21.19 -7.12
N ASP B 220 -0.81 -21.75 -5.93
CA ASP B 220 -0.98 -20.94 -4.72
C ASP B 220 -0.06 -19.72 -4.69
N ASN B 221 1.10 -19.80 -5.32
CA ASN B 221 2.05 -18.70 -5.34
C ASN B 221 1.70 -17.60 -6.34
N LYS B 222 0.69 -17.83 -7.17
CA LYS B 222 0.20 -16.89 -8.16
C LYS B 222 1.27 -16.46 -9.13
N THR B 223 2.06 -17.47 -9.54
CA THR B 223 3.05 -17.25 -10.57
C THR B 223 2.85 -18.15 -11.81
N PHE B 224 1.84 -18.99 -11.82
CA PHE B 224 1.56 -19.93 -12.90
C PHE B 224 0.05 -20.04 -13.04
N LEU B 225 -0.47 -19.72 -14.21
CA LEU B 225 -1.88 -19.55 -14.52
C LEU B 225 -2.27 -20.33 -15.76
N VAL B 226 -3.38 -21.05 -15.68
CA VAL B 226 -3.87 -21.80 -16.84
C VAL B 226 -5.35 -21.47 -17.05
N TRP B 227 -5.70 -21.11 -18.28
CA TRP B 227 -7.05 -20.87 -18.73
C TRP B 227 -7.46 -22.09 -19.59
N ILE B 228 -8.63 -22.60 -19.30
CA ILE B 228 -9.13 -23.82 -19.94
C ILE B 228 -10.34 -23.49 -20.79
N ASN B 229 -10.25 -23.88 -22.07
CA ASN B 229 -11.32 -23.81 -23.07
C ASN B 229 -11.78 -22.40 -23.42
N GLU B 230 -10.88 -21.43 -23.37
CA GLU B 230 -11.15 -20.07 -23.88
C GLU B 230 -10.81 -20.04 -25.37
N GLU B 231 -9.79 -19.37 -25.85
CA GLU B 231 -9.45 -19.29 -27.25
C GLU B 231 -8.82 -20.56 -27.79
N ASP B 232 -8.14 -21.28 -26.94
CA ASP B 232 -7.56 -22.58 -27.22
C ASP B 232 -7.86 -23.51 -26.05
N HIS B 233 -7.61 -24.80 -26.18
CA HIS B 233 -7.85 -25.71 -25.09
C HIS B 233 -7.19 -25.25 -23.79
N LEU B 234 -5.92 -24.92 -23.86
CA LEU B 234 -5.17 -24.40 -22.75
C LEU B 234 -4.44 -23.13 -23.11
N ARG B 235 -4.41 -22.17 -22.21
CA ARG B 235 -3.50 -21.02 -22.27
C ARG B 235 -2.71 -21.09 -20.96
N VAL B 236 -1.41 -21.00 -21.08
CA VAL B 236 -0.50 -21.20 -19.94
C VAL B 236 0.39 -20.00 -19.82
N ILE B 237 0.43 -19.40 -18.64
CA ILE B 237 1.13 -18.19 -18.36
C ILE B 237 1.94 -18.29 -17.08
N SER B 238 3.21 -18.00 -17.21
CA SER B 238 4.12 -17.84 -16.09
C SER B 238 4.42 -16.37 -15.90
N MET B 239 4.39 -15.89 -14.65
CA MET B 239 4.66 -14.47 -14.40
C MET B 239 5.25 -14.28 -13.01
N GLN B 240 5.96 -13.16 -12.85
CA GLN B 240 6.56 -12.69 -11.62
C GLN B 240 6.62 -11.16 -11.65
N LYS B 241 6.40 -10.50 -10.52
CA LYS B 241 6.74 -9.10 -10.41
C LYS B 241 8.26 -8.98 -10.57
N GLY B 242 8.74 -7.88 -11.12
CA GLY B 242 10.15 -7.70 -11.31
C GLY B 242 10.70 -8.17 -12.63
N GLY B 243 12.02 -8.28 -12.68
CA GLY B 243 12.88 -8.51 -13.77
C GLY B 243 13.54 -9.84 -13.99
N ASN B 244 13.20 -10.83 -13.20
CA ASN B 244 13.85 -12.14 -13.33
C ASN B 244 13.10 -12.98 -14.37
N MET B 245 13.35 -12.62 -15.63
CA MET B 245 12.74 -13.32 -16.77
C MET B 245 13.22 -14.78 -16.82
N LYS B 246 14.45 -15.01 -16.39
CA LYS B 246 15.02 -16.35 -16.32
C LYS B 246 14.19 -17.22 -15.39
N GLU B 247 13.89 -16.75 -14.18
CA GLU B 247 13.05 -17.55 -13.31
C GLU B 247 11.67 -17.73 -13.91
N VAL B 248 11.12 -16.72 -14.57
CA VAL B 248 9.76 -16.90 -15.11
C VAL B 248 9.76 -17.97 -16.19
N PHE B 249 10.81 -17.92 -17.03
CA PHE B 249 10.89 -18.90 -18.12
C PHE B 249 11.20 -20.29 -17.62
N THR B 250 12.01 -20.43 -16.58
CA THR B 250 12.28 -21.73 -15.98
C THR B 250 11.01 -22.38 -15.47
N ARG B 251 10.15 -21.58 -14.83
CA ARG B 251 8.88 -22.07 -14.30
C ARG B 251 7.95 -22.46 -15.43
N PHE B 252 7.94 -21.63 -16.47
CA PHE B 252 7.13 -21.89 -17.67
C PHE B 252 7.48 -23.25 -18.22
N CYS B 253 8.78 -23.45 -18.43
CA CYS B 253 9.22 -24.70 -19.03
C CYS B 253 8.95 -25.90 -18.15
N THR B 254 9.25 -25.87 -16.85
CA THR B 254 9.01 -27.06 -16.02
C THR B 254 7.52 -27.31 -15.84
N GLY B 255 6.69 -26.26 -15.79
CA GLY B 255 5.26 -26.48 -15.73
C GLY B 255 4.75 -27.13 -17.00
N LEU B 256 5.14 -26.67 -18.18
CA LEU B 256 4.64 -27.35 -19.38
C LEU B 256 5.10 -28.79 -19.44
N THR B 257 6.35 -29.02 -19.02
CA THR B 257 6.87 -30.39 -19.08
C THR B 257 6.11 -31.29 -18.14
N GLN B 258 5.85 -30.78 -16.93
CA GLN B 258 5.12 -31.59 -15.95
C GLN B 258 3.72 -31.89 -16.41
N ILE B 259 3.06 -30.90 -17.01
CA ILE B 259 1.69 -31.10 -17.49
C ILE B 259 1.66 -32.13 -18.58
N GLU B 260 2.58 -31.99 -19.55
CA GLU B 260 2.65 -32.96 -20.66
C GLU B 260 2.88 -34.38 -20.18
N THR B 261 3.77 -34.50 -19.19
CA THR B 261 4.03 -35.84 -18.65
C THR B 261 2.79 -36.42 -18.02
N LEU B 262 2.02 -35.62 -17.29
CA LEU B 262 0.78 -36.06 -16.68
C LEU B 262 -0.25 -36.41 -17.73
N PHE B 263 -0.35 -35.64 -18.80
CA PHE B 263 -1.25 -36.06 -19.86
C PHE B 263 -0.85 -37.37 -20.50
N LYS B 264 0.45 -37.53 -20.73
CA LYS B 264 0.95 -38.75 -21.37
C LYS B 264 0.61 -39.97 -20.50
N SER B 265 0.59 -39.80 -19.19
CA SER B 265 0.26 -40.94 -18.33
C SER B 265 -1.17 -41.38 -18.52
N LYS B 266 -2.01 -40.52 -19.10
CA LYS B 266 -3.41 -40.80 -19.39
C LYS B 266 -3.63 -41.01 -20.88
N ASN B 267 -2.57 -41.16 -21.66
CA ASN B 267 -2.59 -41.37 -23.10
C ASN B 267 -3.05 -40.20 -23.93
N TYR B 268 -2.82 -38.99 -23.44
CA TYR B 268 -3.07 -37.77 -24.16
C TYR B 268 -1.76 -37.02 -24.38
N GLU B 269 -1.75 -36.25 -25.44
CA GLU B 269 -0.60 -35.44 -25.76
C GLU B 269 -1.04 -34.17 -26.47
N PHE B 270 -0.05 -33.30 -26.67
CA PHE B 270 -0.35 -32.05 -27.37
C PHE B 270 -0.31 -32.21 -28.88
N MET B 271 -1.11 -31.39 -29.59
CA MET B 271 -0.95 -31.32 -31.03
C MET B 271 0.34 -30.62 -31.42
N TRP B 272 1.18 -31.30 -32.19
CA TRP B 272 2.48 -30.74 -32.57
C TRP B 272 2.93 -31.46 -33.82
N ASN B 273 3.61 -30.71 -34.66
CA ASN B 273 4.29 -31.34 -35.78
C ASN B 273 5.56 -30.52 -36.06
N PRO B 274 6.52 -31.11 -36.77
CA PRO B 274 7.82 -30.43 -36.96
C PRO B 274 7.83 -29.29 -37.97
N HIS B 275 6.70 -29.02 -38.59
CA HIS B 275 6.55 -27.90 -39.51
C HIS B 275 5.86 -26.68 -38.88
N LEU B 276 4.78 -26.93 -38.19
CA LEU B 276 3.99 -25.88 -37.54
C LEU B 276 4.20 -25.79 -36.03
N GLY B 277 5.00 -26.68 -35.43
CA GLY B 277 5.12 -26.68 -33.97
C GLY B 277 3.78 -27.01 -33.35
N TYR B 278 3.49 -26.31 -32.23
CA TYR B 278 2.24 -26.53 -31.53
C TYR B 278 1.09 -26.00 -32.35
N ILE B 279 0.06 -26.81 -32.54
CA ILE B 279 -1.13 -26.47 -33.31
C ILE B 279 -2.11 -25.73 -32.43
N LEU B 280 -2.61 -24.60 -32.90
CA LEU B 280 -3.60 -23.76 -32.23
C LEU B 280 -4.61 -23.28 -33.25
N THR B 281 -5.70 -22.69 -32.71
CA THR B 281 -6.81 -22.28 -33.55
C THR B 281 -6.43 -21.25 -34.60
N CYS B 282 -5.73 -20.21 -34.21
CA CYS B 282 -5.39 -19.10 -35.08
C CYS B 282 -4.01 -19.29 -35.66
N PRO B 283 -3.86 -19.25 -36.98
CA PRO B 283 -2.55 -19.38 -37.61
C PRO B 283 -1.51 -18.40 -37.08
N SER B 284 -1.93 -17.25 -36.54
CA SER B 284 -0.98 -16.28 -35.98
C SER B 284 -0.24 -16.85 -34.78
N ASN B 285 -0.76 -17.88 -34.10
CA ASN B 285 -0.19 -18.38 -32.87
C ASN B 285 0.57 -19.69 -33.02
N LEU B 286 0.83 -20.14 -34.23
CA LEU B 286 1.51 -21.41 -34.42
C LEU B 286 2.97 -21.36 -34.00
N GLY B 287 3.62 -22.51 -34.06
CA GLY B 287 5.04 -22.64 -33.73
C GLY B 287 5.23 -22.82 -32.24
N THR B 288 5.46 -21.68 -31.60
CA THR B 288 5.58 -21.62 -30.16
C THR B 288 4.35 -21.09 -29.50
N GLY B 289 3.50 -20.35 -30.22
CA GLY B 289 2.42 -19.65 -29.57
C GLY B 289 2.84 -18.76 -28.43
N LEU B 290 4.10 -18.33 -28.37
CA LEU B 290 4.72 -17.72 -27.22
C LEU B 290 4.81 -16.21 -27.31
N ARG B 291 4.34 -15.59 -26.22
CA ARG B 291 4.50 -14.17 -26.02
C ARG B 291 5.20 -13.96 -24.67
N ALA B 292 6.46 -13.59 -24.69
CA ALA B 292 7.29 -13.29 -23.58
C ALA B 292 7.40 -11.76 -23.53
N GLY B 293 7.04 -11.19 -22.38
CA GLY B 293 7.07 -9.74 -22.37
C GLY B 293 7.35 -9.22 -20.99
N VAL B 294 7.54 -7.92 -20.99
CA VAL B 294 7.74 -7.13 -19.80
C VAL B 294 6.78 -5.97 -19.80
N HIS B 295 6.35 -5.57 -18.62
CA HIS B 295 5.73 -4.27 -18.42
C HIS B 295 6.87 -3.37 -18.01
N ILE B 296 7.19 -2.36 -18.79
CA ILE B 296 8.39 -1.57 -18.61
C ILE B 296 8.13 -0.09 -18.77
N LYS B 297 8.84 0.66 -17.93
CA LYS B 297 8.76 2.13 -17.91
C LYS B 297 9.77 2.74 -18.85
N LEU B 298 9.27 3.19 -20.00
CA LEU B 298 10.16 3.81 -21.01
C LEU B 298 9.55 5.12 -21.47
N PRO B 299 9.34 6.09 -20.59
CA PRO B 299 8.65 7.32 -20.98
C PRO B 299 9.40 8.11 -22.03
N ASN B 300 10.72 8.12 -21.97
CA ASN B 300 11.43 8.90 -23.00
C ASN B 300 11.45 8.17 -24.32
N LEU B 301 11.78 6.87 -24.37
CA LEU B 301 11.76 6.14 -25.63
C LEU B 301 10.39 6.19 -26.28
N GLY B 302 9.38 6.14 -25.40
CA GLY B 302 7.97 6.12 -25.81
C GLY B 302 7.65 7.31 -26.70
N LYS B 303 8.32 8.41 -26.42
CA LYS B 303 8.09 9.65 -27.19
C LYS B 303 9.09 9.81 -28.31
N HIS B 304 10.04 8.87 -28.41
CA HIS B 304 11.15 9.06 -29.33
C HIS B 304 10.78 8.66 -30.75
N GLU B 305 11.21 9.43 -31.76
CA GLU B 305 10.85 9.14 -33.14
C GLU B 305 11.30 7.77 -33.63
N LYS B 306 12.39 7.27 -33.06
CA LYS B 306 12.94 5.98 -33.46
C LYS B 306 12.51 4.76 -32.68
N PHE B 307 11.58 4.90 -31.74
CA PHE B 307 11.19 3.76 -30.93
C PHE B 307 10.64 2.63 -31.78
N GLY B 308 9.75 2.90 -32.73
CA GLY B 308 9.15 1.85 -33.55
C GLY B 308 10.22 1.11 -34.35
N GLU B 309 11.21 1.87 -34.83
CA GLU B 309 12.27 1.22 -35.61
C GLU B 309 13.18 0.37 -34.75
N VAL B 310 13.49 0.85 -33.54
CA VAL B 310 14.32 0.08 -32.63
C VAL B 310 13.59 -1.23 -32.35
N LEU B 311 12.30 -1.18 -32.00
CA LEU B 311 11.55 -2.42 -31.72
C LEU B 311 11.60 -3.38 -32.90
N LYS B 312 11.42 -2.83 -34.11
CA LYS B 312 11.46 -3.71 -35.28
C LYS B 312 12.82 -4.38 -35.46
N ARG B 313 13.91 -3.63 -35.33
CA ARG B 313 15.24 -4.21 -35.42
C ARG B 313 15.48 -5.32 -34.40
N LEU B 314 14.87 -5.18 -33.24
CA LEU B 314 15.02 -6.12 -32.15
C LEU B 314 14.02 -7.27 -32.20
N ARG B 315 13.13 -7.23 -33.16
CA ARG B 315 12.06 -8.18 -33.37
C ARG B 315 11.11 -8.21 -32.18
N LEU B 316 10.89 -7.03 -31.63
CA LEU B 316 9.94 -6.86 -30.55
C LEU B 316 8.74 -6.03 -31.00
N GLN B 317 7.74 -6.06 -30.12
CA GLN B 317 6.58 -5.19 -30.36
C GLN B 317 6.06 -4.68 -29.03
N LYS B 318 5.19 -3.68 -29.13
CA LYS B 318 4.66 -3.05 -27.94
C LYS B 318 3.14 -2.99 -28.02
N ARG B 319 2.59 -2.90 -26.84
CA ARG B 319 1.21 -2.55 -26.56
C ARG B 319 1.15 -1.78 -25.24
N GLY B 320 -0.02 -1.30 -24.85
CA GLY B 320 -0.07 -0.63 -23.53
C GLY B 320 -0.40 -1.74 -22.55
N THR B 321 -0.42 -1.50 -21.25
CA THR B 321 -0.84 -2.51 -20.29
C THR B 321 -2.37 -2.51 -20.16
N GLY B 322 -3.03 -3.35 -19.35
CA GLY B 322 -4.48 -3.21 -19.41
C GLY B 322 -5.39 -3.61 -18.27
N GLY B 323 -5.07 -4.65 -17.53
CA GLY B 323 -5.76 -5.23 -16.41
C GLY B 323 -6.60 -4.25 -15.60
N VAL B 324 -7.88 -4.50 -15.50
CA VAL B 324 -8.97 -3.77 -14.87
C VAL B 324 -8.93 -2.30 -15.33
N ASP B 325 -9.97 -1.54 -15.00
CA ASP B 325 -10.05 -0.13 -15.36
C ASP B 325 -9.69 0.76 -14.18
N THR B 326 -9.13 1.94 -14.45
CA THR B 326 -8.79 2.84 -13.35
C THR B 326 -8.38 4.23 -13.81
N ALA B 327 -7.23 4.31 -14.48
CA ALA B 327 -6.72 5.60 -14.94
C ALA B 327 -5.39 5.48 -15.68
N ALA B 328 -5.19 6.41 -16.60
CA ALA B 328 -4.03 6.57 -17.45
C ALA B 328 -2.73 6.20 -16.75
N VAL B 329 -1.79 5.60 -17.48
CA VAL B 329 -0.50 5.22 -16.93
C VAL B 329 0.62 5.64 -17.88
N GLY B 330 1.31 6.70 -17.47
CA GLY B 330 2.36 7.32 -18.22
C GLY B 330 3.59 6.50 -18.51
N GLY B 331 3.92 6.37 -19.80
CA GLY B 331 5.11 5.77 -20.33
C GLY B 331 5.37 4.33 -20.02
N VAL B 332 4.37 3.56 -19.63
CA VAL B 332 4.56 2.13 -19.37
C VAL B 332 4.05 1.32 -20.56
N PHE B 333 4.93 0.49 -21.09
CA PHE B 333 4.63 -0.34 -22.25
C PHE B 333 4.69 -1.83 -21.91
N ASP B 334 3.93 -2.63 -22.65
CA ASP B 334 4.04 -4.09 -22.60
C ASP B 334 4.86 -4.41 -23.85
N VAL B 335 6.10 -4.82 -23.65
CA VAL B 335 7.01 -5.13 -24.77
C VAL B 335 7.25 -6.62 -24.83
N SER B 336 7.10 -7.20 -26.04
CA SER B 336 7.22 -8.64 -26.17
C SER B 336 7.86 -8.99 -27.52
N ASN B 337 8.27 -10.25 -27.64
CA ASN B 337 8.72 -10.74 -28.92
C ASN B 337 7.60 -10.65 -29.96
N ALA B 338 7.91 -10.32 -31.21
CA ALA B 338 6.97 -10.29 -32.30
C ALA B 338 6.80 -11.65 -33.00
N ASP B 339 7.85 -12.47 -33.04
CA ASP B 339 7.83 -13.72 -33.79
C ASP B 339 7.18 -14.82 -32.97
N ARG B 340 6.70 -15.83 -33.69
CA ARG B 340 6.07 -17.00 -33.11
C ARG B 340 6.53 -18.32 -33.68
N LEU B 341 6.72 -18.40 -34.98
CA LEU B 341 6.97 -19.60 -35.76
C LEU B 341 8.31 -19.49 -36.48
N GLY B 342 9.12 -20.53 -36.44
CA GLY B 342 10.46 -20.52 -37.03
C GLY B 342 11.53 -20.04 -36.05
N PHE B 343 11.20 -19.74 -34.80
CA PHE B 343 12.11 -19.45 -33.73
C PHE B 343 11.73 -20.32 -32.53
N SER B 344 12.66 -20.86 -31.78
CA SER B 344 12.30 -21.66 -30.60
C SER B 344 11.94 -20.76 -29.42
N GLU B 345 11.33 -21.35 -28.40
CA GLU B 345 10.94 -20.60 -27.21
C GLU B 345 12.18 -19.94 -26.63
N VAL B 346 13.29 -20.68 -26.54
CA VAL B 346 14.51 -20.12 -25.99
C VAL B 346 14.96 -18.91 -26.80
N GLU B 347 14.93 -19.02 -28.13
CA GLU B 347 15.37 -17.90 -28.96
C GLU B 347 14.49 -16.68 -28.77
N LEU B 348 13.20 -16.93 -28.59
CA LEU B 348 12.28 -15.80 -28.42
C LEU B 348 12.48 -15.08 -27.11
N VAL B 349 12.63 -15.86 -26.03
CA VAL B 349 12.87 -15.18 -24.75
C VAL B 349 14.26 -14.56 -24.77
N GLN B 350 15.20 -15.13 -25.49
CA GLN B 350 16.55 -14.54 -25.55
C GLN B 350 16.46 -13.16 -26.22
N MET B 351 15.62 -13.08 -27.28
CA MET B 351 15.44 -11.80 -27.96
C MET B 351 14.80 -10.77 -27.00
N VAL B 352 13.88 -11.23 -26.13
CA VAL B 352 13.27 -10.24 -25.19
C VAL B 352 14.29 -9.79 -24.17
N VAL B 353 15.05 -10.75 -23.63
CA VAL B 353 16.05 -10.37 -22.63
C VAL B 353 17.06 -9.40 -23.21
N ASP B 354 17.65 -9.78 -24.34
CA ASP B 354 18.69 -8.96 -24.95
C ASP B 354 18.13 -7.62 -25.39
N GLY B 355 16.95 -7.62 -26.00
CA GLY B 355 16.36 -6.38 -26.47
C GLY B 355 15.98 -5.41 -25.38
N VAL B 356 15.39 -5.93 -24.30
CA VAL B 356 14.97 -5.06 -23.20
C VAL B 356 16.22 -4.45 -22.59
N LYS B 357 17.31 -5.24 -22.45
CA LYS B 357 18.50 -4.58 -21.90
C LYS B 357 18.94 -3.38 -22.73
N LEU B 358 18.90 -3.50 -24.05
CA LEU B 358 19.25 -2.36 -24.91
C LEU B 358 18.24 -1.23 -24.78
N LEU B 359 16.94 -1.52 -24.65
CA LEU B 359 15.93 -0.49 -24.47
C LEU B 359 16.24 0.30 -23.20
N ILE B 360 16.63 -0.40 -22.14
CA ILE B 360 16.91 0.33 -20.89
C ILE B 360 18.14 1.21 -21.03
N GLU B 361 19.15 0.70 -21.74
CA GLU B 361 20.34 1.54 -22.00
C GLU B 361 19.97 2.81 -22.75
N MET B 362 19.10 2.67 -23.74
CA MET B 362 18.66 3.84 -24.49
C MET B 362 17.85 4.79 -23.61
N GLU B 363 16.95 4.24 -22.80
CA GLU B 363 16.15 5.10 -21.95
C GLU B 363 17.02 5.91 -21.01
N LYS B 364 18.10 5.28 -20.52
CA LYS B 364 19.06 5.96 -19.62
C LYS B 364 19.79 7.09 -20.33
N ARG B 365 20.17 6.93 -21.56
CA ARG B 365 20.76 7.99 -22.37
C ARG B 365 19.77 9.13 -22.51
N LEU B 366 18.51 8.78 -22.83
CA LEU B 366 17.49 9.85 -23.02
C LEU B 366 17.20 10.60 -21.73
N GLU B 367 17.29 9.92 -20.59
CA GLU B 367 17.08 10.63 -19.33
C GLU B 367 18.07 11.79 -19.15
N LYS B 368 19.27 11.62 -19.72
CA LYS B 368 20.36 12.56 -19.61
C LYS B 368 20.37 13.49 -20.80
N GLY B 369 19.41 13.39 -21.71
CA GLY B 369 19.43 14.26 -22.89
C GLY B 369 20.49 13.87 -23.89
N GLN B 370 20.96 12.65 -23.90
CA GLN B 370 22.02 12.10 -24.74
C GLN B 370 21.39 11.43 -25.96
N SER B 371 22.15 11.44 -27.06
CA SER B 371 21.67 10.76 -28.27
C SER B 371 21.66 9.26 -28.11
N ILE B 372 20.86 8.52 -28.87
CA ILE B 372 20.88 7.06 -28.86
C ILE B 372 21.28 6.52 -30.22
N ASP B 373 21.72 7.41 -31.12
CA ASP B 373 22.08 7.04 -32.48
C ASP B 373 23.10 5.92 -32.53
N ASP B 374 24.09 5.97 -31.66
CA ASP B 374 25.13 4.95 -31.66
C ASP B 374 24.68 3.61 -31.10
N LEU B 375 23.50 3.58 -30.48
CA LEU B 375 23.02 2.33 -29.91
C LEU B 375 22.00 1.65 -30.82
N MET B 376 21.70 2.27 -31.96
CA MET B 376 20.75 1.68 -32.90
C MET B 376 21.26 0.29 -33.24
N PRO B 377 20.46 -0.75 -32.99
CA PRO B 377 20.97 -2.09 -33.28
C PRO B 377 20.87 -2.48 -34.75
N ALA B 378 21.69 -3.44 -35.15
CA ALA B 378 21.47 -3.97 -36.52
C ALA B 378 20.22 -4.86 -36.42
N GLN B 379 19.59 -5.01 -37.56
CA GLN B 379 18.39 -5.85 -37.66
C GLN B 379 18.70 -7.29 -37.33
N LYS B 380 17.90 -7.92 -36.45
CA LYS B 380 18.03 -9.31 -36.06
C LYS B 380 17.19 -10.23 -36.96
N PRO C 1 22.37 2.97 31.41
CA PRO C 1 22.66 3.92 30.32
C PRO C 1 24.14 4.31 30.35
N PHE C 2 24.53 5.09 29.38
CA PHE C 2 25.89 5.59 29.24
C PHE C 2 26.82 4.39 29.19
N SER C 3 28.05 4.59 29.67
CA SER C 3 29.01 3.50 29.55
C SER C 3 28.68 2.37 30.51
N ASN C 4 28.02 2.68 31.63
CA ASN C 4 27.83 1.69 32.69
C ASN C 4 26.98 0.53 32.22
N SER C 5 26.16 0.75 31.18
CA SER C 5 25.43 -0.33 30.54
C SER C 5 26.32 -1.53 30.29
N HIS C 6 27.55 -1.32 29.89
CA HIS C 6 28.48 -2.38 29.53
C HIS C 6 29.74 -2.34 30.37
N ASN C 7 29.58 -2.01 31.66
CA ASN C 7 30.66 -2.19 32.61
C ASN C 7 30.68 -3.68 32.93
N LEU C 8 31.63 -4.37 32.39
CA LEU C 8 31.80 -5.79 32.54
C LEU C 8 32.10 -6.19 33.98
N LEU C 9 32.65 -5.29 34.79
CA LEU C 9 33.04 -5.68 36.14
C LEU C 9 31.83 -5.96 37.04
N LYS C 10 30.60 -5.62 36.63
CA LYS C 10 29.46 -5.98 37.44
C LYS C 10 29.42 -7.48 37.78
N MET C 11 29.97 -8.30 36.88
CA MET C 11 29.89 -9.75 37.05
C MET C 11 30.73 -10.24 38.22
N LYS C 12 31.67 -9.43 38.69
CA LYS C 12 32.52 -9.80 39.81
C LYS C 12 31.88 -9.43 41.15
N TYR C 13 30.82 -8.67 41.14
CA TYR C 13 30.11 -8.23 42.34
C TYR C 13 28.89 -9.09 42.57
N SER C 14 28.52 -9.23 43.83
CA SER C 14 27.35 -10.03 44.15
C SER C 14 26.06 -9.29 43.86
N VAL C 15 24.98 -10.07 43.93
CA VAL C 15 23.64 -9.56 43.69
C VAL C 15 23.36 -8.43 44.69
N ASP C 16 23.69 -8.64 45.95
CA ASP C 16 23.41 -7.62 46.96
C ASP C 16 24.43 -6.48 46.90
N ASP C 17 25.63 -6.64 46.36
CA ASP C 17 26.56 -5.53 46.08
C ASP C 17 25.96 -4.55 45.07
N GLU C 18 25.25 -5.09 44.07
CA GLU C 18 24.72 -4.26 42.98
C GLU C 18 23.25 -3.88 43.15
N TYR C 19 22.47 -4.56 43.96
CA TYR C 19 21.04 -4.31 44.03
C TYR C 19 20.76 -2.86 44.40
N PRO C 20 19.94 -2.12 43.69
CA PRO C 20 19.73 -0.68 44.00
C PRO C 20 19.07 -0.50 45.37
N ASP C 21 19.29 0.65 45.95
CA ASP C 21 18.69 1.10 47.19
C ASP C 21 17.44 1.87 46.80
N LEU C 22 16.32 1.19 46.98
CA LEU C 22 15.03 1.77 46.63
C LEU C 22 14.16 2.10 47.82
N SER C 23 14.78 2.27 48.97
CA SER C 23 14.07 2.56 50.19
C SER C 23 13.22 3.81 50.26
N VAL C 24 13.45 4.84 49.47
CA VAL C 24 12.65 6.07 49.57
C VAL C 24 11.86 6.29 48.28
N HIS C 25 11.79 5.22 47.51
CA HIS C 25 11.21 5.28 46.17
C HIS C 25 9.73 4.94 46.10
N ASN C 26 9.05 5.64 45.22
CA ASN C 26 7.64 5.49 44.93
C ASN C 26 7.46 5.53 43.41
N ASN C 27 7.84 4.45 42.77
CA ASN C 27 7.61 4.39 41.31
C ASN C 27 7.30 2.91 41.01
N HIS C 28 6.71 2.58 39.87
CA HIS C 28 6.21 1.23 39.61
C HIS C 28 7.35 0.21 39.65
N MET C 29 8.48 0.59 39.05
CA MET C 29 9.62 -0.32 39.05
C MET C 29 9.99 -0.70 40.47
N ALA C 30 10.14 0.26 41.37
CA ALA C 30 10.58 0.03 42.73
C ALA C 30 9.58 -0.82 43.50
N LYS C 31 8.30 -0.74 43.13
CA LYS C 31 7.34 -1.55 43.85
C LYS C 31 7.51 -3.04 43.56
N VAL C 32 8.01 -3.36 42.38
CA VAL C 32 8.12 -4.69 41.83
C VAL C 32 9.50 -5.31 42.06
N LEU C 33 10.55 -4.50 41.96
CA LEU C 33 11.89 -5.02 42.09
C LEU C 33 12.06 -5.57 43.51
N THR C 34 12.58 -6.77 43.57
CA THR C 34 12.98 -7.46 44.77
C THR C 34 14.40 -7.95 44.53
N LEU C 35 15.10 -8.28 45.61
CA LEU C 35 16.44 -8.83 45.47
C LEU C 35 16.39 -10.09 44.62
N ASP C 36 15.38 -10.92 44.84
CA ASP C 36 15.24 -12.17 44.09
C ASP C 36 15.11 -11.91 42.60
N LEU C 37 14.25 -10.94 42.25
CA LEU C 37 14.06 -10.62 40.83
C LEU C 37 15.30 -10.00 40.20
N TYR C 38 15.99 -9.18 40.98
CA TYR C 38 17.24 -8.59 40.50
C TYR C 38 18.25 -9.70 40.22
N LYS C 39 18.37 -10.66 41.10
CA LYS C 39 19.28 -11.77 40.95
C LYS C 39 18.98 -12.56 39.68
N LYS C 40 17.69 -12.76 39.47
CA LYS C 40 17.21 -13.53 38.33
C LYS C 40 17.50 -12.87 36.98
N LEU C 41 17.37 -11.55 36.93
CA LEU C 41 17.49 -10.86 35.65
C LEU C 41 18.80 -10.11 35.42
N ARG C 42 19.65 -9.98 36.43
CA ARG C 42 20.80 -9.10 36.27
C ARG C 42 21.85 -9.65 35.33
N ASP C 43 21.81 -10.92 34.93
CA ASP C 43 22.85 -11.46 34.05
C ASP C 43 22.33 -11.58 32.61
N ARG C 44 21.10 -11.10 32.40
CA ARG C 44 20.50 -11.20 31.08
C ARG C 44 20.81 -9.94 30.27
N GLN C 45 20.81 -10.07 28.97
CA GLN C 45 20.96 -8.92 28.07
C GLN C 45 20.20 -9.18 26.79
N THR C 46 19.64 -8.13 26.21
CA THR C 46 19.05 -8.28 24.91
C THR C 46 20.16 -8.39 23.85
N SER C 47 19.74 -8.68 22.60
CA SER C 47 20.72 -8.87 21.53
C SER C 47 21.51 -7.60 21.26
N SER C 48 20.98 -6.43 21.58
CA SER C 48 21.70 -5.19 21.44
C SER C 48 22.51 -4.78 22.69
N GLY C 49 22.48 -5.58 23.74
CA GLY C 49 23.21 -5.29 24.95
C GLY C 49 22.48 -4.53 26.02
N PHE C 50 21.14 -4.38 25.89
CA PHE C 50 20.41 -3.69 26.91
C PHE C 50 20.25 -4.60 28.12
N THR C 51 20.47 -4.08 29.30
CA THR C 51 20.48 -4.81 30.58
C THR C 51 19.39 -4.35 31.54
N LEU C 52 19.21 -5.13 32.59
CA LEU C 52 18.25 -4.79 33.63
C LEU C 52 18.63 -3.44 34.25
N ASP C 53 19.93 -3.23 34.46
CA ASP C 53 20.36 -1.96 35.06
C ASP C 53 19.96 -0.83 34.14
N ASP C 54 20.06 -0.98 32.84
CA ASP C 54 19.62 -0.01 31.86
C ASP C 54 18.11 0.24 31.91
N VAL C 55 17.35 -0.87 32.05
CA VAL C 55 15.91 -0.73 32.19
C VAL C 55 15.52 0.14 33.37
N ILE C 56 16.14 -0.09 34.51
CA ILE C 56 15.68 0.51 35.76
C ILE C 56 16.35 1.82 36.15
N GLN C 57 17.39 2.25 35.44
CA GLN C 57 18.18 3.35 35.94
C GLN C 57 17.35 4.59 36.26
N THR C 58 16.40 4.94 35.36
CA THR C 58 15.64 6.16 35.62
C THR C 58 14.84 6.03 36.93
N GLY C 59 14.30 4.86 37.28
CA GLY C 59 13.59 4.66 38.51
C GLY C 59 14.49 4.59 39.75
N VAL C 60 15.77 4.28 39.58
CA VAL C 60 16.73 4.36 40.65
C VAL C 60 17.03 5.83 40.98
N ASP C 61 17.29 6.58 39.93
CA ASP C 61 17.71 7.96 40.02
C ASP C 61 16.58 8.90 40.43
N ASN C 62 15.35 8.57 40.12
CA ASN C 62 14.18 9.40 40.35
C ASN C 62 13.19 8.69 41.25
N PRO C 63 13.29 8.87 42.57
CA PRO C 63 12.45 8.11 43.46
C PRO C 63 10.98 8.36 43.23
N GLY C 64 10.57 9.50 42.73
CA GLY C 64 9.17 9.80 42.50
C GLY C 64 8.73 10.83 43.53
N HIS C 65 7.44 11.12 43.52
CA HIS C 65 6.85 12.03 44.51
C HIS C 65 5.69 11.28 45.14
N PRO C 66 5.17 11.69 46.28
CA PRO C 66 4.12 10.92 46.97
C PRO C 66 2.71 11.16 46.46
N PHE C 67 2.54 11.61 45.23
CA PHE C 67 1.24 11.81 44.61
C PHE C 67 1.13 11.76 43.09
N ILE C 68 2.18 11.66 42.30
CA ILE C 68 2.20 11.54 40.86
C ILE C 68 2.97 10.23 40.61
N MET C 69 2.35 9.18 40.09
CA MET C 69 3.09 7.95 39.99
C MET C 69 3.85 7.84 38.68
N THR C 70 5.13 7.47 38.78
CA THR C 70 5.98 7.30 37.61
C THR C 70 6.33 5.82 37.41
N VAL C 71 6.61 5.46 36.17
CA VAL C 71 6.88 4.08 35.83
C VAL C 71 8.23 3.63 36.34
N GLY C 72 9.24 4.49 36.20
CA GLY C 72 10.55 4.15 36.70
C GLY C 72 11.38 3.16 35.94
N CYS C 73 11.01 2.90 34.69
CA CYS C 73 11.78 2.01 33.84
C CYS C 73 11.52 2.32 32.37
N VAL C 74 12.43 1.86 31.52
CA VAL C 74 12.31 2.03 30.11
C VAL C 74 12.77 0.80 29.36
N ALA C 75 12.26 0.69 28.14
CA ALA C 75 12.79 -0.29 27.20
C ALA C 75 13.88 0.34 26.35
N GLY C 76 14.83 -0.46 25.91
CA GLY C 76 15.89 0.01 25.04
C GLY C 76 15.89 -0.51 23.63
N ASP C 77 14.99 -1.45 23.36
CA ASP C 77 14.82 -2.13 22.09
C ASP C 77 13.55 -2.98 22.22
N GLU C 78 13.16 -3.60 21.11
CA GLU C 78 11.89 -4.34 21.13
C GLU C 78 11.94 -5.55 22.07
N GLU C 79 13.08 -6.26 22.04
CA GLU C 79 13.29 -7.44 22.88
C GLU C 79 13.20 -7.15 24.38
N SER C 80 13.40 -5.90 24.80
CA SER C 80 13.44 -5.59 26.23
C SER C 80 12.19 -6.07 26.98
N TYR C 81 11.03 -5.92 26.34
CA TYR C 81 9.76 -6.30 26.95
C TYR C 81 9.66 -7.81 27.12
N GLU C 82 10.36 -8.64 26.35
CA GLU C 82 10.39 -10.08 26.44
C GLU C 82 11.45 -10.54 27.43
N VAL C 83 12.67 -10.03 27.22
CA VAL C 83 13.80 -10.46 28.04
C VAL C 83 13.63 -10.13 29.53
N PHE C 84 13.02 -8.97 29.77
CA PHE C 84 12.76 -8.48 31.12
C PHE C 84 11.29 -8.50 31.50
N LYS C 85 10.54 -9.42 30.88
CA LYS C 85 9.11 -9.44 31.14
C LYS C 85 8.78 -9.64 32.63
N GLU C 86 9.63 -10.33 33.39
CA GLU C 86 9.28 -10.56 34.80
C GLU C 86 9.27 -9.24 35.57
N LEU C 87 9.92 -8.18 35.03
CA LEU C 87 9.83 -6.87 35.63
C LEU C 87 8.71 -6.09 34.93
N PHE C 88 8.73 -6.03 33.60
CA PHE C 88 7.75 -5.18 32.92
C PHE C 88 6.32 -5.64 33.11
N ASP C 89 6.07 -6.95 33.16
CA ASP C 89 4.68 -7.39 33.21
C ASP C 89 3.98 -6.91 34.46
N PRO C 90 4.54 -7.05 35.64
CA PRO C 90 3.85 -6.48 36.82
C PRO C 90 3.82 -4.95 36.77
N VAL C 91 4.81 -4.27 36.22
CA VAL C 91 4.77 -2.82 36.11
C VAL C 91 3.59 -2.41 35.25
N ILE C 92 3.44 -3.11 34.13
CA ILE C 92 2.33 -2.82 33.21
C ILE C 92 0.98 -3.10 33.82
N GLU C 93 0.86 -4.20 34.57
CA GLU C 93 -0.41 -4.51 35.23
C GLU C 93 -0.79 -3.42 36.21
N ASP C 94 0.18 -2.87 36.94
CA ASP C 94 -0.08 -1.84 37.93
C ASP C 94 -0.37 -0.50 37.28
N ARG C 95 0.43 -0.09 36.29
CA ARG C 95 0.22 1.19 35.59
C ARG C 95 -1.03 1.24 34.74
N HIS C 96 -1.43 0.09 34.17
CA HIS C 96 -2.52 0.02 33.22
C HIS C 96 -3.77 -0.70 33.71
N GLY C 97 -4.09 -0.44 34.97
CA GLY C 97 -5.30 -0.78 35.65
C GLY C 97 -5.66 -2.24 35.65
N GLY C 98 -4.64 -3.09 35.80
CA GLY C 98 -4.90 -4.51 35.85
C GLY C 98 -4.67 -5.27 34.57
N TYR C 99 -4.03 -4.63 33.57
CA TYR C 99 -3.76 -5.30 32.32
C TYR C 99 -2.79 -6.43 32.57
N LYS C 100 -3.26 -7.64 32.34
CA LYS C 100 -2.49 -8.85 32.65
C LYS C 100 -1.65 -9.37 31.51
N PRO C 101 -0.66 -10.19 31.83
CA PRO C 101 0.14 -10.77 30.75
C PRO C 101 -0.71 -11.53 29.72
N THR C 102 -1.85 -12.02 30.15
CA THR C 102 -2.75 -12.81 29.34
C THR C 102 -3.79 -11.96 28.63
N ASP C 103 -3.67 -10.63 28.67
CA ASP C 103 -4.67 -9.84 27.96
C ASP C 103 -4.18 -9.50 26.56
N GLU C 104 -5.09 -9.24 25.62
CA GLU C 104 -4.79 -8.84 24.25
C GLU C 104 -5.09 -7.36 24.04
N HIS C 105 -4.28 -6.72 23.22
CA HIS C 105 -4.46 -5.36 22.79
C HIS C 105 -4.96 -5.33 21.34
N LYS C 106 -6.09 -4.69 21.10
CA LYS C 106 -6.59 -4.48 19.76
C LYS C 106 -6.33 -3.08 19.24
N THR C 107 -5.74 -3.04 18.05
CA THR C 107 -5.52 -1.79 17.33
C THR C 107 -6.70 -1.56 16.39
N ASP C 108 -7.18 -0.33 16.29
CA ASP C 108 -8.22 0.04 15.36
C ASP C 108 -8.00 1.48 14.89
N LEU C 109 -7.42 1.57 13.70
CA LEU C 109 -7.16 2.85 13.06
C LEU C 109 -8.14 3.05 11.91
N ASN C 110 -9.39 2.55 12.05
CA ASN C 110 -10.43 2.81 11.06
C ASN C 110 -11.31 3.93 11.62
N ALA C 111 -11.07 5.14 11.12
CA ALA C 111 -11.77 6.31 11.65
C ALA C 111 -13.27 6.24 11.38
N ASP C 112 -13.69 5.48 10.38
CA ASP C 112 -15.13 5.35 10.11
C ASP C 112 -15.85 4.70 11.29
N ASN C 113 -15.12 4.01 12.15
CA ASN C 113 -15.72 3.38 13.34
C ASN C 113 -15.99 4.35 14.46
N LEU C 114 -15.50 5.58 14.32
CA LEU C 114 -15.83 6.58 15.35
C LEU C 114 -17.23 7.11 15.07
N GLN C 115 -18.04 7.28 16.11
CA GLN C 115 -19.41 7.75 15.97
C GLN C 115 -19.52 9.20 16.45
N GLY C 116 -19.96 10.04 15.51
CA GLY C 116 -20.07 11.47 15.82
C GLY C 116 -18.69 12.09 15.93
N GLY C 117 -18.66 13.16 16.72
CA GLY C 117 -17.42 13.86 16.97
C GLY C 117 -17.08 14.88 15.91
N ASP C 118 -17.96 15.15 14.94
CA ASP C 118 -17.65 16.13 13.92
C ASP C 118 -17.96 17.58 14.32
N ASP C 119 -18.63 17.73 15.44
CA ASP C 119 -19.04 19.06 15.88
C ASP C 119 -19.11 19.23 17.39
N LEU C 120 -17.99 18.95 18.07
CA LEU C 120 -17.91 19.30 19.50
C LEU C 120 -18.13 20.78 19.61
N ASP C 121 -18.97 21.24 20.53
CA ASP C 121 -19.41 22.64 20.57
C ASP C 121 -18.27 23.65 20.58
N PRO C 122 -18.18 24.45 19.52
CA PRO C 122 -17.05 25.39 19.39
C PRO C 122 -17.13 26.53 20.39
N ASN C 123 -18.25 26.65 21.12
CA ASN C 123 -18.22 27.70 22.12
C ASN C 123 -17.40 27.22 23.32
N TYR C 124 -17.09 25.92 23.34
CA TYR C 124 -16.33 25.32 24.43
C TYR C 124 -15.01 24.74 23.94
N VAL C 125 -15.01 24.01 22.82
CA VAL C 125 -13.81 23.33 22.38
C VAL C 125 -13.09 24.28 21.42
N LEU C 126 -11.89 24.67 21.85
CA LEU C 126 -11.02 25.58 21.12
C LEU C 126 -10.18 24.87 20.07
N SER C 127 -9.76 23.66 20.37
CA SER C 127 -8.93 22.88 19.45
C SER C 127 -9.02 21.41 19.85
N SER C 128 -8.69 20.56 18.91
CA SER C 128 -8.78 19.11 18.99
C SER C 128 -7.51 18.48 18.45
N ARG C 129 -7.03 17.47 19.16
CA ARG C 129 -5.79 16.86 18.72
C ARG C 129 -5.73 15.38 19.05
N VAL C 130 -4.99 14.63 18.25
CA VAL C 130 -4.75 13.22 18.49
C VAL C 130 -3.26 12.97 18.25
N ARG C 131 -2.59 12.38 19.24
CA ARG C 131 -1.13 12.16 19.21
C ARG C 131 -0.82 10.70 19.51
N THR C 132 0.25 10.20 18.90
CA THR C 132 0.76 8.90 19.25
C THR C 132 2.26 8.91 19.03
N GLY C 133 2.91 7.78 19.29
CA GLY C 133 4.30 7.56 19.00
C GLY C 133 4.45 6.20 18.30
N ARG C 134 5.54 6.02 17.57
CA ARG C 134 5.87 4.79 16.89
C ARG C 134 7.38 4.57 16.97
N SER C 135 7.75 3.31 16.89
CA SER C 135 9.10 2.81 16.81
C SER C 135 9.24 2.01 15.52
N ILE C 136 10.40 2.12 14.91
CA ILE C 136 10.77 1.40 13.71
C ILE C 136 11.50 0.12 14.11
N ARG C 137 10.93 -1.02 13.76
CA ARG C 137 11.52 -2.32 14.03
C ARG C 137 12.92 -2.42 13.47
N GLY C 138 13.80 -3.02 14.26
CA GLY C 138 15.16 -3.29 13.89
C GLY C 138 16.17 -2.29 14.42
N PHE C 139 15.68 -1.29 15.12
CA PHE C 139 16.50 -0.24 15.72
C PHE C 139 16.28 -0.17 17.21
N CYS C 140 17.32 0.15 17.96
CA CYS C 140 17.17 0.40 19.37
C CYS C 140 16.38 1.67 19.63
N LEU C 141 15.77 1.72 20.80
CA LEU C 141 14.96 2.87 21.24
C LEU C 141 15.87 3.99 21.74
N PRO C 142 15.35 5.21 21.88
CA PRO C 142 16.21 6.34 22.25
C PRO C 142 17.08 6.18 23.47
N PRO C 143 16.74 5.47 24.56
CA PRO C 143 17.75 5.34 25.63
C PRO C 143 19.03 4.71 25.18
N HIS C 144 19.02 3.91 24.10
CA HIS C 144 20.15 3.07 23.75
C HIS C 144 20.66 3.21 22.36
N CYS C 145 19.90 3.80 21.43
CA CYS C 145 20.29 3.83 20.04
C CYS C 145 21.59 4.57 19.80
N SER C 146 22.37 4.04 18.88
CA SER C 146 23.62 4.68 18.50
C SER C 146 23.38 5.87 17.60
N ARG C 147 24.41 6.72 17.46
CA ARG C 147 24.28 7.79 16.51
C ARG C 147 23.91 7.26 15.12
N GLY C 148 24.52 6.17 14.70
CA GLY C 148 24.31 5.56 13.40
C GLY C 148 22.87 5.11 13.24
N GLU C 149 22.32 4.43 14.28
CA GLU C 149 20.92 4.02 14.26
C GLU C 149 20.00 5.22 14.15
N ARG C 150 20.29 6.23 14.96
CA ARG C 150 19.43 7.41 14.97
C ARG C 150 19.41 8.13 13.61
N ARG C 151 20.58 8.23 12.99
CA ARG C 151 20.68 8.82 11.66
C ARG C 151 19.94 7.97 10.61
N ALA C 152 19.98 6.65 10.75
CA ALA C 152 19.26 5.78 9.82
C ALA C 152 17.76 6.03 9.94
N ILE C 153 17.28 6.13 11.20
CA ILE C 153 15.86 6.40 11.42
C ILE C 153 15.43 7.74 10.82
N GLU C 154 16.26 8.74 11.00
CA GLU C 154 16.02 10.05 10.44
C GLU C 154 15.91 9.97 8.92
N LYS C 155 16.86 9.29 8.29
CA LYS C 155 16.87 9.20 6.84
C LYS C 155 15.63 8.51 6.28
N LEU C 156 15.25 7.39 6.91
CA LEU C 156 14.07 6.69 6.44
C LEU C 156 12.82 7.50 6.69
N SER C 157 12.74 8.19 7.82
CA SER C 157 11.56 9.00 8.14
C SER C 157 11.46 10.18 7.19
N VAL C 158 12.53 10.91 6.91
CA VAL C 158 12.48 12.04 5.98
C VAL C 158 12.06 11.63 4.60
N GLU C 159 12.59 10.47 4.16
CA GLU C 159 12.20 9.95 2.84
C GLU C 159 10.71 9.65 2.75
N ALA C 160 10.22 8.94 3.75
CA ALA C 160 8.79 8.64 3.74
C ALA C 160 7.96 9.92 3.80
N LEU C 161 8.21 10.82 4.75
CA LEU C 161 7.43 12.03 4.88
C LEU C 161 7.53 12.85 3.60
N GLY C 162 8.66 12.79 2.90
CA GLY C 162 8.85 13.50 1.66
C GLY C 162 8.01 13.00 0.50
N SER C 163 7.48 11.78 0.67
CA SER C 163 6.63 11.18 -0.35
C SER C 163 5.16 11.52 -0.10
N LEU C 164 4.82 12.07 1.06
CA LEU C 164 3.43 12.48 1.30
C LEU C 164 3.08 13.65 0.42
N GLY C 165 1.84 13.66 -0.03
CA GLY C 165 1.35 14.67 -0.93
C GLY C 165 -0.05 15.14 -0.61
N GLY C 166 -0.55 16.07 -1.42
CA GLY C 166 -1.87 16.60 -1.27
C GLY C 166 -2.01 17.26 0.10
N ASP C 167 -3.01 16.87 0.86
CA ASP C 167 -3.28 17.49 2.17
C ASP C 167 -2.08 17.31 3.08
N LEU C 168 -1.30 16.27 2.82
CA LEU C 168 -0.17 15.95 3.69
C LEU C 168 1.16 16.38 3.11
N LYS C 169 1.21 17.11 2.00
CA LYS C 169 2.51 17.63 1.53
C LYS C 169 3.10 18.50 2.63
N GLY C 170 4.41 18.32 2.89
CA GLY C 170 5.03 19.10 3.96
C GLY C 170 6.50 19.40 3.69
N LYS C 171 7.17 19.69 4.79
CA LYS C 171 8.54 20.14 4.86
C LYS C 171 9.21 19.68 6.15
N TYR C 172 10.49 19.33 6.03
CA TYR C 172 11.29 18.88 7.14
C TYR C 172 12.26 19.96 7.60
N TYR C 173 12.33 20.09 8.92
CA TYR C 173 13.24 21.01 9.55
C TYR C 173 14.16 20.28 10.53
N ALA C 174 15.42 20.08 10.18
CA ALA C 174 16.37 19.44 11.04
C ALA C 174 16.80 20.37 12.15
N LEU C 175 16.84 19.89 13.38
CA LEU C 175 17.25 20.79 14.44
C LEU C 175 18.67 21.31 14.21
N ARG C 176 19.52 20.49 13.61
CA ARG C 176 20.92 20.91 13.55
C ARG C 176 21.19 22.12 12.67
N ASN C 177 20.27 22.36 11.71
CA ASN C 177 20.56 23.57 10.92
C ASN C 177 19.37 24.50 10.74
N MET C 178 18.43 24.37 11.66
CA MET C 178 17.31 25.25 11.80
C MET C 178 17.73 26.72 11.91
N THR C 179 17.11 27.62 11.13
CA THR C 179 17.51 29.01 11.29
C THR C 179 16.75 29.62 12.46
N ASP C 180 17.15 30.77 12.98
CA ASP C 180 16.42 31.49 14.01
C ASP C 180 14.99 31.80 13.55
N ALA C 181 14.81 32.25 12.30
CA ALA C 181 13.46 32.50 11.79
C ALA C 181 12.64 31.21 11.74
N GLU C 182 13.18 30.07 11.25
CA GLU C 182 12.40 28.84 11.24
C GLU C 182 12.07 28.42 12.67
N GLN C 183 13.02 28.54 13.60
CA GLN C 183 12.80 28.19 15.00
C GLN C 183 11.68 29.02 15.62
N GLN C 184 11.70 30.34 15.41
CA GLN C 184 10.64 31.20 15.89
C GLN C 184 9.27 30.91 15.28
N GLN C 185 9.26 30.55 14.00
CA GLN C 185 7.99 30.21 13.34
C GLN C 185 7.44 28.91 13.92
N LEU C 186 8.28 27.92 14.12
CA LEU C 186 7.80 26.69 14.77
C LEU C 186 7.35 26.93 16.19
N ILE C 187 7.99 27.86 16.89
CA ILE C 187 7.46 28.19 18.24
C ILE C 187 6.11 28.86 18.12
N ASP C 188 5.98 29.79 17.20
CA ASP C 188 4.70 30.43 16.94
C ASP C 188 3.61 29.42 16.60
N ASP C 189 3.95 28.30 15.97
CA ASP C 189 3.01 27.25 15.61
C ASP C 189 2.82 26.23 16.72
N HIS C 190 3.59 26.30 17.78
CA HIS C 190 3.54 25.30 18.85
C HIS C 190 4.00 23.92 18.33
N PHE C 191 4.94 23.95 17.40
CA PHE C 191 5.49 22.76 16.80
C PHE C 191 6.91 22.43 17.24
N LEU C 192 7.64 23.32 17.91
CA LEU C 192 9.01 23.05 18.28
C LEU C 192 9.14 22.18 19.51
N PHE C 193 10.17 21.33 19.51
CA PHE C 193 10.56 20.62 20.72
C PHE C 193 12.01 21.03 21.03
N ASP C 194 12.38 21.04 22.29
CA ASP C 194 13.63 21.47 22.87
C ASP C 194 14.41 20.24 23.33
N LYS C 195 15.67 20.32 23.71
CA LYS C 195 16.34 19.23 24.39
C LYS C 195 15.55 18.89 25.64
N PRO C 196 15.30 17.65 25.97
CA PRO C 196 14.58 17.37 27.22
C PRO C 196 15.31 17.93 28.41
N VAL C 197 14.52 18.38 29.37
CA VAL C 197 14.98 18.79 30.67
C VAL C 197 14.44 17.87 31.75
N SER C 198 13.53 16.98 31.45
CA SER C 198 13.05 16.12 32.53
C SER C 198 14.13 15.19 33.06
N PRO C 199 14.30 15.14 34.37
CA PRO C 199 15.27 14.18 34.91
C PRO C 199 14.87 12.72 34.68
N LEU C 200 13.59 12.46 34.49
CA LEU C 200 13.12 11.09 34.22
C LEU C 200 13.66 10.62 32.88
N LEU C 201 13.66 11.52 31.88
CA LEU C 201 14.19 11.25 30.58
C LEU C 201 15.71 11.28 30.55
N LEU C 202 16.32 12.31 31.09
CA LEU C 202 17.76 12.44 31.03
C LEU C 202 18.46 11.24 31.63
N ALA C 203 17.95 10.71 32.73
CA ALA C 203 18.56 9.60 33.43
C ALA C 203 18.59 8.33 32.61
N SER C 204 17.79 8.24 31.54
CA SER C 204 17.69 7.06 30.71
C SER C 204 18.71 7.05 29.58
N GLY C 205 19.45 8.13 29.37
CA GLY C 205 20.44 8.25 28.29
C GLY C 205 19.83 8.74 27.02
N MET C 206 18.55 9.10 26.98
CA MET C 206 17.96 9.37 25.66
C MET C 206 18.37 10.69 25.02
N ALA C 207 18.98 11.60 25.75
CA ALA C 207 19.33 12.91 25.20
C ALA C 207 20.73 13.01 24.65
N ARG C 208 21.40 11.88 24.49
CA ARG C 208 22.73 11.85 23.93
C ARG C 208 22.79 12.47 22.52
N ASP C 209 23.90 13.09 22.22
CA ASP C 209 24.30 13.64 20.93
C ASP C 209 23.38 14.74 20.46
N TRP C 210 22.57 15.35 21.35
CA TRP C 210 21.61 16.35 20.94
C TRP C 210 22.28 17.51 20.22
N PRO C 211 21.77 18.03 19.13
CA PRO C 211 20.54 17.69 18.43
C PRO C 211 20.66 16.74 17.24
N ASP C 212 21.73 15.97 17.18
CA ASP C 212 22.04 15.13 16.03
C ASP C 212 20.88 14.21 15.65
N ALA C 213 20.42 14.26 14.41
CA ALA C 213 19.39 13.43 13.82
C ALA C 213 18.01 13.65 14.40
N ARG C 214 17.78 14.78 15.09
CA ARG C 214 16.47 15.17 15.51
C ARG C 214 15.89 16.19 14.55
N GLY C 215 14.55 16.09 14.35
CA GLY C 215 13.93 17.00 13.41
C GLY C 215 12.43 17.08 13.58
N ILE C 216 11.86 18.02 12.87
CA ILE C 216 10.44 18.35 12.89
C ILE C 216 9.90 18.39 11.47
N TRP C 217 8.83 17.73 11.14
CA TRP C 217 8.16 17.75 9.86
C TRP C 217 6.73 18.18 10.09
N HIS C 218 6.20 19.03 9.21
CA HIS C 218 4.76 19.30 9.30
C HIS C 218 4.25 19.55 7.87
N ASN C 219 2.93 19.33 7.74
CA ASN C 219 2.29 19.59 6.44
C ASN C 219 2.09 21.09 6.31
N ASP C 220 1.93 21.49 5.05
CA ASP C 220 1.77 22.92 4.73
C ASP C 220 0.52 23.48 5.41
N ASN C 221 -0.52 22.64 5.55
CA ASN C 221 -1.74 23.15 6.21
C ASN C 221 -1.62 23.27 7.73
N LYS C 222 -0.55 22.80 8.32
CA LYS C 222 -0.27 22.81 9.73
C LYS C 222 -1.33 22.09 10.56
N THR C 223 -1.73 20.93 10.04
CA THR C 223 -2.67 20.04 10.70
C THR C 223 -2.10 18.65 11.01
N PHE C 224 -0.86 18.39 10.60
CA PHE C 224 -0.22 17.12 10.82
C PHE C 224 1.25 17.40 11.06
N LEU C 225 1.73 16.94 12.20
CA LEU C 225 3.06 17.19 12.71
C LEU C 225 3.75 15.89 13.11
N VAL C 226 5.06 15.81 12.79
CA VAL C 226 5.86 14.65 13.16
C VAL C 226 7.19 15.13 13.75
N TRP C 227 7.50 14.57 14.91
CA TRP C 227 8.76 14.78 15.58
C TRP C 227 9.59 13.53 15.43
N ILE C 228 10.85 13.67 15.03
CA ILE C 228 11.76 12.56 14.77
C ILE C 228 12.85 12.50 15.82
N ASN C 229 13.00 11.32 16.45
CA ASN C 229 14.09 10.98 17.35
C ASN C 229 14.11 11.81 18.63
N GLU C 230 12.95 12.20 19.14
CA GLU C 230 12.86 12.85 20.47
C GLU C 230 12.64 11.75 21.49
N GLU C 231 11.51 11.62 22.15
CA GLU C 231 11.26 10.61 23.16
C GLU C 231 11.10 9.21 22.57
N ASP C 232 10.64 9.15 21.33
CA ASP C 232 10.50 7.88 20.58
C ASP C 232 10.98 8.15 19.16
N HIS C 233 11.10 7.09 18.34
CA HIS C 233 11.56 7.33 16.98
C HIS C 233 10.69 8.36 16.26
N LEU C 234 9.38 8.19 16.41
CA LEU C 234 8.41 9.10 15.81
C LEU C 234 7.32 9.47 16.82
N ARG C 235 6.95 10.76 16.77
CA ARG C 235 5.74 11.22 17.46
C ARG C 235 4.89 11.86 16.36
N VAL C 236 3.63 11.46 16.30
CA VAL C 236 2.74 11.87 15.21
C VAL C 236 1.51 12.53 15.83
N ILE C 237 1.24 13.76 15.38
CA ILE C 237 0.17 14.56 15.94
C ILE C 237 -0.69 15.15 14.83
N SER C 238 -2.00 14.94 14.95
CA SER C 238 -3.00 15.56 14.08
C SER C 238 -3.76 16.59 14.89
N MET C 239 -3.99 17.75 14.33
CA MET C 239 -4.69 18.77 15.10
C MET C 239 -5.42 19.76 14.17
N GLN C 240 -6.49 20.30 14.71
CA GLN C 240 -7.30 21.31 14.10
C GLN C 240 -7.82 22.27 15.18
N LYS C 241 -7.94 23.55 14.85
CA LYS C 241 -8.70 24.49 15.64
C LYS C 241 -10.16 24.01 15.57
N GLY C 242 -10.91 24.24 16.65
CA GLY C 242 -12.32 23.86 16.71
C GLY C 242 -12.53 22.45 17.22
N GLY C 243 -13.74 21.96 16.96
CA GLY C 243 -14.26 20.76 17.50
C GLY C 243 -14.55 19.62 16.59
N ASN C 244 -14.00 19.58 15.39
CA ASN C 244 -14.24 18.43 14.53
C ASN C 244 -13.14 17.35 14.76
N MET C 245 -13.38 16.65 15.87
CA MET C 245 -12.47 15.59 16.27
C MET C 245 -12.48 14.46 15.26
N LYS C 246 -13.66 14.23 14.66
CA LYS C 246 -13.71 13.24 13.59
C LYS C 246 -12.76 13.59 12.46
N GLU C 247 -12.70 14.81 11.96
CA GLU C 247 -11.75 15.15 10.90
C GLU C 247 -10.31 14.97 11.40
N VAL C 248 -10.01 15.37 12.62
CA VAL C 248 -8.68 15.22 13.17
C VAL C 248 -8.29 13.76 13.22
N PHE C 249 -9.19 12.91 13.67
CA PHE C 249 -8.86 11.48 13.79
C PHE C 249 -8.75 10.86 12.42
N THR C 250 -9.61 11.27 11.47
CA THR C 250 -9.51 10.76 10.10
C THR C 250 -8.15 11.07 9.52
N ARG C 251 -7.68 12.30 9.69
CA ARG C 251 -6.34 12.64 9.17
C ARG C 251 -5.24 11.86 9.87
N PHE C 252 -5.36 11.72 11.18
CA PHE C 252 -4.41 10.91 11.97
C PHE C 252 -4.27 9.51 11.41
N CYS C 253 -5.42 8.85 11.18
CA CYS C 253 -5.43 7.48 10.68
C CYS C 253 -4.82 7.36 9.30
N THR C 254 -5.24 8.24 8.40
CA THR C 254 -4.71 8.09 7.04
C THR C 254 -3.25 8.51 6.98
N GLY C 255 -2.81 9.50 7.73
CA GLY C 255 -1.40 9.81 7.73
C GLY C 255 -0.60 8.65 8.25
N LEU C 256 -1.02 8.02 9.36
CA LEU C 256 -0.26 6.86 9.85
C LEU C 256 -0.23 5.72 8.84
N THR C 257 -1.38 5.44 8.21
CA THR C 257 -1.48 4.37 7.20
C THR C 257 -0.54 4.66 6.04
N GLN C 258 -0.56 5.92 5.58
CA GLN C 258 0.30 6.28 4.44
C GLN C 258 1.78 6.16 4.78
N ILE C 259 2.16 6.62 5.97
CA ILE C 259 3.54 6.54 6.40
C ILE C 259 3.99 5.08 6.47
N GLU C 260 3.17 4.25 7.12
CA GLU C 260 3.47 2.83 7.24
C GLU C 260 3.63 2.14 5.90
N THR C 261 2.78 2.47 4.96
CA THR C 261 2.89 1.90 3.61
C THR C 261 4.20 2.27 2.94
N LEU C 262 4.60 3.53 3.12
CA LEU C 262 5.87 4.03 2.59
C LEU C 262 7.04 3.32 3.24
N PHE C 263 7.02 3.07 4.56
CA PHE C 263 8.07 2.30 5.23
C PHE C 263 8.12 0.88 4.74
N LYS C 264 6.92 0.30 4.56
CA LYS C 264 6.91 -1.06 4.09
C LYS C 264 7.52 -1.18 2.69
N SER C 265 7.39 -0.18 1.85
CA SER C 265 7.99 -0.19 0.52
C SER C 265 9.52 -0.25 0.55
N LYS C 266 10.08 0.17 1.67
CA LYS C 266 11.52 0.17 1.90
C LYS C 266 11.93 -0.95 2.85
N ASN C 267 11.02 -1.84 3.16
CA ASN C 267 11.15 -3.02 4.01
C ASN C 267 11.36 -2.73 5.49
N TYR C 268 10.73 -1.67 5.95
CA TYR C 268 10.67 -1.29 7.38
C TYR C 268 9.22 -1.35 7.81
N GLU C 269 9.05 -1.57 9.12
CA GLU C 269 7.74 -1.58 9.74
C GLU C 269 7.80 -1.09 11.18
N PHE C 270 6.62 -0.88 11.73
CA PHE C 270 6.52 -0.51 13.12
C PHE C 270 6.67 -1.67 14.08
N MET C 271 7.24 -1.38 15.26
CA MET C 271 7.26 -2.40 16.30
C MET C 271 5.84 -2.56 16.87
N TRP C 272 5.30 -3.78 16.83
CA TRP C 272 3.94 -4.03 17.32
C TRP C 272 3.81 -5.50 17.68
N ASN C 273 3.02 -5.79 18.68
CA ASN C 273 2.66 -7.18 18.95
C ASN C 273 1.23 -7.16 19.50
N PRO C 274 0.58 -8.33 19.45
CA PRO C 274 -0.83 -8.38 19.88
C PRO C 274 -1.07 -8.30 21.38
N HIS C 275 -0.03 -8.24 22.20
CA HIS C 275 -0.15 -8.18 23.66
C HIS C 275 0.07 -6.70 24.12
N LEU C 276 1.12 -6.09 23.63
CA LEU C 276 1.48 -4.71 23.96
C LEU C 276 1.11 -3.67 22.93
N GLY C 277 0.53 -4.07 21.78
CA GLY C 277 0.32 -3.07 20.77
C GLY C 277 1.60 -2.47 20.25
N TYR C 278 1.56 -1.15 20.00
CA TYR C 278 2.76 -0.46 19.52
C TYR C 278 3.80 -0.31 20.61
N ILE C 279 5.03 -0.74 20.36
CA ILE C 279 6.08 -0.72 21.33
C ILE C 279 6.77 0.65 21.36
N LEU C 280 6.91 1.19 22.56
CA LEU C 280 7.51 2.51 22.78
C LEU C 280 8.42 2.40 24.00
N THR C 281 9.27 3.42 24.17
CA THR C 281 10.27 3.45 25.21
C THR C 281 9.70 3.34 26.62
N CYS C 282 8.67 4.11 26.91
CA CYS C 282 8.08 4.14 28.22
C CYS C 282 6.87 3.21 28.33
N PRO C 283 6.85 2.28 29.29
CA PRO C 283 5.68 1.39 29.45
C PRO C 283 4.36 2.12 29.62
N SER C 284 4.33 3.38 30.04
CA SER C 284 3.08 4.11 30.15
C SER C 284 2.41 4.38 28.79
N ASN C 285 3.20 4.30 27.71
CA ASN C 285 2.72 4.66 26.41
C ASN C 285 2.41 3.48 25.51
N LEU C 286 2.41 2.29 26.07
CA LEU C 286 2.13 1.13 25.21
C LEU C 286 0.69 1.05 24.69
N GLY C 287 0.46 0.04 23.83
CA GLY C 287 -0.85 -0.23 23.26
C GLY C 287 -1.11 0.65 22.07
N THR C 288 -1.71 1.79 22.34
CA THR C 288 -1.97 2.80 21.34
C THR C 288 -1.02 3.99 21.39
N GLY C 289 -0.36 4.21 22.54
CA GLY C 289 0.37 5.42 22.76
C GLY C 289 -0.41 6.69 22.50
N LEU C 290 -1.73 6.62 22.58
CA LEU C 290 -2.59 7.64 22.03
C LEU C 290 -3.15 8.57 23.12
N ARG C 291 -3.02 9.87 22.82
CA ARG C 291 -3.64 10.93 23.58
C ARG C 291 -4.47 11.81 22.66
N ALA C 292 -5.77 11.66 22.77
CA ALA C 292 -6.77 12.41 22.07
C ALA C 292 -7.32 13.45 23.05
N GLY C 293 -7.24 14.72 22.65
CA GLY C 293 -7.68 15.72 23.61
C GLY C 293 -8.28 16.93 22.95
N VAL C 294 -8.94 17.67 23.82
CA VAL C 294 -9.47 18.97 23.46
C VAL C 294 -8.92 20.03 24.39
N HIS C 295 -8.73 21.22 23.89
CA HIS C 295 -8.57 22.41 24.73
C HIS C 295 -10.00 22.95 24.89
N ILE C 296 -10.47 22.92 26.13
CA ILE C 296 -11.88 23.20 26.37
C ILE C 296 -12.10 24.14 27.52
N LYS C 297 -13.04 25.06 27.34
CA LYS C 297 -13.34 26.08 28.34
C LYS C 297 -14.40 25.60 29.32
N LEU C 298 -13.91 25.21 30.49
CA LEU C 298 -14.73 24.69 31.55
C LEU C 298 -14.49 25.39 32.89
N PRO C 299 -14.73 26.71 32.92
CA PRO C 299 -14.41 27.48 34.11
C PRO C 299 -15.18 27.06 35.35
N ASN C 300 -16.45 26.70 35.16
CA ASN C 300 -17.24 26.32 36.34
C ASN C 300 -16.91 24.91 36.83
N LEU C 301 -16.83 23.97 35.89
CA LEU C 301 -16.50 22.60 36.27
C LEU C 301 -15.10 22.56 36.86
N GLY C 302 -14.19 23.41 36.38
CA GLY C 302 -12.84 23.42 36.94
C GLY C 302 -12.86 23.80 38.39
N LYS C 303 -13.81 24.58 38.86
CA LYS C 303 -13.84 24.96 40.27
C LYS C 303 -14.66 24.00 41.10
N HIS C 304 -15.27 23.03 40.45
CA HIS C 304 -16.22 22.14 41.13
C HIS C 304 -15.54 20.98 41.81
N GLU C 305 -15.97 20.69 43.03
CA GLU C 305 -15.36 19.62 43.84
C GLU C 305 -15.44 18.25 43.22
N LYS C 306 -16.43 18.04 42.34
CA LYS C 306 -16.59 16.72 41.74
C LYS C 306 -15.94 16.56 40.38
N PHE C 307 -15.22 17.56 39.89
CA PHE C 307 -14.66 17.43 38.53
C PHE C 307 -13.73 16.21 38.45
N GLY C 308 -12.83 16.03 39.40
CA GLY C 308 -11.93 14.88 39.40
C GLY C 308 -12.64 13.56 39.21
N GLU C 309 -13.68 13.42 40.05
CA GLU C 309 -14.48 12.19 40.05
C GLU C 309 -15.20 12.00 38.71
N VAL C 310 -15.74 13.09 38.18
CA VAL C 310 -16.43 12.97 36.88
C VAL C 310 -15.43 12.45 35.86
N LEU C 311 -14.22 13.05 35.81
CA LEU C 311 -13.18 12.61 34.86
C LEU C 311 -12.83 11.16 35.07
N LYS C 312 -12.71 10.75 36.33
CA LYS C 312 -12.44 9.33 36.60
C LYS C 312 -13.52 8.42 36.00
N ARG C 313 -14.76 8.79 36.24
CA ARG C 313 -15.88 7.93 35.72
C ARG C 313 -15.85 7.85 34.20
N LEU C 314 -15.50 8.94 33.51
CA LEU C 314 -15.44 9.02 32.06
C LEU C 314 -14.13 8.51 31.48
N ARG C 315 -13.19 8.08 32.30
CA ARG C 315 -11.88 7.62 31.91
C ARG C 315 -11.09 8.68 31.18
N LEU C 316 -11.22 9.94 31.64
CA LEU C 316 -10.51 11.06 31.08
C LEU C 316 -9.52 11.62 32.12
N GLN C 317 -8.69 12.51 31.66
CA GLN C 317 -7.63 13.14 32.42
C GLN C 317 -7.60 14.62 32.04
N LYS C 318 -7.04 15.44 32.91
CA LYS C 318 -6.92 16.86 32.61
C LYS C 318 -5.49 17.29 32.94
N ARG C 319 -5.12 18.37 32.26
CA ARG C 319 -3.92 19.14 32.47
C ARG C 319 -4.19 20.56 31.99
N GLY C 320 -3.25 21.43 32.32
CA GLY C 320 -3.47 22.79 31.83
C GLY C 320 -2.77 22.99 30.49
N THR C 321 -2.88 24.21 30.05
CA THR C 321 -2.29 25.09 29.10
C THR C 321 -3.22 25.58 27.99
N GLY C 322 -4.30 24.90 27.69
CA GLY C 322 -5.25 25.22 26.67
C GLY C 322 -5.32 26.56 26.03
N GLY C 323 -6.14 26.72 24.98
CA GLY C 323 -6.16 28.04 24.35
C GLY C 323 -4.86 28.29 23.62
N VAL C 324 -4.90 29.06 22.53
CA VAL C 324 -3.65 29.28 21.81
C VAL C 324 -2.74 30.28 22.54
N ASP C 325 -1.50 30.31 22.12
CA ASP C 325 -0.39 31.13 22.55
C ASP C 325 0.38 30.52 23.73
N THR C 326 -0.27 29.56 24.38
CA THR C 326 0.26 29.01 25.61
C THR C 326 0.46 30.23 26.55
N ALA C 327 -0.69 30.86 26.73
CA ALA C 327 -1.03 32.02 27.51
C ALA C 327 -1.66 31.62 28.86
N ALA C 328 -1.18 32.24 29.94
CA ALA C 328 -1.74 31.92 31.27
C ALA C 328 -3.24 32.14 31.18
N VAL C 329 -4.01 31.14 31.61
CA VAL C 329 -5.44 31.30 31.43
C VAL C 329 -6.33 30.58 32.43
N GLY C 330 -7.50 31.20 32.61
CA GLY C 330 -8.47 30.65 33.50
C GLY C 330 -9.55 29.84 32.80
N GLY C 331 -9.83 28.67 33.35
CA GLY C 331 -10.80 27.69 33.04
C GLY C 331 -10.57 26.95 31.74
N VAL C 332 -9.42 27.05 31.10
CA VAL C 332 -9.17 26.27 29.90
C VAL C 332 -8.31 25.05 30.26
N PHE C 333 -8.87 23.88 29.98
CA PHE C 333 -8.23 22.61 30.30
C PHE C 333 -7.89 21.85 29.04
N ASP C 334 -6.86 21.03 29.10
CA ASP C 334 -6.52 20.06 28.08
C ASP C 334 -7.05 18.74 28.64
N VAL C 335 -8.17 18.26 28.10
CA VAL C 335 -8.87 17.06 28.57
C VAL C 335 -8.64 15.98 27.54
N SER C 336 -8.17 14.80 27.97
CA SER C 336 -7.86 13.70 27.10
C SER C 336 -8.22 12.35 27.73
N ASN C 337 -8.17 11.31 26.91
CA ASN C 337 -8.37 9.96 27.41
C ASN C 337 -7.22 9.60 28.35
N ALA C 338 -7.56 8.91 29.44
CA ALA C 338 -6.58 8.42 30.39
C ALA C 338 -5.97 7.07 30.01
N ASP C 339 -6.73 6.22 29.34
CA ASP C 339 -6.23 4.89 28.97
C ASP C 339 -5.31 4.93 27.77
N ARG C 340 -4.45 3.93 27.67
CA ARG C 340 -3.58 3.73 26.51
C ARG C 340 -3.57 2.29 25.96
N LEU C 341 -3.63 1.28 26.79
CA LEU C 341 -3.43 -0.12 26.55
C LEU C 341 -4.68 -0.89 26.95
N GLY C 342 -5.12 -1.79 26.06
CA GLY C 342 -6.35 -2.52 26.32
C GLY C 342 -7.61 -1.91 25.75
N PHE C 343 -7.49 -0.76 25.08
CA PHE C 343 -8.51 -0.03 24.40
C PHE C 343 -7.96 0.36 23.03
N SER C 344 -8.83 0.25 22.05
CA SER C 344 -8.35 0.58 20.70
C SER C 344 -8.33 2.10 20.49
N GLU C 345 -7.69 2.56 19.44
CA GLU C 345 -7.62 3.99 19.14
C GLU C 345 -9.04 4.56 18.98
N VAL C 346 -9.88 3.86 18.24
CA VAL C 346 -11.28 4.27 18.07
C VAL C 346 -11.99 4.34 19.40
N GLU C 347 -11.80 3.35 20.26
CA GLU C 347 -12.46 3.36 21.56
C GLU C 347 -12.02 4.57 22.40
N LEU C 348 -10.74 4.90 22.34
CA LEU C 348 -10.23 6.03 23.11
C LEU C 348 -10.78 7.35 22.61
N VAL C 349 -10.75 7.56 21.29
CA VAL C 349 -11.30 8.80 20.77
C VAL C 349 -12.78 8.84 21.04
N GLN C 350 -13.48 7.73 21.00
CA GLN C 350 -14.92 7.70 21.33
C GLN C 350 -15.18 8.13 22.77
N MET C 351 -14.29 7.69 23.68
CA MET C 351 -14.43 8.08 25.07
C MET C 351 -14.28 9.60 25.25
N VAL C 352 -13.40 10.19 24.46
CA VAL C 352 -13.21 11.63 24.47
C VAL C 352 -14.44 12.35 23.88
N VAL C 353 -14.87 11.96 22.70
CA VAL C 353 -16.09 12.54 22.12
C VAL C 353 -17.27 12.47 23.08
N ASP C 354 -17.57 11.30 23.60
CA ASP C 354 -18.72 11.10 24.48
C ASP C 354 -18.57 11.87 25.80
N GLY C 355 -17.38 11.81 26.37
CA GLY C 355 -17.18 12.46 27.66
C GLY C 355 -17.23 13.96 27.55
N VAL C 356 -16.65 14.52 26.48
CA VAL C 356 -16.69 15.96 26.28
C VAL C 356 -18.12 16.46 26.20
N LYS C 357 -19.00 15.74 25.51
CA LYS C 357 -20.40 16.13 25.43
C LYS C 357 -21.03 16.23 26.82
N LEU C 358 -20.72 15.23 27.65
CA LEU C 358 -21.26 15.24 29.00
C LEU C 358 -20.67 16.36 29.86
N LEU C 359 -19.38 16.63 29.72
CA LEU C 359 -18.75 17.75 30.42
C LEU C 359 -19.43 19.06 30.04
N ILE C 360 -19.67 19.29 28.77
CA ILE C 360 -20.32 20.53 28.34
C ILE C 360 -21.73 20.64 28.91
N GLU C 361 -22.47 19.54 28.95
CA GLU C 361 -23.80 19.57 29.56
C GLU C 361 -23.70 19.99 31.03
N MET C 362 -22.72 19.43 31.76
CA MET C 362 -22.54 19.84 33.15
C MET C 362 -22.14 21.31 33.26
N GLU C 363 -21.23 21.75 32.41
CA GLU C 363 -20.79 23.14 32.45
C GLU C 363 -21.98 24.08 32.28
N LYS C 364 -22.86 23.77 31.35
CA LYS C 364 -24.05 24.59 31.10
C LYS C 364 -24.96 24.58 32.31
N ARG C 365 -25.11 23.47 33.01
CA ARG C 365 -25.91 23.54 34.27
C ARG C 365 -25.27 24.53 35.23
N LEU C 366 -23.95 24.45 35.39
CA LEU C 366 -23.25 25.30 36.35
C LEU C 366 -23.33 26.76 35.96
N GLU C 367 -23.35 27.03 34.67
CA GLU C 367 -23.48 28.41 34.22
C GLU C 367 -24.75 29.08 34.73
N LYS C 368 -25.80 28.26 34.87
CA LYS C 368 -27.10 28.65 35.34
C LYS C 368 -27.28 28.46 36.85
N GLY C 369 -26.20 28.04 37.51
CA GLY C 369 -26.20 27.78 38.94
C GLY C 369 -27.01 26.56 39.32
N GLN C 370 -27.20 25.63 38.41
CA GLN C 370 -27.96 24.41 38.64
C GLN C 370 -27.05 23.28 39.11
N SER C 371 -27.64 22.31 39.78
CA SER C 371 -26.86 21.18 40.27
C SER C 371 -26.46 20.24 39.15
N ILE C 372 -25.40 19.47 39.36
CA ILE C 372 -24.99 18.47 38.40
C ILE C 372 -24.95 17.09 39.04
N ASP C 373 -25.37 16.93 40.28
CA ASP C 373 -25.35 15.64 40.97
C ASP C 373 -26.00 14.53 40.16
N ASP C 374 -27.12 14.89 39.51
CA ASP C 374 -27.85 13.85 38.78
C ASP C 374 -27.20 13.47 37.46
N LEU C 375 -26.15 14.21 37.10
CA LEU C 375 -25.44 13.93 35.87
C LEU C 375 -24.14 13.15 36.10
N MET C 376 -23.83 12.83 37.36
CA MET C 376 -22.63 12.08 37.70
C MET C 376 -22.68 10.75 36.94
N PRO C 377 -21.72 10.51 36.06
CA PRO C 377 -21.83 9.29 35.26
C PRO C 377 -21.42 8.04 36.02
N ALA C 378 -21.99 6.94 35.58
CA ALA C 378 -21.57 5.67 36.14
C ALA C 378 -20.13 5.44 35.66
N GLN C 379 -19.37 4.71 36.45
CA GLN C 379 -17.99 4.42 36.09
C GLN C 379 -17.97 3.61 34.81
N LYS C 380 -17.26 4.09 33.80
CA LYS C 380 -17.03 3.42 32.54
C LYS C 380 -15.85 2.44 32.58
N PRO D 1 24.97 -13.00 30.52
CA PRO D 1 26.23 -12.36 30.19
C PRO D 1 26.15 -10.86 30.44
N PHE D 2 27.35 -10.32 30.35
CA PHE D 2 27.84 -8.97 30.48
C PHE D 2 28.77 -8.78 29.29
N SER D 3 28.19 -8.70 28.10
CA SER D 3 29.01 -8.46 26.92
C SER D 3 28.80 -7.06 26.38
N ASN D 4 29.72 -6.63 25.57
CA ASN D 4 29.54 -5.28 24.96
C ASN D 4 29.04 -5.43 23.53
N SER D 5 27.83 -5.98 23.50
CA SER D 5 27.14 -6.23 22.26
C SER D 5 26.75 -4.93 21.57
N HIS D 6 26.55 -3.84 22.28
CA HIS D 6 26.15 -2.63 21.58
C HIS D 6 27.32 -2.08 20.77
N ASN D 7 28.56 -2.23 21.25
CA ASN D 7 29.66 -1.73 20.46
C ASN D 7 29.76 -2.58 19.18
N LEU D 8 29.48 -3.86 19.18
CA LEU D 8 29.51 -4.65 17.95
C LEU D 8 28.43 -4.22 16.97
N LEU D 9 27.29 -3.80 17.50
CA LEU D 9 26.22 -3.26 16.66
C LEU D 9 26.76 -2.01 15.96
N LYS D 10 27.44 -1.14 16.69
CA LYS D 10 28.00 0.06 16.09
C LYS D 10 29.10 -0.23 15.09
N MET D 11 29.85 -1.31 15.28
CA MET D 11 30.88 -1.66 14.33
C MET D 11 30.29 -2.13 13.00
N LYS D 12 29.03 -2.51 12.97
CA LYS D 12 28.32 -2.89 11.74
C LYS D 12 27.94 -1.64 10.95
N TYR D 13 27.80 -0.50 11.60
CA TYR D 13 27.61 0.77 10.89
C TYR D 13 28.98 1.25 10.46
N SER D 14 29.04 2.10 9.45
CA SER D 14 30.34 2.59 9.01
C SER D 14 30.86 3.66 9.95
N VAL D 15 32.14 3.93 9.83
CA VAL D 15 32.78 5.02 10.53
C VAL D 15 31.98 6.31 10.31
N ASP D 16 31.61 6.58 9.08
CA ASP D 16 30.91 7.80 8.72
C ASP D 16 29.55 7.86 9.40
N ASP D 17 28.90 6.71 9.54
CA ASP D 17 27.58 6.66 10.14
C ASP D 17 27.59 6.93 11.63
N GLU D 18 28.66 6.58 12.34
CA GLU D 18 28.75 6.75 13.78
C GLU D 18 29.55 7.99 14.20
N TYR D 19 30.33 8.55 13.30
CA TYR D 19 31.23 9.65 13.68
C TYR D 19 30.43 10.83 14.17
N PRO D 20 30.74 11.40 15.33
CA PRO D 20 29.92 12.53 15.81
C PRO D 20 30.05 13.76 14.93
N ASP D 21 29.03 14.61 14.99
CA ASP D 21 29.00 15.89 14.30
C ASP D 21 29.51 16.95 15.30
N LEU D 22 30.75 17.37 15.19
CA LEU D 22 31.41 18.30 16.09
C LEU D 22 31.66 19.64 15.45
N SER D 23 30.82 19.99 14.46
CA SER D 23 30.99 21.19 13.67
C SER D 23 30.84 22.48 14.48
N VAL D 24 30.13 22.49 15.58
CA VAL D 24 29.93 23.71 16.37
C VAL D 24 30.66 23.66 17.70
N HIS D 25 31.52 22.69 17.80
CA HIS D 25 32.14 22.39 19.09
C HIS D 25 33.48 23.10 19.29
N ASN D 26 33.73 23.43 20.54
CA ASN D 26 34.88 24.09 21.08
C ASN D 26 35.27 23.43 22.41
N ASN D 27 35.76 22.22 22.25
CA ASN D 27 36.34 21.54 23.40
C ASN D 27 37.58 20.79 22.90
N HIS D 28 38.44 20.42 23.83
CA HIS D 28 39.71 19.81 23.48
C HIS D 28 39.53 18.53 22.68
N MET D 29 38.55 17.72 23.11
CA MET D 29 38.27 16.47 22.42
C MET D 29 37.97 16.76 20.96
N ALA D 30 37.09 17.72 20.68
CA ALA D 30 36.67 18.01 19.34
C ALA D 30 37.80 18.55 18.46
N LYS D 31 38.79 19.19 19.09
CA LYS D 31 39.91 19.67 18.32
C LYS D 31 40.89 18.56 17.88
N VAL D 32 40.84 17.44 18.60
CA VAL D 32 41.73 16.32 18.33
C VAL D 32 41.09 15.19 17.53
N LEU D 33 39.80 14.97 17.78
CA LEU D 33 39.14 13.81 17.08
C LEU D 33 39.17 14.07 15.59
N THR D 34 39.49 13.01 14.85
CA THR D 34 39.42 12.99 13.40
C THR D 34 38.73 11.68 12.97
N LEU D 35 38.28 11.64 11.73
CA LEU D 35 37.71 10.40 11.17
C LEU D 35 38.70 9.24 11.26
N ASP D 36 39.97 9.49 10.95
CA ASP D 36 40.99 8.44 10.98
C ASP D 36 41.18 7.94 12.40
N LEU D 37 41.26 8.83 13.39
CA LEU D 37 41.44 8.43 14.78
C LEU D 37 40.25 7.61 15.26
N TYR D 38 39.05 8.04 14.88
CA TYR D 38 37.83 7.31 15.26
C TYR D 38 37.82 5.93 14.64
N LYS D 39 38.17 5.84 13.37
CA LYS D 39 38.28 4.59 12.66
C LYS D 39 39.18 3.61 13.40
N LYS D 40 40.37 4.05 13.83
CA LYS D 40 41.40 3.26 14.43
C LYS D 40 41.01 2.75 15.82
N LEU D 41 40.32 3.60 16.59
CA LEU D 41 40.08 3.35 18.01
C LEU D 41 38.68 2.89 18.35
N ARG D 42 37.71 3.05 17.45
CA ARG D 42 36.31 2.77 17.84
C ARG D 42 36.03 1.28 18.12
N ASP D 43 36.93 0.43 17.71
CA ASP D 43 36.79 -1.00 17.91
C ASP D 43 37.43 -1.51 19.19
N ARG D 44 38.08 -0.64 19.96
CA ARG D 44 38.74 -0.99 21.20
C ARG D 44 37.80 -0.90 22.38
N GLN D 45 38.11 -1.66 23.43
CA GLN D 45 37.45 -1.48 24.70
C GLN D 45 38.45 -1.83 25.79
N THR D 46 38.38 -1.11 26.91
CA THR D 46 39.18 -1.47 28.04
C THR D 46 38.70 -2.79 28.67
N SER D 47 39.45 -3.25 29.66
CA SER D 47 39.09 -4.46 30.40
C SER D 47 37.81 -4.37 31.21
N SER D 48 37.25 -3.17 31.39
CA SER D 48 35.93 -2.96 31.99
C SER D 48 34.84 -2.63 30.97
N GLY D 49 35.19 -2.69 29.69
CA GLY D 49 34.26 -2.41 28.62
C GLY D 49 34.20 -0.97 28.14
N PHE D 50 35.00 -0.08 28.68
CA PHE D 50 34.90 1.34 28.32
C PHE D 50 35.42 1.57 26.89
N THR D 51 34.70 2.34 26.08
CA THR D 51 35.01 2.56 24.68
C THR D 51 35.32 4.02 24.37
N LEU D 52 35.79 4.24 23.16
CA LEU D 52 36.04 5.62 22.73
C LEU D 52 34.76 6.42 22.77
N ASP D 53 33.62 5.86 22.35
CA ASP D 53 32.35 6.58 22.38
C ASP D 53 32.06 6.99 23.82
N ASP D 54 32.37 6.16 24.80
CA ASP D 54 32.20 6.46 26.23
C ASP D 54 33.11 7.60 26.66
N VAL D 55 34.34 7.57 26.18
CA VAL D 55 35.28 8.62 26.50
C VAL D 55 34.75 9.96 26.06
N ILE D 56 34.22 10.06 24.84
CA ILE D 56 33.93 11.34 24.22
C ILE D 56 32.51 11.83 24.39
N GLN D 57 31.61 11.03 24.96
CA GLN D 57 30.18 11.42 24.93
C GLN D 57 29.91 12.80 25.52
N THR D 58 30.56 13.10 26.65
CA THR D 58 30.32 14.44 27.21
C THR D 58 30.72 15.58 26.28
N GLY D 59 31.79 15.36 25.52
CA GLY D 59 32.23 16.38 24.57
C GLY D 59 31.40 16.47 23.31
N VAL D 60 30.72 15.40 22.97
CA VAL D 60 29.73 15.46 21.90
C VAL D 60 28.50 16.26 22.34
N ASP D 61 28.06 15.97 23.56
CA ASP D 61 26.85 16.60 24.06
C ASP D 61 27.02 18.08 24.41
N ASN D 62 28.26 18.45 24.73
CA ASN D 62 28.55 19.78 25.25
C ASN D 62 29.58 20.51 24.40
N PRO D 63 29.11 21.21 23.38
CA PRO D 63 30.03 21.93 22.50
C PRO D 63 31.00 22.91 23.19
N GLY D 64 30.75 23.49 24.35
CA GLY D 64 31.66 24.33 25.08
C GLY D 64 31.83 25.69 24.43
N HIS D 65 32.67 26.56 24.99
CA HIS D 65 32.76 27.87 24.29
C HIS D 65 34.17 28.09 23.79
N PRO D 66 34.37 29.04 22.88
CA PRO D 66 35.69 29.31 22.31
C PRO D 66 36.81 29.72 23.24
N PHE D 67 36.61 30.77 24.03
CA PHE D 67 37.80 31.24 24.78
C PHE D 67 37.78 30.80 26.24
N ILE D 68 37.04 29.73 26.47
CA ILE D 68 36.86 28.97 27.68
C ILE D 68 36.74 27.50 27.27
N MET D 69 37.83 26.90 26.83
CA MET D 69 37.77 25.54 26.35
C MET D 69 37.55 24.57 27.50
N THR D 70 36.66 23.63 27.31
CA THR D 70 36.41 22.51 28.21
C THR D 70 37.15 21.32 27.61
N VAL D 71 37.41 20.26 28.36
CA VAL D 71 38.17 19.13 27.84
C VAL D 71 37.36 18.23 26.92
N GLY D 72 36.09 17.96 27.23
CA GLY D 72 35.26 17.19 26.34
C GLY D 72 35.41 15.69 26.31
N CYS D 73 36.06 15.16 27.34
CA CYS D 73 36.28 13.71 27.41
C CYS D 73 36.54 13.31 28.85
N VAL D 74 36.35 12.04 29.14
CA VAL D 74 36.62 11.49 30.47
C VAL D 74 37.21 10.11 30.35
N ALA D 75 37.94 9.73 31.41
CA ALA D 75 38.39 8.35 31.55
C ALA D 75 37.34 7.58 32.37
N GLY D 76 37.13 6.31 32.05
CA GLY D 76 36.20 5.50 32.84
C GLY D 76 36.86 4.51 33.75
N ASP D 77 38.17 4.40 33.68
CA ASP D 77 39.00 3.45 34.43
C ASP D 77 40.46 3.82 34.21
N GLU D 78 41.36 3.16 34.92
CA GLU D 78 42.78 3.55 34.79
C GLU D 78 43.31 3.33 33.38
N GLU D 79 42.92 2.19 32.79
CA GLU D 79 43.34 1.78 31.49
C GLU D 79 42.98 2.75 30.35
N SER D 80 41.91 3.52 30.59
CA SER D 80 41.40 4.43 29.58
C SER D 80 42.50 5.31 28.96
N TYR D 81 43.36 5.79 29.83
CA TYR D 81 44.38 6.74 29.44
C TYR D 81 45.36 6.09 28.47
N GLU D 82 45.58 4.79 28.61
CA GLU D 82 46.47 4.03 27.77
C GLU D 82 45.76 3.51 26.51
N VAL D 83 44.61 2.87 26.67
CA VAL D 83 43.83 2.30 25.60
C VAL D 83 43.43 3.36 24.56
N PHE D 84 43.18 4.59 25.05
CA PHE D 84 42.78 5.69 24.16
C PHE D 84 43.80 6.80 24.17
N LYS D 85 45.08 6.47 24.29
CA LYS D 85 46.15 7.48 24.34
C LYS D 85 46.21 8.33 23.08
N GLU D 86 45.81 7.81 21.92
CA GLU D 86 45.86 8.63 20.71
C GLU D 86 44.93 9.85 20.82
N LEU D 87 43.86 9.75 21.61
CA LEU D 87 42.95 10.83 21.93
C LEU D 87 43.43 11.61 23.16
N PHE D 88 43.68 10.90 24.26
CA PHE D 88 44.04 11.62 25.48
C PHE D 88 45.37 12.35 25.41
N ASP D 89 46.38 11.77 24.75
CA ASP D 89 47.72 12.43 24.78
C ASP D 89 47.64 13.80 24.15
N PRO D 90 47.10 13.99 22.95
CA PRO D 90 46.99 15.39 22.45
C PRO D 90 46.06 16.28 23.24
N VAL D 91 44.99 15.76 23.80
CA VAL D 91 44.13 16.58 24.69
C VAL D 91 44.95 17.08 25.87
N ILE D 92 45.72 16.19 26.47
CA ILE D 92 46.51 16.55 27.65
C ILE D 92 47.55 17.58 27.32
N GLU D 93 48.16 17.40 26.13
CA GLU D 93 49.18 18.33 25.71
C GLU D 93 48.59 19.72 25.50
N ASP D 94 47.44 19.77 24.85
CA ASP D 94 46.77 21.05 24.58
C ASP D 94 46.24 21.66 25.87
N ARG D 95 45.70 20.89 26.80
CA ARG D 95 45.17 21.43 28.05
C ARG D 95 46.23 21.83 29.08
N HIS D 96 47.36 21.15 29.14
CA HIS D 96 48.41 21.37 30.12
C HIS D 96 49.71 21.95 29.57
N GLY D 97 49.58 22.97 28.73
CA GLY D 97 50.62 23.83 28.27
C GLY D 97 51.82 23.13 27.67
N GLY D 98 51.53 22.11 26.87
CA GLY D 98 52.51 21.39 26.10
C GLY D 98 53.08 20.14 26.72
N TYR D 99 52.41 19.64 27.74
CA TYR D 99 52.88 18.42 28.41
C TYR D 99 52.87 17.27 27.42
N LYS D 100 54.05 16.76 27.12
CA LYS D 100 54.17 15.70 26.13
C LYS D 100 54.05 14.28 26.64
N PRO D 101 53.74 13.34 25.75
CA PRO D 101 53.59 11.93 26.16
C PRO D 101 54.80 11.39 26.90
N THR D 102 55.99 11.85 26.55
CA THR D 102 57.23 11.40 27.17
C THR D 102 57.63 12.14 28.44
N ASP D 103 56.91 13.20 28.83
CA ASP D 103 57.24 14.00 29.99
C ASP D 103 56.91 13.25 31.28
N GLU D 104 57.58 13.61 32.36
CA GLU D 104 57.36 13.01 33.67
C GLU D 104 56.77 13.98 34.68
N HIS D 105 55.93 13.46 35.57
CA HIS D 105 55.30 14.25 36.60
C HIS D 105 55.92 13.90 37.94
N LYS D 106 56.38 14.89 38.70
CA LYS D 106 56.95 14.55 40.02
C LYS D 106 55.95 14.91 41.11
N THR D 107 55.71 13.99 42.02
CA THR D 107 54.88 14.17 43.18
C THR D 107 55.74 14.61 44.36
N ASP D 108 55.30 15.61 45.11
CA ASP D 108 56.02 16.02 46.30
C ASP D 108 55.06 16.49 47.39
N LEU D 109 54.75 15.65 48.35
CA LEU D 109 53.86 15.89 49.45
C LEU D 109 54.61 16.04 50.77
N ASN D 110 55.79 16.63 50.70
CA ASN D 110 56.60 16.91 51.89
C ASN D 110 56.43 18.39 52.20
N ALA D 111 55.64 18.70 53.23
CA ALA D 111 55.37 20.10 53.52
C ALA D 111 56.64 20.81 53.99
N ASP D 112 57.64 20.05 54.42
CA ASP D 112 58.91 20.64 54.84
C ASP D 112 59.54 21.43 53.69
N ASN D 113 59.19 21.04 52.47
CA ASN D 113 59.77 21.69 51.30
C ASN D 113 59.05 22.98 50.97
N LEU D 114 57.98 23.25 51.73
CA LEU D 114 57.27 24.52 51.53
C LEU D 114 57.95 25.63 52.33
N GLN D 115 58.29 26.74 51.71
CA GLN D 115 59.01 27.83 52.37
C GLN D 115 58.06 28.94 52.81
N GLY D 116 58.08 29.31 54.08
CA GLY D 116 57.19 30.36 54.58
C GLY D 116 55.74 29.98 54.39
N GLY D 117 54.83 30.93 54.21
CA GLY D 117 53.43 30.60 53.96
C GLY D 117 52.62 30.50 55.24
N ASP D 118 53.30 30.67 56.39
CA ASP D 118 52.57 30.55 57.64
C ASP D 118 51.97 31.89 58.03
N ASP D 119 52.21 32.91 57.21
CA ASP D 119 51.80 34.23 57.68
C ASP D 119 51.11 35.14 56.69
N LEU D 120 50.34 34.58 55.78
CA LEU D 120 49.57 35.44 54.86
C LEU D 120 48.70 36.35 55.72
N ASP D 121 48.80 37.63 55.47
CA ASP D 121 48.09 38.64 56.26
C ASP D 121 46.62 38.32 56.46
N PRO D 122 46.24 37.94 57.67
CA PRO D 122 44.85 37.60 57.97
C PRO D 122 43.92 38.79 57.91
N ASN D 123 44.44 39.98 57.65
CA ASN D 123 43.54 41.11 57.44
C ASN D 123 42.99 41.07 56.02
N TYR D 124 43.60 40.24 55.18
CA TYR D 124 43.25 40.09 53.76
C TYR D 124 42.77 38.67 53.46
N VAL D 125 43.50 37.67 53.95
CA VAL D 125 43.16 36.28 53.69
C VAL D 125 42.20 35.75 54.76
N LEU D 126 40.97 35.50 54.34
CA LEU D 126 39.92 35.01 55.22
C LEU D 126 40.08 33.53 55.57
N SER D 127 40.52 32.80 54.56
CA SER D 127 40.71 31.36 54.70
C SER D 127 41.71 30.86 53.67
N SER D 128 42.37 29.77 54.05
CA SER D 128 43.38 29.14 53.21
C SER D 128 43.02 27.68 52.98
N ARG D 129 43.22 27.17 51.76
CA ARG D 129 42.77 25.80 51.57
C ARG D 129 43.55 25.12 50.47
N VAL D 130 43.64 23.80 50.61
CA VAL D 130 44.36 22.98 49.65
C VAL D 130 43.49 21.76 49.35
N ARG D 131 43.19 21.51 48.08
CA ARG D 131 42.35 20.41 47.68
C ARG D 131 42.98 19.53 46.62
N THR D 132 42.64 18.25 46.66
CA THR D 132 43.03 17.33 45.60
C THR D 132 41.98 16.24 45.45
N GLY D 133 42.19 15.34 44.51
CA GLY D 133 41.36 14.18 44.25
C GLY D 133 42.20 12.92 44.17
N ARG D 134 41.60 11.78 44.53
CA ARG D 134 42.32 10.55 44.34
C ARG D 134 41.38 9.47 43.81
N SER D 135 41.93 8.51 43.08
CA SER D 135 41.24 7.31 42.61
C SER D 135 41.89 6.09 43.26
N ILE D 136 41.04 5.13 43.61
CA ILE D 136 41.48 3.86 44.20
C ILE D 136 41.67 2.86 43.03
N ARG D 137 42.90 2.37 42.88
CA ARG D 137 43.18 1.39 41.86
C ARG D 137 42.33 0.14 42.02
N GLY D 138 41.87 -0.38 40.88
CA GLY D 138 41.01 -1.54 40.82
C GLY D 138 39.53 -1.35 40.77
N PHE D 139 39.14 -0.07 40.72
CA PHE D 139 37.75 0.34 40.56
C PHE D 139 37.63 1.31 39.42
N CYS D 140 36.53 1.17 38.72
CA CYS D 140 36.31 2.10 37.61
C CYS D 140 36.00 3.49 38.16
N LEU D 141 36.18 4.51 37.34
CA LEU D 141 35.94 5.90 37.69
C LEU D 141 34.48 6.24 37.62
N PRO D 142 34.08 7.36 38.24
CA PRO D 142 32.63 7.67 38.31
C PRO D 142 31.83 7.63 37.05
N PRO D 143 32.27 7.97 35.84
CA PRO D 143 31.37 7.83 34.68
C PRO D 143 30.84 6.42 34.52
N HIS D 144 31.66 5.44 34.93
CA HIS D 144 31.42 4.05 34.58
C HIS D 144 31.12 3.17 35.76
N CYS D 145 31.60 3.49 36.96
CA CYS D 145 31.57 2.56 38.08
C CYS D 145 30.16 2.06 38.37
N SER D 146 30.14 0.79 38.75
CA SER D 146 28.88 0.19 39.15
C SER D 146 28.51 0.57 40.57
N ARG D 147 27.26 0.34 40.90
CA ARG D 147 26.82 0.56 42.28
C ARG D 147 27.67 -0.22 43.27
N GLY D 148 28.04 -1.47 42.92
CA GLY D 148 28.87 -2.30 43.77
C GLY D 148 30.26 -1.74 43.92
N GLU D 149 30.90 -1.26 42.83
CA GLU D 149 32.21 -0.64 42.93
C GLU D 149 32.13 0.58 43.86
N ARG D 150 31.14 1.39 43.59
CA ARG D 150 30.96 2.64 44.35
C ARG D 150 30.82 2.32 45.83
N ARG D 151 30.00 1.31 46.16
CA ARG D 151 29.83 0.90 47.55
C ARG D 151 31.13 0.37 48.17
N ALA D 152 31.90 -0.38 47.39
CA ALA D 152 33.16 -0.91 47.90
C ALA D 152 34.12 0.22 48.21
N ILE D 153 34.15 1.23 47.34
CA ILE D 153 34.99 2.41 47.57
C ILE D 153 34.60 3.10 48.86
N GLU D 154 33.26 3.25 49.02
CA GLU D 154 32.81 3.92 50.24
C GLU D 154 33.27 3.16 51.47
N LYS D 155 33.05 1.84 51.42
CA LYS D 155 33.34 1.01 52.60
C LYS D 155 34.81 1.05 52.99
N LEU D 156 35.67 0.91 51.97
CA LEU D 156 37.12 0.94 52.25
C LEU D 156 37.56 2.33 52.69
N SER D 157 36.94 3.38 52.13
CA SER D 157 37.28 4.76 52.49
C SER D 157 36.88 5.09 53.93
N VAL D 158 35.63 4.78 54.26
CA VAL D 158 35.14 5.07 55.61
C VAL D 158 35.95 4.33 56.66
N GLU D 159 36.45 3.15 56.31
CA GLU D 159 37.22 2.38 57.28
C GLU D 159 38.56 3.07 57.51
N ALA D 160 39.11 3.69 56.46
CA ALA D 160 40.43 4.32 56.65
C ALA D 160 40.33 5.66 57.34
N LEU D 161 39.29 6.42 56.99
CA LEU D 161 39.12 7.72 57.67
C LEU D 161 38.77 7.51 59.13
N GLY D 162 38.06 6.41 59.40
CA GLY D 162 37.71 6.02 60.74
C GLY D 162 38.93 5.76 61.63
N SER D 163 40.00 5.26 61.01
CA SER D 163 41.23 4.97 61.72
C SER D 163 42.05 6.24 61.97
N LEU D 164 41.66 7.38 61.43
CA LEU D 164 42.43 8.61 61.68
C LEU D 164 42.20 9.16 63.07
N GLY D 165 43.30 9.56 63.73
CA GLY D 165 43.17 10.07 65.07
C GLY D 165 43.85 11.38 65.36
N GLY D 166 43.95 11.70 66.65
CA GLY D 166 44.53 12.97 67.04
C GLY D 166 43.74 14.08 66.34
N ASP D 167 44.44 15.03 65.76
CA ASP D 167 43.88 16.17 65.05
C ASP D 167 42.93 15.72 63.95
N LEU D 168 43.13 14.51 63.42
CA LEU D 168 42.34 14.01 62.32
C LEU D 168 41.21 13.05 62.66
N LYS D 169 40.91 12.89 63.92
CA LYS D 169 39.80 12.03 64.33
C LYS D 169 38.53 12.67 63.79
N GLY D 170 37.64 11.90 63.20
CA GLY D 170 36.47 12.56 62.64
C GLY D 170 35.20 11.75 62.64
N LYS D 171 34.34 12.14 61.68
CA LYS D 171 33.06 11.47 61.52
C LYS D 171 32.60 11.56 60.08
N TYR D 172 31.96 10.47 59.67
CA TYR D 172 31.37 10.34 58.34
C TYR D 172 29.87 10.61 58.37
N TYR D 173 29.43 11.30 57.35
CA TYR D 173 28.04 11.63 57.09
C TYR D 173 27.65 11.14 55.69
N ALA D 174 26.89 10.05 55.65
CA ALA D 174 26.43 9.52 54.37
C ALA D 174 25.30 10.42 53.89
N LEU D 175 25.29 10.74 52.59
CA LEU D 175 24.21 11.57 52.07
C LEU D 175 22.85 10.87 52.21
N ARG D 176 22.83 9.55 52.06
CA ARG D 176 21.54 8.90 52.10
C ARG D 176 20.88 8.94 53.46
N ASN D 177 21.63 9.14 54.53
CA ASN D 177 20.82 9.16 55.79
C ASN D 177 21.00 10.42 56.60
N MET D 178 21.66 11.42 56.03
CA MET D 178 21.84 12.72 56.69
C MET D 178 20.56 13.32 57.24
N THR D 179 20.58 13.94 58.42
CA THR D 179 19.35 14.55 58.94
C THR D 179 19.27 15.99 58.43
N ASP D 180 18.12 16.62 58.52
CA ASP D 180 17.96 18.00 58.07
C ASP D 180 18.98 18.93 58.73
N ALA D 181 19.13 18.82 60.05
CA ALA D 181 20.06 19.62 60.85
C ALA D 181 21.53 19.49 60.46
N GLU D 182 22.00 18.26 60.31
CA GLU D 182 23.36 17.96 59.88
C GLU D 182 23.65 18.63 58.55
N GLN D 183 22.68 18.50 57.65
CA GLN D 183 22.78 19.11 56.33
C GLN D 183 22.93 20.61 56.49
N GLN D 184 22.12 21.19 57.37
CA GLN D 184 22.18 22.62 57.61
C GLN D 184 23.56 22.98 58.17
N GLN D 185 24.04 22.13 59.07
CA GLN D 185 25.33 22.44 59.66
C GLN D 185 26.45 22.34 58.64
N LEU D 186 26.41 21.30 57.78
CA LEU D 186 27.41 21.15 56.73
C LEU D 186 27.35 22.29 55.74
N ILE D 187 26.15 22.84 55.53
CA ILE D 187 26.00 24.00 54.64
C ILE D 187 26.67 25.23 55.24
N ASP D 188 26.38 25.45 56.52
CA ASP D 188 26.97 26.54 57.26
C ASP D 188 28.48 26.41 57.31
N ASP D 189 28.98 25.18 57.29
CA ASP D 189 30.41 24.89 57.34
C ASP D 189 31.05 24.95 55.96
N HIS D 190 30.23 25.06 54.93
CA HIS D 190 30.74 25.07 53.55
C HIS D 190 31.29 23.70 53.18
N PHE D 191 30.76 22.66 53.81
CA PHE D 191 31.28 21.34 53.63
C PHE D 191 30.42 20.44 52.73
N LEU D 192 29.19 20.83 52.46
CA LEU D 192 28.33 19.92 51.76
C LEU D 192 28.53 19.92 50.26
N PHE D 193 28.14 18.82 49.60
CA PHE D 193 28.05 18.77 48.15
C PHE D 193 26.69 18.17 47.81
N ASP D 194 26.14 18.50 46.67
CA ASP D 194 24.88 17.84 46.26
C ASP D 194 25.04 17.28 44.86
N LYS D 195 23.96 16.74 44.29
CA LYS D 195 24.04 16.13 42.97
C LYS D 195 24.55 17.15 41.98
N PRO D 196 25.50 16.77 41.15
CA PRO D 196 25.93 17.74 40.17
C PRO D 196 24.80 18.18 39.24
N VAL D 197 24.92 19.43 38.86
CA VAL D 197 24.02 20.05 37.90
C VAL D 197 24.76 20.36 36.60
N SER D 198 26.09 20.27 36.59
CA SER D 198 26.82 20.60 35.36
C SER D 198 26.49 19.63 34.24
N PRO D 199 26.05 20.12 33.08
CA PRO D 199 25.78 19.20 31.95
C PRO D 199 27.03 18.46 31.51
N LEU D 200 28.20 19.03 31.74
CA LEU D 200 29.44 18.37 31.43
C LEU D 200 29.60 17.06 32.23
N LEU D 201 29.25 17.15 33.50
CA LEU D 201 29.31 15.99 34.37
C LEU D 201 28.17 15.05 34.07
N LEU D 202 26.95 15.58 34.01
CA LEU D 202 25.79 14.69 33.88
C LEU D 202 25.89 13.85 32.61
N ALA D 203 26.41 14.44 31.53
CA ALA D 203 26.46 13.73 30.24
C ALA D 203 27.40 12.54 30.25
N SER D 204 28.29 12.47 31.23
CA SER D 204 29.25 11.39 31.33
C SER D 204 28.66 10.20 32.11
N GLY D 205 27.45 10.35 32.66
CA GLY D 205 26.83 9.35 33.49
C GLY D 205 27.32 9.22 34.90
N MET D 206 28.13 10.14 35.35
CA MET D 206 28.70 10.02 36.70
C MET D 206 27.67 10.23 37.81
N ALA D 207 26.48 10.80 37.56
CA ALA D 207 25.51 11.04 38.64
C ALA D 207 24.50 9.91 38.87
N ARG D 208 24.72 8.78 38.21
CA ARG D 208 23.85 7.63 38.36
C ARG D 208 23.71 7.22 39.84
N ASP D 209 22.54 6.76 40.22
CA ASP D 209 22.24 6.20 41.51
C ASP D 209 22.29 7.19 42.67
N TRP D 210 22.35 8.47 42.39
CA TRP D 210 22.53 9.43 43.50
C TRP D 210 21.38 9.31 44.47
N PRO D 211 21.62 9.37 45.78
CA PRO D 211 22.90 9.57 46.46
C PRO D 211 23.63 8.34 46.95
N ASP D 212 23.41 7.19 46.38
CA ASP D 212 23.91 5.91 46.83
C ASP D 212 25.43 5.93 46.95
N ALA D 213 25.98 5.62 48.11
CA ALA D 213 27.38 5.49 48.41
C ALA D 213 28.19 6.79 48.32
N ARG D 214 27.50 7.93 48.31
CA ARG D 214 28.12 9.25 48.42
C ARG D 214 28.07 9.70 49.88
N GLY D 215 29.11 10.41 50.32
CA GLY D 215 29.11 10.95 51.67
C GLY D 215 30.24 11.92 51.95
N ILE D 216 30.12 12.50 53.15
CA ILE D 216 31.08 13.50 53.59
C ILE D 216 31.72 13.09 54.92
N TRP D 217 33.04 13.16 54.96
CA TRP D 217 33.77 12.88 56.19
C TRP D 217 34.47 14.17 56.60
N HIS D 218 34.49 14.48 57.90
CA HIS D 218 35.33 15.61 58.30
C HIS D 218 35.86 15.36 59.72
N ASN D 219 37.02 15.93 60.01
CA ASN D 219 37.61 15.80 61.34
C ASN D 219 36.88 16.73 62.32
N ASP D 220 36.98 16.41 63.60
CA ASP D 220 36.28 17.20 64.59
C ASP D 220 36.69 18.67 64.52
N ASN D 221 37.96 18.95 64.24
CA ASN D 221 38.43 20.33 64.20
C ASN D 221 37.92 21.12 63.01
N LYS D 222 37.30 20.45 62.06
CA LYS D 222 36.78 21.08 60.85
C LYS D 222 37.88 21.70 59.99
N THR D 223 38.99 20.99 59.84
CA THR D 223 40.11 21.45 59.05
C THR D 223 40.54 20.48 57.95
N PHE D 224 39.84 19.36 57.86
CA PHE D 224 40.18 18.25 56.98
C PHE D 224 38.86 17.59 56.61
N LEU D 225 38.60 17.58 55.30
CA LEU D 225 37.36 17.23 54.68
C LEU D 225 37.57 16.22 53.58
N VAL D 226 36.76 15.17 53.55
CA VAL D 226 36.82 14.20 52.45
C VAL D 226 35.41 14.02 51.91
N TRP D 227 35.30 14.16 50.59
CA TRP D 227 34.12 13.91 49.83
C TRP D 227 34.28 12.54 49.14
N ILE D 228 33.32 11.65 49.29
CA ILE D 228 33.38 10.29 48.76
C ILE D 228 32.40 10.05 47.63
N ASN D 229 32.92 9.70 46.46
CA ASN D 229 32.20 9.26 45.27
C ASN D 229 31.41 10.36 44.60
N GLU D 230 31.95 11.56 44.64
CA GLU D 230 31.37 12.70 43.92
C GLU D 230 31.99 12.74 42.53
N GLU D 231 32.84 13.68 42.15
CA GLU D 231 33.42 13.71 40.81
C GLU D 231 34.52 12.64 40.61
N ASP D 232 35.18 12.35 41.71
CA ASP D 232 36.20 11.33 41.77
C ASP D 232 35.95 10.45 42.99
N HIS D 233 36.67 9.32 43.12
CA HIS D 233 36.46 8.49 44.30
C HIS D 233 36.59 9.27 45.61
N LEU D 234 37.67 10.04 45.69
CA LEU D 234 37.93 10.85 46.87
C LEU D 234 38.27 12.28 46.47
N ARG D 235 37.78 13.27 47.18
CA ARG D 235 38.18 14.64 47.08
C ARG D 235 38.64 14.97 48.52
N VAL D 236 39.87 15.37 48.68
CA VAL D 236 40.50 15.67 49.96
C VAL D 236 40.87 17.15 50.07
N ILE D 237 40.34 17.79 51.12
CA ILE D 237 40.52 19.20 51.31
C ILE D 237 40.98 19.56 52.72
N SER D 238 42.03 20.36 52.79
CA SER D 238 42.50 20.86 54.07
C SER D 238 42.19 22.36 54.10
N MET D 239 41.69 22.86 55.23
CA MET D 239 41.43 24.30 55.27
C MET D 239 41.57 24.81 56.70
N GLN D 240 41.70 26.12 56.78
CA GLN D 240 41.83 26.88 58.01
C GLN D 240 41.39 28.33 57.76
N LYS D 241 40.82 28.93 58.78
CA LYS D 241 40.52 30.34 58.73
C LYS D 241 41.86 31.07 58.78
N GLY D 242 42.02 32.21 58.14
CA GLY D 242 43.31 32.90 58.24
C GLY D 242 44.26 32.52 57.13
N GLY D 243 45.50 32.97 57.33
CA GLY D 243 46.52 32.78 56.33
C GLY D 243 47.60 31.77 56.64
N ASN D 244 47.39 30.84 57.58
CA ASN D 244 48.47 29.87 57.81
C ASN D 244 48.40 28.70 56.84
N MET D 245 48.75 29.01 55.59
CA MET D 245 48.78 28.03 54.53
C MET D 245 49.78 26.89 54.78
N LYS D 246 50.92 27.17 55.41
CA LYS D 246 51.87 26.08 55.65
C LYS D 246 51.22 25.04 56.56
N GLU D 247 50.46 25.57 57.54
CA GLU D 247 49.76 24.64 58.43
C GLU D 247 48.75 23.78 57.67
N VAL D 248 47.96 24.49 56.86
CA VAL D 248 46.94 23.89 56.00
C VAL D 248 47.57 22.78 55.16
N PHE D 249 48.66 23.17 54.49
CA PHE D 249 49.31 22.17 53.61
C PHE D 249 49.96 21.05 54.41
N THR D 250 50.43 21.33 55.62
CA THR D 250 51.03 20.25 56.41
C THR D 250 49.98 19.21 56.78
N ARG D 251 48.79 19.70 57.14
CA ARG D 251 47.69 18.79 57.49
C ARG D 251 47.31 17.94 56.27
N PHE D 252 47.25 18.63 55.14
CA PHE D 252 46.94 18.06 53.84
C PHE D 252 47.83 16.85 53.56
N CYS D 253 49.13 17.09 53.66
CA CYS D 253 50.14 16.07 53.48
C CYS D 253 50.06 14.97 54.51
N THR D 254 49.94 15.23 55.81
CA THR D 254 49.94 14.12 56.77
C THR D 254 48.65 13.32 56.61
N GLY D 255 47.51 13.98 56.44
CA GLY D 255 46.28 13.19 56.23
C GLY D 255 46.38 12.29 55.00
N LEU D 256 46.96 12.77 53.90
CA LEU D 256 47.02 11.95 52.70
C LEU D 256 48.00 10.78 52.83
N THR D 257 49.09 11.04 53.53
CA THR D 257 50.12 10.02 53.74
C THR D 257 49.52 8.92 54.62
N GLN D 258 48.82 9.34 55.66
CA GLN D 258 48.16 8.45 56.62
C GLN D 258 47.05 7.65 55.94
N ILE D 259 46.26 8.29 55.08
CA ILE D 259 45.18 7.55 54.41
C ILE D 259 45.71 6.48 53.48
N GLU D 260 46.78 6.84 52.76
CA GLU D 260 47.44 5.97 51.81
C GLU D 260 48.03 4.75 52.51
N THR D 261 48.58 4.99 53.70
CA THR D 261 49.16 3.91 54.46
C THR D 261 48.06 2.95 54.89
N LEU D 262 46.98 3.51 55.43
CA LEU D 262 45.86 2.69 55.89
C LEU D 262 45.32 1.87 54.73
N PHE D 263 45.26 2.45 53.54
CA PHE D 263 44.80 1.71 52.38
C PHE D 263 45.76 0.60 51.98
N LYS D 264 47.06 0.88 52.04
CA LYS D 264 48.03 -0.15 51.65
C LYS D 264 47.96 -1.32 52.62
N SER D 265 47.55 -1.04 53.85
CA SER D 265 47.46 -2.08 54.87
C SER D 265 46.32 -3.05 54.57
N LYS D 266 45.43 -2.62 53.67
CA LYS D 266 44.31 -3.40 53.20
C LYS D 266 44.53 -3.77 51.73
N ASN D 267 45.74 -3.57 51.23
CA ASN D 267 46.14 -3.90 49.87
C ASN D 267 45.50 -3.03 48.81
N TYR D 268 45.18 -1.78 49.12
CA TYR D 268 44.66 -0.85 48.10
C TYR D 268 45.69 0.25 47.89
N GLU D 269 45.69 0.82 46.68
CA GLU D 269 46.57 1.95 46.46
C GLU D 269 45.84 2.94 45.55
N PHE D 270 46.48 4.11 45.48
CA PHE D 270 45.97 5.16 44.63
C PHE D 270 46.38 4.90 43.18
N MET D 271 45.57 5.37 42.24
CA MET D 271 45.93 5.28 40.85
C MET D 271 46.99 6.34 40.56
N TRP D 272 48.12 5.88 40.05
CA TRP D 272 49.21 6.79 39.78
C TRP D 272 50.17 6.14 38.79
N ASN D 273 50.80 6.97 38.00
CA ASN D 273 51.91 6.52 37.17
C ASN D 273 52.87 7.69 36.99
N PRO D 274 54.12 7.42 36.64
CA PRO D 274 55.08 8.52 36.58
C PRO D 274 54.87 9.54 35.46
N HIS D 275 54.03 9.27 34.48
CA HIS D 275 53.74 10.21 33.42
C HIS D 275 52.62 11.16 33.75
N LEU D 276 51.52 10.58 34.26
CA LEU D 276 50.34 11.35 34.58
C LEU D 276 50.16 11.69 36.04
N GLY D 277 51.02 11.19 36.93
CA GLY D 277 50.80 11.37 38.34
C GLY D 277 49.48 10.74 38.76
N TYR D 278 48.75 11.44 39.61
CA TYR D 278 47.49 10.85 40.10
C TYR D 278 46.42 10.86 39.01
N ILE D 279 45.83 9.70 38.81
CA ILE D 279 44.84 9.49 37.75
C ILE D 279 43.45 9.87 38.26
N LEU D 280 42.75 10.69 37.52
CA LEU D 280 41.40 11.17 37.85
C LEU D 280 40.54 11.15 36.59
N THR D 281 39.24 11.29 36.75
CA THR D 281 38.27 11.20 35.67
C THR D 281 38.51 12.19 34.56
N CYS D 282 38.73 13.46 34.95
CA CYS D 282 38.86 14.49 33.95
C CYS D 282 40.32 14.82 33.65
N PRO D 283 40.74 14.75 32.39
CA PRO D 283 42.12 15.09 32.09
C PRO D 283 42.61 16.41 32.64
N SER D 284 41.72 17.36 32.91
CA SER D 284 42.19 18.64 33.46
C SER D 284 42.74 18.54 34.88
N ASN D 285 42.45 17.43 35.55
CA ASN D 285 42.82 17.29 36.95
C ASN D 285 43.99 16.36 37.21
N LEU D 286 44.66 15.89 36.15
CA LEU D 286 45.76 14.95 36.38
C LEU D 286 46.97 15.55 37.06
N GLY D 287 47.96 14.71 37.37
CA GLY D 287 49.22 15.15 37.95
C GLY D 287 49.11 15.27 39.46
N THR D 288 48.77 16.48 39.90
CA THR D 288 48.54 16.76 41.30
C THR D 288 47.08 16.81 41.64
N GLY D 289 46.22 17.11 40.66
CA GLY D 289 44.81 17.37 40.91
C GLY D 289 44.63 18.46 41.96
N LEU D 290 45.61 19.31 42.22
CA LEU D 290 45.67 20.23 43.32
C LEU D 290 45.22 21.65 43.01
N ARG D 291 44.34 22.14 43.88
CA ARG D 291 43.91 23.51 43.94
C ARG D 291 44.16 24.06 45.37
N ALA D 292 45.17 24.89 45.49
CA ALA D 292 45.62 25.63 46.66
C ALA D 292 45.07 27.04 46.48
N GLY D 293 44.24 27.42 47.44
CA GLY D 293 43.56 28.69 47.33
C GLY D 293 43.33 29.37 48.66
N VAL D 294 43.02 30.64 48.46
CA VAL D 294 42.71 31.60 49.52
C VAL D 294 41.47 32.42 49.11
N HIS D 295 40.69 32.75 50.11
CA HIS D 295 39.56 33.67 49.96
C HIS D 295 40.16 34.99 50.45
N ILE D 296 40.20 36.01 49.63
CA ILE D 296 40.97 37.19 50.00
C ILE D 296 40.29 38.49 49.62
N LYS D 297 40.37 39.49 50.49
CA LYS D 297 39.75 40.78 50.22
C LYS D 297 40.72 41.67 49.44
N LEU D 298 40.47 41.90 48.16
CA LEU D 298 41.37 42.74 47.36
C LEU D 298 40.47 43.73 46.63
N PRO D 299 39.77 44.60 47.34
CA PRO D 299 38.84 45.53 46.68
C PRO D 299 39.54 46.45 45.70
N ASN D 300 40.73 46.90 46.09
CA ASN D 300 41.43 47.84 45.21
C ASN D 300 41.95 47.12 43.99
N LEU D 301 42.73 46.08 44.25
CA LEU D 301 43.30 45.30 43.16
C LEU D 301 42.22 44.77 42.22
N GLY D 302 41.10 44.35 42.80
CA GLY D 302 40.03 43.80 41.97
C GLY D 302 39.61 44.75 40.88
N LYS D 303 39.73 46.06 41.10
CA LYS D 303 39.20 46.94 40.03
C LYS D 303 40.31 47.44 39.14
N HIS D 304 41.52 47.03 39.50
CA HIS D 304 42.72 47.49 38.82
C HIS D 304 42.86 46.86 37.43
N GLU D 305 43.11 47.71 36.46
CA GLU D 305 43.24 47.31 35.07
C GLU D 305 44.19 46.14 34.89
N LYS D 306 45.19 46.00 35.75
CA LYS D 306 46.23 44.99 35.63
C LYS D 306 46.07 43.78 36.50
N PHE D 307 44.97 43.62 37.22
CA PHE D 307 44.83 42.45 38.09
C PHE D 307 45.00 41.15 37.32
N GLY D 308 44.31 41.08 36.19
CA GLY D 308 44.31 39.94 35.31
C GLY D 308 45.71 39.55 34.91
N GLU D 309 46.50 40.54 34.48
CA GLU D 309 47.85 40.15 34.04
C GLU D 309 48.72 39.73 35.21
N VAL D 310 48.57 40.40 36.36
CA VAL D 310 49.37 40.01 37.51
C VAL D 310 49.08 38.54 37.85
N LEU D 311 47.79 38.17 37.78
CA LEU D 311 47.45 36.78 38.09
C LEU D 311 48.13 35.79 37.15
N LYS D 312 48.17 36.19 35.88
CA LYS D 312 48.78 35.33 34.88
C LYS D 312 50.27 35.08 35.04
N ARG D 313 50.96 36.18 35.34
CA ARG D 313 52.37 36.11 35.63
C ARG D 313 52.63 35.17 36.79
N LEU D 314 51.69 35.22 37.75
CA LEU D 314 51.91 34.46 38.98
C LEU D 314 51.45 33.01 38.86
N ARG D 315 50.91 32.66 37.72
CA ARG D 315 50.28 31.38 37.37
C ARG D 315 49.10 31.10 38.29
N LEU D 316 48.35 32.17 38.59
CA LEU D 316 47.19 32.05 39.45
C LEU D 316 45.92 32.36 38.68
N GLN D 317 44.81 32.06 39.32
CA GLN D 317 43.50 32.30 38.72
C GLN D 317 42.57 32.85 39.77
N LYS D 318 41.55 33.57 39.32
CA LYS D 318 40.53 34.06 40.26
C LYS D 318 39.20 33.48 39.83
N ARG D 319 38.30 33.42 40.80
CA ARG D 319 36.98 32.83 40.50
C ARG D 319 35.84 33.64 41.07
N GLY D 320 36.05 34.72 41.85
CA GLY D 320 34.95 35.53 42.26
C GLY D 320 34.09 35.17 43.43
N THR D 321 34.54 34.38 44.41
CA THR D 321 33.63 34.16 45.53
C THR D 321 34.31 34.43 46.86
N GLY D 322 33.58 35.07 47.79
CA GLY D 322 34.21 35.32 49.07
C GLY D 322 33.47 36.30 49.96
N GLY D 323 33.91 36.30 51.21
CA GLY D 323 33.44 37.05 52.35
C GLY D 323 33.36 36.11 53.54
N VAL D 324 32.17 35.56 53.78
CA VAL D 324 31.95 34.58 54.83
C VAL D 324 31.20 33.37 54.26
N ASP D 325 29.88 33.49 54.21
CA ASP D 325 28.98 32.42 53.81
C ASP D 325 28.23 32.64 52.49
N THR D 326 28.67 31.94 51.47
CA THR D 326 28.14 31.77 50.14
C THR D 326 27.89 33.04 49.34
N ALA D 327 27.56 34.15 49.99
CA ALA D 327 27.28 35.40 49.30
C ALA D 327 28.35 35.74 48.28
N ALA D 328 28.10 36.76 47.47
CA ALA D 328 29.12 37.15 46.49
C ALA D 328 29.45 38.62 46.69
N VAL D 329 30.15 38.90 47.80
CA VAL D 329 30.46 40.29 48.09
C VAL D 329 31.71 40.76 47.32
N GLY D 330 31.63 42.04 46.96
CA GLY D 330 32.68 42.74 46.25
C GLY D 330 33.98 42.81 47.02
N GLY D 331 35.11 42.78 46.31
CA GLY D 331 36.38 42.83 46.99
C GLY D 331 36.85 41.46 47.45
N VAL D 332 35.98 40.45 47.51
CA VAL D 332 36.54 39.16 47.97
C VAL D 332 36.67 38.14 46.85
N PHE D 333 37.90 37.61 46.70
CA PHE D 333 38.13 36.67 45.62
C PHE D 333 38.65 35.32 46.12
N ASP D 334 38.46 34.34 45.24
CA ASP D 334 38.91 32.99 45.44
C ASP D 334 40.07 32.77 44.44
N VAL D 335 41.30 32.89 44.92
CA VAL D 335 42.54 32.87 44.17
C VAL D 335 43.31 31.59 44.44
N SER D 336 43.70 30.90 43.37
CA SER D 336 44.35 29.60 43.42
C SER D 336 45.34 29.42 42.26
N ASN D 337 46.14 28.39 42.35
CA ASN D 337 47.02 27.99 41.27
C ASN D 337 46.26 27.44 40.07
N ALA D 338 46.70 27.81 38.87
CA ALA D 338 46.14 27.36 37.62
C ALA D 338 46.69 26.03 37.14
N ASP D 339 47.95 25.72 37.48
CA ASP D 339 48.58 24.47 37.05
C ASP D 339 48.18 23.27 37.89
N ARG D 340 48.23 22.11 37.27
CA ARG D 340 47.99 20.81 37.84
C ARG D 340 49.05 19.76 37.54
N LEU D 341 49.55 19.71 36.32
CA LEU D 341 50.41 18.65 35.78
C LEU D 341 51.73 19.23 35.31
N GLY D 342 52.82 18.58 35.72
CA GLY D 342 54.16 19.09 35.40
C GLY D 342 54.72 19.92 36.53
N PHE D 343 53.99 20.06 37.64
CA PHE D 343 54.48 20.80 38.80
C PHE D 343 54.16 19.98 40.05
N SER D 344 54.98 19.97 41.08
CA SER D 344 54.65 19.17 42.25
C SER D 344 53.69 19.91 43.18
N GLU D 345 53.11 19.22 44.15
CA GLU D 345 52.20 19.84 45.12
C GLU D 345 52.90 20.99 45.81
N VAL D 346 54.12 20.75 46.28
CA VAL D 346 54.89 21.81 46.95
C VAL D 346 55.12 23.00 46.03
N GLU D 347 55.48 22.73 44.77
CA GLU D 347 55.76 23.84 43.87
C GLU D 347 54.49 24.65 43.62
N LEU D 348 53.36 23.97 43.52
CA LEU D 348 52.10 24.69 43.36
C LEU D 348 51.76 25.50 44.59
N VAL D 349 51.89 24.91 45.80
CA VAL D 349 51.48 25.69 46.99
C VAL D 349 52.46 26.85 47.20
N GLN D 350 53.74 26.59 46.88
CA GLN D 350 54.69 27.71 46.99
C GLN D 350 54.28 28.84 46.06
N MET D 351 53.83 28.56 44.84
CA MET D 351 53.41 29.65 43.96
C MET D 351 52.20 30.41 44.50
N VAL D 352 51.27 29.74 45.16
CA VAL D 352 50.13 30.44 45.77
C VAL D 352 50.62 31.31 46.93
N VAL D 353 51.40 30.74 47.84
CA VAL D 353 51.93 31.51 48.98
C VAL D 353 52.70 32.72 48.47
N ASP D 354 53.56 32.52 47.46
CA ASP D 354 54.35 33.65 46.98
C ASP D 354 53.53 34.68 46.22
N GLY D 355 52.65 34.24 45.31
CA GLY D 355 51.87 35.27 44.61
C GLY D 355 50.88 36.01 45.48
N VAL D 356 50.29 35.35 46.49
CA VAL D 356 49.34 36.03 47.33
C VAL D 356 50.04 37.06 48.21
N LYS D 357 51.28 36.75 48.66
CA LYS D 357 51.97 37.79 49.42
C LYS D 357 52.16 39.03 48.54
N LEU D 358 52.49 38.87 47.28
CA LEU D 358 52.65 40.01 46.40
C LEU D 358 51.32 40.71 46.18
N LEU D 359 50.24 39.93 45.99
CA LEU D 359 48.95 40.62 45.84
C LEU D 359 48.64 41.44 47.08
N ILE D 360 49.01 40.95 48.27
CA ILE D 360 48.70 41.77 49.44
C ILE D 360 49.51 43.05 49.45
N GLU D 361 50.74 42.97 49.00
CA GLU D 361 51.59 44.17 48.89
C GLU D 361 51.00 45.22 47.94
N MET D 362 50.49 44.72 46.82
CA MET D 362 49.88 45.60 45.82
C MET D 362 48.63 46.25 46.40
N GLU D 363 47.79 45.40 47.01
CA GLU D 363 46.57 45.96 47.65
C GLU D 363 46.96 47.06 48.64
N LYS D 364 47.98 46.84 49.48
CA LYS D 364 48.40 47.87 50.42
C LYS D 364 48.82 49.16 49.74
N ARG D 365 49.52 49.05 48.62
CA ARG D 365 49.91 50.27 47.91
C ARG D 365 48.70 51.07 47.46
N LEU D 366 47.75 50.33 46.88
CA LEU D 366 46.57 50.94 46.29
C LEU D 366 45.70 51.62 47.33
N GLU D 367 45.65 50.99 48.53
CA GLU D 367 44.89 51.62 49.60
C GLU D 367 45.35 53.05 49.86
N LYS D 368 46.66 53.26 49.65
CA LYS D 368 47.32 54.52 49.93
C LYS D 368 47.40 55.44 48.72
N GLY D 369 46.75 55.05 47.63
CA GLY D 369 46.77 55.78 46.37
C GLY D 369 48.11 55.63 45.68
N GLN D 370 48.91 54.63 46.03
CA GLN D 370 50.26 54.51 45.47
C GLN D 370 50.33 53.55 44.28
N SER D 371 51.28 53.83 43.39
CA SER D 371 51.53 53.05 42.18
C SER D 371 52.06 51.64 42.43
N ILE D 372 51.59 50.65 41.67
CA ILE D 372 52.01 49.27 41.80
C ILE D 372 52.78 48.77 40.57
N ASP D 373 52.94 49.63 39.56
CA ASP D 373 53.61 49.17 38.35
C ASP D 373 55.01 48.60 38.64
N ASP D 374 55.68 49.05 39.70
CA ASP D 374 57.01 48.55 40.02
C ASP D 374 56.94 47.20 40.75
N LEU D 375 55.73 46.75 41.01
CA LEU D 375 55.58 45.44 41.64
C LEU D 375 55.18 44.38 40.64
N MET D 376 54.96 44.80 39.39
CA MET D 376 54.58 43.86 38.33
C MET D 376 55.63 42.75 38.30
N PRO D 377 55.22 41.51 38.53
CA PRO D 377 56.16 40.41 38.56
C PRO D 377 56.51 39.83 37.19
N ALA D 378 57.71 39.26 37.06
CA ALA D 378 57.96 38.60 35.80
C ALA D 378 57.09 37.34 35.68
N GLN D 379 56.88 36.90 34.45
CA GLN D 379 56.13 35.69 34.15
C GLN D 379 56.77 34.44 34.75
N LYS D 380 56.05 33.66 35.55
CA LYS D 380 56.62 32.45 36.07
C LYS D 380 56.42 31.29 35.11
C ACT E . -37.40 -14.43 -28.63
O ACT E . -38.10 -15.17 -27.92
OXT ACT E . -36.17 -14.59 -28.71
CH3 ACT E . -38.01 -13.33 -29.45
C ACT F . -18.03 -26.54 -58.54
O ACT F . -17.95 -26.69 -57.30
OXT ACT F . -17.29 -27.10 -59.36
CH3 ACT F . -19.08 -25.58 -59.05
C ACT G . -6.05 -12.28 -35.64
O ACT G . -5.39 -12.12 -36.69
OXT ACT G . -7.25 -12.62 -35.64
CH3 ACT G . -5.33 -12.06 -34.32
C ACT H . 6.44 8.29 33.55
O ACT H . 5.95 7.33 34.19
OXT ACT H . 7.63 8.63 33.75
CH3 ACT H . 5.63 8.99 32.50
C ACT I . -6.54 24.21 11.32
O ACT I . -7.48 23.58 10.78
OXT ACT I . -6.55 24.53 12.52
CH3 ACT I . -5.35 24.59 10.47
CA CA J . 41.47 -1.00 15.66
C ACT K . 36.27 20.73 31.90
O ACT K . 35.26 20.04 31.66
OXT ACT K . 37.14 20.93 31.03
CH3 ACT K . 36.47 21.33 33.27
#